data_6U8K
#
_entry.id   6U8K
#
_cell.length_a   173.289
_cell.length_b   173.289
_cell.length_c   140.490
_cell.angle_alpha   90.000
_cell.angle_beta   90.000
_cell.angle_gamma   90.000
#
_symmetry.space_group_name_H-M   'P 43'
#
loop_
_entity.id
_entity.type
_entity.pdbx_description
1 polymer 'JIIIabc RNA (68-MER)'
2 polymer 'Heavy chain of Fab HCV3'
3 polymer 'Light chain of Fab HCV3'
4 water water
#
loop_
_entity_poly.entity_id
_entity_poly.type
_entity_poly.pdbx_seq_one_letter_code
_entity_poly.pdbx_strand_id
1 'polyribonucleotide' GGGUCUCGCGGAACCGGUGAGUACACCGGAAUCCAGGAAACUGGAUUUGGGCGUGCCCCCGCGAGACC A,B,C
2 'polypeptide(L)'
;EISEVQLVESGGGLVQPGGSLRLSCAASGFYISYSSIHWVRQAPGKGLEWVASISPSSGSTYYADSVKGRFTISADTSKN
TAYLQMNSLRAEDTAVYYCARSRYSRYRRGFDYWGQGTLVTVSSASTKGPSVFPLAPSSKSTSGGTAALGCLVKDYFPEP
VTVSWNSGALTSGVHTFPAVLQSSGLYSLSSVVTVPSSSLGTQTYICNVNHKPSNTKVDKKVEPKSCDKTHT
;
D,F,H
3 'polypeptide(L)'
;SDIQMTQSPSSLSASVGDRVTITCRASQSVSSAVAWYQQKPGKAPKLLIYSASSLYSGVPSRFSGSRSGTDFTLTISSLQ
PEDFATYYCQQYSSSPYTFGQGTKVEIKRTVAAPSVFIFPPSDEQLKSGTASVVCLLNNFYPREAKVQWKVDNALQSGNS
QESVTEQDSKDSTYSLSSTLTLSKADYEKHKVYACEVTHQGLSSPVTKSFNRGEC
;
E,G,L
#
# COMPACT_ATOMS: atom_id res chain seq x y z
N GLU D 4 -2.93 -33.98 7.62
CA GLU D 4 -3.80 -33.15 6.80
C GLU D 4 -3.05 -32.64 5.55
N VAL D 5 -3.11 -31.32 5.31
CA VAL D 5 -2.60 -30.66 4.12
C VAL D 5 -1.19 -30.20 4.38
N GLN D 6 -0.37 -30.18 3.32
CA GLN D 6 1.02 -29.79 3.40
C GLN D 6 1.37 -28.94 2.19
N LEU D 7 2.28 -27.97 2.39
CA LEU D 7 2.87 -27.20 1.32
C LEU D 7 4.37 -27.20 1.55
N VAL D 8 5.15 -27.44 0.48
CA VAL D 8 6.59 -27.46 0.60
C VAL D 8 7.18 -26.65 -0.53
N GLU D 9 7.77 -25.49 -0.18
CA GLU D 9 8.49 -24.68 -1.15
C GLU D 9 9.87 -25.25 -1.45
N SER D 10 10.36 -24.92 -2.63
CA SER D 10 11.69 -25.33 -3.05
C SER D 10 12.05 -24.44 -4.23
N GLY D 11 13.34 -24.43 -4.56
CA GLY D 11 13.83 -23.63 -5.66
C GLY D 11 14.56 -22.38 -5.23
N GLY D 12 14.63 -22.09 -3.93
CA GLY D 12 15.31 -20.90 -3.48
C GLY D 12 16.82 -21.02 -3.51
N GLY D 13 17.48 -19.87 -3.54
CA GLY D 13 18.93 -19.83 -3.50
C GLY D 13 19.49 -18.46 -3.86
N LEU D 14 20.69 -18.49 -4.44
CA LEU D 14 21.43 -17.30 -4.81
C LEU D 14 21.27 -16.99 -6.30
N VAL D 15 21.02 -15.72 -6.62
CA VAL D 15 20.80 -15.25 -7.98
C VAL D 15 21.55 -13.94 -8.15
N GLN D 16 22.14 -13.75 -9.30
CA GLN D 16 22.72 -12.43 -9.49
C GLN D 16 21.61 -11.41 -9.81
N PRO D 17 21.83 -10.14 -9.48
CA PRO D 17 20.88 -9.11 -9.89
C PRO D 17 20.56 -9.25 -11.37
N GLY D 18 19.29 -9.04 -11.71
CA GLY D 18 18.79 -9.19 -13.06
C GLY D 18 18.45 -10.61 -13.44
N GLY D 19 18.90 -11.59 -12.67
CA GLY D 19 18.70 -12.97 -13.02
C GLY D 19 17.27 -13.46 -12.81
N SER D 20 17.04 -14.69 -13.25
CA SER D 20 15.78 -15.38 -13.11
C SER D 20 15.91 -16.48 -12.06
N LEU D 21 14.75 -16.90 -11.57
CA LEU D 21 14.62 -17.95 -10.56
C LEU D 21 13.20 -18.48 -10.62
N ARG D 22 13.04 -19.78 -10.37
CA ARG D 22 11.74 -20.41 -10.42
C ARG D 22 11.50 -21.15 -9.11
N LEU D 23 10.54 -20.66 -8.32
CA LEU D 23 10.14 -21.33 -7.10
C LEU D 23 9.05 -22.34 -7.42
N SER D 24 8.96 -23.37 -6.59
CA SER D 24 7.93 -24.38 -6.72
C SER D 24 7.30 -24.60 -5.35
N CYS D 25 5.99 -24.91 -5.36
CA CYS D 25 5.25 -25.20 -4.14
C CYS D 25 4.53 -26.52 -4.30
N ALA D 26 4.97 -27.53 -3.57
CA ALA D 26 4.45 -28.88 -3.73
C ALA D 26 3.36 -29.10 -2.69
N ALA D 27 2.16 -29.41 -3.18
CA ALA D 27 0.98 -29.53 -2.34
C ALA D 27 0.59 -30.99 -2.17
N SER D 28 0.23 -31.36 -0.95
CA SER D 28 -0.35 -32.68 -0.70
C SER D 28 -1.40 -32.56 0.39
N GLY D 29 -2.35 -33.50 0.38
CA GLY D 29 -3.46 -33.48 1.30
C GLY D 29 -4.72 -32.81 0.79
N PHE D 30 -4.65 -32.18 -0.39
CA PHE D 30 -5.77 -31.47 -0.99
C PHE D 30 -5.44 -31.23 -2.45
N TYR D 31 -6.49 -31.04 -3.25
CA TYR D 31 -6.32 -30.74 -4.67
C TYR D 31 -6.28 -29.23 -4.85
N ILE D 32 -5.20 -28.72 -5.44
CA ILE D 32 -5.09 -27.27 -5.56
C ILE D 32 -6.14 -26.71 -6.50
N SER D 33 -6.72 -27.53 -7.38
CA SER D 33 -7.76 -27.04 -8.27
C SER D 33 -8.98 -26.57 -7.50
N TYR D 34 -9.13 -26.94 -6.23
CA TYR D 34 -10.25 -26.48 -5.44
C TYR D 34 -9.82 -25.46 -4.37
N SER D 35 -8.68 -24.81 -4.56
CA SER D 35 -8.19 -23.84 -3.59
C SER D 35 -7.55 -22.70 -4.37
N SER D 36 -6.92 -21.81 -3.62
CA SER D 36 -6.08 -20.76 -4.17
C SER D 36 -4.71 -20.86 -3.51
N ILE D 37 -3.66 -20.68 -4.31
CA ILE D 37 -2.28 -20.77 -3.84
C ILE D 37 -1.67 -19.38 -3.96
N HIS D 38 -1.07 -18.91 -2.88
CA HIS D 38 -0.49 -17.58 -2.77
C HIS D 38 0.99 -17.70 -2.46
N TRP D 39 1.76 -16.73 -2.93
CA TRP D 39 3.12 -16.51 -2.45
C TRP D 39 3.17 -15.27 -1.58
N VAL D 40 3.81 -15.39 -0.43
CA VAL D 40 4.04 -14.28 0.48
C VAL D 40 5.51 -14.30 0.82
N ARG D 41 6.17 -13.16 0.74
CA ARG D 41 7.58 -13.08 1.01
C ARG D 41 7.85 -12.20 2.22
N GLN D 42 8.97 -12.48 2.90
CA GLN D 42 9.41 -11.75 4.08
C GLN D 42 10.88 -11.32 3.91
N ALA D 43 11.11 -10.06 3.58
CA ALA D 43 12.47 -9.55 3.56
C ALA D 43 13.09 -9.70 4.96
N PRO D 44 14.39 -9.92 5.04
CA PRO D 44 15.01 -10.27 6.34
C PRO D 44 14.85 -9.17 7.37
N GLY D 45 14.26 -9.54 8.51
CA GLY D 45 14.00 -8.61 9.59
C GLY D 45 12.76 -7.75 9.44
N LYS D 46 12.00 -7.93 8.38
CA LYS D 46 10.83 -7.11 8.07
C LYS D 46 9.58 -8.01 8.09
N GLY D 47 8.45 -7.47 7.65
CA GLY D 47 7.16 -8.15 7.77
C GLY D 47 6.77 -9.00 6.58
N LEU D 48 5.46 -9.26 6.50
CA LEU D 48 4.90 -10.10 5.44
C LEU D 48 4.34 -9.27 4.30
N GLU D 49 4.65 -9.67 3.06
CA GLU D 49 4.13 -8.97 1.88
C GLU D 49 3.62 -9.98 0.86
N TRP D 50 2.31 -10.00 0.62
CA TRP D 50 1.74 -10.86 -0.40
C TRP D 50 2.21 -10.42 -1.79
N VAL D 51 2.56 -11.40 -2.64
CA VAL D 51 3.03 -11.06 -3.99
C VAL D 51 2.16 -11.60 -5.12
N ALA D 52 1.52 -12.73 -4.93
CA ALA D 52 0.80 -13.31 -6.06
C ALA D 52 -0.16 -14.37 -5.57
N SER D 53 -1.23 -14.59 -6.34
CA SER D 53 -2.16 -15.66 -6.03
C SER D 53 -2.63 -16.30 -7.34
N ILE D 54 -3.03 -17.56 -7.24
CA ILE D 54 -3.56 -18.29 -8.39
C ILE D 54 -4.70 -19.18 -7.92
N SER D 55 -5.76 -19.26 -8.71
CA SER D 55 -6.90 -20.11 -8.38
C SER D 55 -7.07 -21.10 -9.53
N PRO D 56 -6.54 -22.32 -9.39
CA PRO D 56 -6.36 -23.20 -10.56
C PRO D 56 -7.62 -23.56 -11.33
N SER D 57 -8.78 -23.78 -10.70
CA SER D 57 -9.94 -24.14 -11.52
C SER D 57 -10.62 -22.93 -12.11
N SER D 58 -9.90 -21.80 -12.15
CA SER D 58 -10.29 -20.61 -12.89
C SER D 58 -9.19 -20.08 -13.78
N GLY D 59 -7.94 -20.54 -13.60
CA GLY D 59 -6.78 -19.91 -14.19
C GLY D 59 -6.40 -18.57 -13.60
N SER D 60 -7.28 -17.97 -12.78
CA SER D 60 -7.17 -16.59 -12.32
C SER D 60 -5.88 -16.35 -11.55
N THR D 61 -5.17 -15.28 -11.91
CA THR D 61 -3.94 -14.86 -11.25
C THR D 61 -3.99 -13.39 -10.89
N TYR D 62 -3.39 -13.04 -9.75
CA TYR D 62 -3.28 -11.65 -9.29
C TYR D 62 -1.88 -11.41 -8.75
N TYR D 63 -1.40 -10.18 -8.87
CA TYR D 63 -0.04 -9.84 -8.51
C TYR D 63 -0.04 -8.52 -7.77
N ALA D 64 0.89 -8.40 -6.82
CA ALA D 64 1.12 -7.14 -6.15
C ALA D 64 1.87 -6.21 -7.09
N ASP D 65 1.66 -4.90 -6.92
CA ASP D 65 2.27 -3.95 -7.83
C ASP D 65 3.78 -4.05 -7.84
N SER D 66 4.39 -4.40 -6.71
CA SER D 66 5.84 -4.41 -6.63
C SER D 66 6.47 -5.50 -7.48
N VAL D 67 5.71 -6.51 -7.89
CA VAL D 67 6.26 -7.59 -8.70
C VAL D 67 5.62 -7.68 -10.08
N LYS D 68 4.63 -6.83 -10.39
CA LYS D 68 3.91 -6.88 -11.67
C LYS D 68 4.86 -6.95 -12.85
N GLY D 69 4.65 -7.93 -13.72
CA GLY D 69 5.41 -8.00 -14.95
C GLY D 69 6.71 -8.78 -14.85
N ARG D 70 7.38 -8.71 -13.71
CA ARG D 70 8.60 -9.49 -13.52
C ARG D 70 8.31 -10.90 -13.01
N PHE D 71 7.28 -11.07 -12.19
CA PHE D 71 6.95 -12.37 -11.61
C PHE D 71 5.68 -12.89 -12.26
N THR D 72 5.66 -14.18 -12.56
CA THR D 72 4.45 -14.85 -13.00
C THR D 72 4.25 -16.13 -12.20
N ILE D 73 3.05 -16.29 -11.66
CA ILE D 73 2.65 -17.44 -10.85
C ILE D 73 1.86 -18.40 -11.74
N SER D 74 2.02 -19.69 -11.51
CA SER D 74 1.43 -20.69 -12.40
C SER D 74 1.17 -21.96 -11.61
N ALA D 75 0.49 -22.91 -12.24
CA ALA D 75 0.20 -24.16 -11.55
C ALA D 75 0.12 -25.32 -12.55
N ASP D 76 0.49 -26.48 -12.05
CA ASP D 76 0.36 -27.75 -12.73
C ASP D 76 -0.55 -28.59 -11.84
N THR D 77 -1.82 -28.66 -12.24
CA THR D 77 -2.84 -29.39 -11.50
C THR D 77 -2.54 -30.89 -11.43
N SER D 78 -1.95 -31.45 -12.49
CA SER D 78 -1.60 -32.86 -12.48
C SER D 78 -0.54 -33.17 -11.43
N LYS D 79 0.48 -32.31 -11.32
CA LYS D 79 1.52 -32.46 -10.31
C LYS D 79 1.11 -31.87 -8.96
N ASN D 80 -0.02 -31.17 -8.90
CA ASN D 80 -0.55 -30.60 -7.65
C ASN D 80 0.45 -29.65 -7.02
N THR D 81 1.15 -28.90 -7.87
CA THR D 81 2.11 -27.90 -7.40
C THR D 81 1.89 -26.59 -8.14
N ALA D 82 2.28 -25.50 -7.48
CA ALA D 82 2.24 -24.16 -8.02
C ALA D 82 3.67 -23.63 -8.14
N TYR D 83 3.83 -22.59 -8.92
CA TYR D 83 5.14 -22.08 -9.27
C TYR D 83 5.12 -20.57 -9.22
N LEU D 84 6.27 -19.99 -8.87
CA LEU D 84 6.52 -18.56 -9.01
C LEU D 84 7.78 -18.42 -9.86
N GLN D 85 7.66 -17.78 -11.00
CA GLN D 85 8.76 -17.52 -11.92
C GLN D 85 9.20 -16.08 -11.74
N MET D 86 10.42 -15.88 -11.26
CA MET D 86 10.90 -14.54 -10.94
C MET D 86 11.94 -14.11 -11.97
N ASN D 87 11.63 -13.07 -12.73
CA ASN D 87 12.55 -12.47 -13.68
C ASN D 87 13.00 -11.10 -13.19
N SER D 88 14.10 -10.64 -13.77
CA SER D 88 14.63 -9.30 -13.52
C SER D 88 14.80 -9.03 -12.02
N LEU D 89 15.32 -10.02 -11.31
CA LEU D 89 15.40 -9.94 -9.85
C LEU D 89 16.27 -8.78 -9.41
N ARG D 90 15.97 -8.29 -8.21
CA ARG D 90 16.64 -7.13 -7.65
C ARG D 90 16.98 -7.43 -6.20
N ALA D 91 17.83 -6.58 -5.62
CA ALA D 91 18.26 -6.80 -4.25
C ALA D 91 17.09 -6.74 -3.28
N GLU D 92 16.12 -5.85 -3.54
CA GLU D 92 14.94 -5.72 -2.69
C GLU D 92 14.06 -6.96 -2.73
N ASP D 93 14.25 -7.84 -3.71
CA ASP D 93 13.52 -9.10 -3.79
C ASP D 93 14.09 -10.16 -2.87
N THR D 94 15.24 -9.91 -2.22
CA THR D 94 15.79 -10.85 -1.26
C THR D 94 14.80 -11.06 -0.11
N ALA D 95 14.43 -12.32 0.14
CA ALA D 95 13.41 -12.61 1.14
C ALA D 95 13.24 -14.12 1.29
N VAL D 96 12.57 -14.53 2.35
CA VAL D 96 11.99 -15.87 2.44
C VAL D 96 10.64 -15.82 1.74
N TYR D 97 10.42 -16.75 0.81
CA TYR D 97 9.19 -16.83 0.03
C TYR D 97 8.35 -17.97 0.57
N TYR D 98 7.19 -17.63 1.09
CA TYR D 98 6.25 -18.62 1.59
C TYR D 98 5.20 -18.93 0.53
N CYS D 99 4.67 -20.14 0.63
CA CYS D 99 3.60 -20.62 -0.23
C CYS D 99 2.45 -20.81 0.74
N ALA D 100 1.25 -20.37 0.38
CA ALA D 100 0.15 -20.47 1.33
C ALA D 100 -1.17 -20.67 0.60
N ARG D 101 -2.05 -21.41 1.24
CA ARG D 101 -3.32 -21.81 0.66
C ARG D 101 -4.45 -20.98 1.25
N SER D 102 -5.42 -20.64 0.39
CA SER D 102 -6.70 -20.14 0.87
C SER D 102 -7.80 -20.75 0.04
N ARG D 103 -8.99 -20.81 0.62
CA ARG D 103 -10.22 -21.15 -0.09
C ARG D 103 -11.19 -19.99 0.07
N TYR D 104 -12.11 -19.84 -0.88
CA TYR D 104 -13.04 -18.71 -0.81
C TYR D 104 -14.49 -19.17 -0.89
N SER D 105 -14.74 -20.20 -1.69
CA SER D 105 -16.12 -20.57 -1.97
C SER D 105 -16.70 -21.47 -0.89
N ARG D 106 -15.91 -22.43 -0.43
CA ARG D 106 -16.40 -23.38 0.55
C ARG D 106 -16.12 -22.98 2.00
N TYR D 107 -14.87 -22.70 2.37
CA TYR D 107 -14.54 -22.42 3.76
C TYR D 107 -14.11 -20.99 4.07
N ARG D 108 -13.22 -20.39 3.28
CA ARG D 108 -12.85 -18.99 3.49
C ARG D 108 -12.20 -18.76 4.87
N ARG D 109 -10.93 -19.16 5.03
CA ARG D 109 -10.25 -19.12 6.32
C ARG D 109 -9.01 -18.23 6.32
N GLY D 110 -8.90 -17.29 5.40
CA GLY D 110 -7.63 -16.59 5.25
C GLY D 110 -6.56 -17.49 4.68
N PHE D 111 -5.33 -17.31 5.13
CA PHE D 111 -4.22 -18.17 4.71
C PHE D 111 -4.06 -19.24 5.78
N ASP D 112 -4.80 -20.34 5.63
CA ASP D 112 -4.92 -21.32 6.70
C ASP D 112 -3.76 -22.29 6.78
N TYR D 113 -2.94 -22.38 5.75
CA TYR D 113 -1.73 -23.20 5.83
C TYR D 113 -0.63 -22.54 5.03
N TRP D 114 0.58 -22.54 5.61
CA TRP D 114 1.78 -21.97 5.02
C TRP D 114 2.85 -23.03 4.91
N GLY D 115 3.66 -22.94 3.87
CA GLY D 115 4.87 -23.73 3.82
C GLY D 115 5.90 -23.15 4.77
N GLN D 116 7.05 -23.81 4.84
CA GLN D 116 8.10 -23.34 5.73
C GLN D 116 9.04 -22.36 5.05
N GLY D 117 8.79 -22.05 3.78
CA GLY D 117 9.48 -20.96 3.12
C GLY D 117 10.81 -21.37 2.54
N THR D 118 11.18 -20.78 1.41
CA THR D 118 12.48 -20.99 0.77
C THR D 118 13.13 -19.62 0.58
N LEU D 119 14.43 -19.54 0.88
CA LEU D 119 15.14 -18.26 0.90
C LEU D 119 15.73 -17.93 -0.47
N VAL D 120 15.46 -16.72 -0.96
CA VAL D 120 15.98 -16.23 -2.23
C VAL D 120 16.91 -15.07 -1.92
N THR D 121 18.17 -15.19 -2.33
CA THR D 121 19.18 -14.16 -2.13
C THR D 121 19.62 -13.58 -3.45
N VAL D 122 19.49 -12.29 -3.60
CA VAL D 122 19.90 -11.59 -4.80
C VAL D 122 21.18 -10.85 -4.44
N SER D 123 22.29 -11.28 -5.05
CA SER D 123 23.62 -10.81 -4.70
C SER D 123 24.57 -11.17 -5.83
N SER D 124 25.60 -10.35 -6.00
CA SER D 124 26.67 -10.62 -6.94
C SER D 124 27.84 -11.37 -6.32
N ALA D 125 27.78 -11.63 -5.01
CA ALA D 125 28.75 -12.49 -4.34
C ALA D 125 28.61 -13.94 -4.80
N SER D 126 29.68 -14.71 -4.62
CA SER D 126 29.69 -16.10 -5.04
C SER D 126 29.40 -17.03 -3.86
N THR D 127 28.93 -18.22 -4.19
CA THR D 127 28.67 -19.22 -3.18
C THR D 127 29.99 -19.69 -2.58
N LYS D 128 30.01 -19.84 -1.28
CA LYS D 128 31.17 -20.44 -0.62
C LYS D 128 30.65 -21.28 0.54
N GLY D 129 31.15 -22.51 0.63
CA GLY D 129 30.72 -23.44 1.64
C GLY D 129 31.55 -23.24 2.90
N PRO D 130 30.99 -23.58 4.04
CA PRO D 130 31.64 -23.28 5.32
C PRO D 130 32.80 -24.21 5.62
N SER D 131 33.64 -23.74 6.54
CA SER D 131 34.53 -24.59 7.30
C SER D 131 33.94 -24.73 8.69
N VAL D 132 33.93 -25.96 9.19
CA VAL D 132 33.36 -26.28 10.50
C VAL D 132 34.50 -26.56 11.45
N PHE D 133 34.64 -25.72 12.48
CA PHE D 133 35.67 -25.94 13.49
C PHE D 133 35.03 -26.27 14.85
N PRO D 134 35.69 -27.10 15.64
CA PRO D 134 35.16 -27.45 16.97
C PRO D 134 35.40 -26.36 18.00
N LEU D 135 34.49 -26.32 18.97
CA LEU D 135 34.59 -25.43 20.13
C LEU D 135 34.82 -26.34 21.31
N ALA D 136 36.08 -26.59 21.62
CA ALA D 136 36.44 -27.64 22.56
C ALA D 136 36.24 -27.19 24.00
N PRO D 137 35.65 -28.05 24.83
CA PRO D 137 35.49 -27.75 26.27
C PRO D 137 36.81 -27.57 27.00
N SER D 138 36.95 -26.41 27.65
CA SER D 138 38.10 -26.08 28.50
C SER D 138 38.24 -27.09 29.64
N SER D 139 39.50 -27.40 29.98
CA SER D 139 39.80 -28.34 31.06
C SER D 139 39.55 -27.78 32.47
N LYS D 140 39.47 -26.47 32.65
CA LYS D 140 39.07 -25.93 33.96
C LYS D 140 37.56 -26.11 34.16
N SER D 141 37.15 -26.19 35.43
CA SER D 141 35.75 -26.45 35.74
C SER D 141 34.92 -25.22 35.36
N THR D 142 33.89 -25.44 34.54
CA THR D 142 33.07 -24.38 33.96
C THR D 142 31.71 -24.34 34.66
N SER D 143 31.67 -23.74 35.84
CA SER D 143 30.46 -23.70 36.68
C SER D 143 30.03 -25.13 37.05
N GLY D 144 30.93 -25.81 37.76
CA GLY D 144 30.62 -27.08 38.41
C GLY D 144 30.32 -28.25 37.50
N GLY D 145 29.05 -28.64 37.47
CA GLY D 145 28.54 -29.83 36.80
C GLY D 145 28.10 -29.73 35.35
N THR D 146 28.16 -28.57 34.71
CA THR D 146 27.84 -28.48 33.30
C THR D 146 29.06 -28.08 32.48
N ALA D 147 29.25 -28.75 31.36
CA ALA D 147 30.26 -28.39 30.38
C ALA D 147 29.54 -27.87 29.14
N ALA D 148 30.27 -27.10 28.35
CA ALA D 148 29.74 -26.54 27.12
C ALA D 148 30.67 -26.87 25.97
N LEU D 149 30.09 -27.15 24.82
CA LEU D 149 30.86 -27.44 23.64
C LEU D 149 30.03 -26.97 22.45
N GLY D 150 30.67 -26.89 21.29
CA GLY D 150 29.95 -26.37 20.15
C GLY D 150 30.73 -26.56 18.88
N CYS D 151 30.25 -25.87 17.83
CA CYS D 151 30.86 -25.90 16.49
C CYS D 151 30.81 -24.52 15.87
N LEU D 152 31.94 -24.07 15.33
CA LEU D 152 32.02 -22.81 14.62
C LEU D 152 31.90 -23.10 13.13
N VAL D 153 30.87 -22.55 12.51
CA VAL D 153 30.57 -22.75 11.10
C VAL D 153 30.97 -21.45 10.39
N LYS D 154 32.12 -21.44 9.72
CA LYS D 154 32.76 -20.18 9.36
C LYS D 154 32.91 -20.01 7.84
N ASP D 155 32.69 -18.76 7.42
CA ASP D 155 32.99 -18.25 6.07
C ASP D 155 32.18 -18.94 4.99
N TYR D 156 30.86 -18.80 5.08
CA TYR D 156 29.97 -19.33 4.06
C TYR D 156 29.05 -18.29 3.46
N PHE D 157 28.58 -18.60 2.25
CA PHE D 157 27.62 -17.74 1.57
C PHE D 157 26.93 -18.53 0.48
N PRO D 158 25.61 -18.32 0.28
CA PRO D 158 24.76 -17.45 1.07
C PRO D 158 24.21 -18.19 2.28
N GLU D 159 23.29 -17.55 3.02
CA GLU D 159 22.49 -18.27 4.00
C GLU D 159 21.62 -19.28 3.26
N PRO D 160 21.10 -20.29 3.96
CA PRO D 160 21.16 -20.69 5.36
C PRO D 160 22.02 -21.93 5.58
N VAL D 161 22.30 -22.27 6.84
CA VAL D 161 22.85 -23.57 7.21
C VAL D 161 22.00 -24.11 8.35
N THR D 162 21.99 -25.43 8.45
CA THR D 162 21.38 -26.16 9.55
C THR D 162 22.48 -26.85 10.34
N VAL D 163 22.34 -26.86 11.66
CA VAL D 163 23.23 -27.59 12.53
C VAL D 163 22.40 -28.47 13.46
N SER D 164 22.58 -29.78 13.35
CA SER D 164 22.03 -30.71 14.32
C SER D 164 23.19 -31.28 15.15
N TRP D 165 22.84 -31.92 16.27
CA TRP D 165 23.83 -32.54 17.14
C TRP D 165 23.52 -34.02 17.31
N ASN D 166 24.56 -34.85 17.13
CA ASN D 166 24.45 -36.30 17.31
C ASN D 166 23.32 -36.85 16.44
N SER D 167 23.30 -36.44 15.17
CA SER D 167 22.32 -36.90 14.20
C SER D 167 20.90 -36.85 14.75
N GLY D 168 20.58 -35.75 15.46
CA GLY D 168 19.26 -35.54 15.99
C GLY D 168 19.03 -36.10 17.38
N ALA D 169 19.98 -36.85 17.94
CA ALA D 169 19.70 -37.45 19.24
C ALA D 169 19.79 -36.43 20.35
N LEU D 170 20.41 -35.28 20.10
CA LEU D 170 20.73 -34.28 21.12
C LEU D 170 20.13 -32.96 20.70
N THR D 171 19.08 -32.54 21.41
CA THR D 171 18.44 -31.26 21.11
C THR D 171 18.33 -30.39 22.35
N SER D 172 18.23 -31.04 23.50
CA SER D 172 18.06 -30.33 24.75
C SER D 172 19.35 -29.60 25.10
N GLY D 173 19.25 -28.29 25.29
CA GLY D 173 20.43 -27.53 25.64
C GLY D 173 21.19 -26.97 24.47
N VAL D 174 20.68 -27.13 23.27
CA VAL D 174 21.36 -26.65 22.07
C VAL D 174 20.95 -25.22 21.83
N HIS D 175 21.93 -24.38 21.49
CA HIS D 175 21.69 -23.05 20.95
C HIS D 175 22.42 -22.93 19.63
N THR D 176 21.68 -22.73 18.54
CA THR D 176 22.32 -22.38 17.28
C THR D 176 22.15 -20.88 17.07
N PHE D 177 23.25 -20.14 17.15
CA PHE D 177 23.12 -18.70 17.13
C PHE D 177 22.79 -18.22 15.73
N PRO D 178 22.12 -17.09 15.62
CA PRO D 178 21.91 -16.51 14.30
C PRO D 178 23.22 -16.10 13.66
N ALA D 179 23.28 -16.29 12.35
CA ALA D 179 24.49 -15.96 11.63
C ALA D 179 24.80 -14.48 11.79
N VAL D 180 26.06 -14.12 11.64
CA VAL D 180 26.51 -12.75 11.56
C VAL D 180 27.28 -12.59 10.26
N LEU D 181 27.06 -11.47 9.59
CA LEU D 181 27.79 -11.17 8.36
C LEU D 181 29.12 -10.56 8.74
N GLN D 182 30.21 -11.27 8.44
CA GLN D 182 31.51 -10.75 8.76
C GLN D 182 31.86 -9.58 7.83
N SER D 183 32.94 -8.85 8.15
CA SER D 183 33.33 -7.74 7.29
C SER D 183 33.73 -8.22 5.89
N SER D 184 34.14 -9.49 5.76
CA SER D 184 34.47 -10.06 4.46
C SER D 184 33.27 -10.21 3.55
N GLY D 185 32.06 -10.14 4.08
CA GLY D 185 30.89 -10.48 3.30
C GLY D 185 30.51 -11.94 3.36
N LEU D 186 31.14 -12.73 4.23
CA LEU D 186 30.74 -14.11 4.44
C LEU D 186 30.13 -14.28 5.82
N TYR D 187 29.16 -15.18 5.91
CA TYR D 187 28.52 -15.44 7.19
C TYR D 187 29.38 -16.39 8.02
N SER D 188 29.16 -16.33 9.32
CA SER D 188 29.59 -17.42 10.18
C SER D 188 28.56 -17.51 11.30
N LEU D 189 28.39 -18.72 11.84
CA LEU D 189 27.55 -18.91 13.02
C LEU D 189 28.18 -19.95 13.93
N SER D 190 27.67 -20.04 15.13
CA SER D 190 28.12 -21.03 16.09
C SER D 190 26.91 -21.75 16.65
N SER D 191 27.06 -23.06 16.84
CA SER D 191 26.09 -23.85 17.59
C SER D 191 26.77 -24.36 18.85
N VAL D 192 26.13 -24.16 20.00
CA VAL D 192 26.66 -24.62 21.28
C VAL D 192 25.64 -25.51 21.97
N VAL D 193 26.14 -26.38 22.84
CA VAL D 193 25.28 -27.24 23.64
C VAL D 193 25.93 -27.42 24.98
N THR D 194 25.13 -27.36 26.03
CA THR D 194 25.57 -27.68 27.37
C THR D 194 25.15 -29.10 27.70
N VAL D 195 26.04 -29.81 28.38
CA VAL D 195 25.87 -31.22 28.70
C VAL D 195 26.38 -31.40 30.12
N PRO D 196 25.99 -32.51 30.77
CA PRO D 196 26.60 -32.85 32.05
C PRO D 196 28.11 -32.95 31.88
N SER D 197 28.84 -32.44 32.86
CA SER D 197 30.28 -32.32 32.70
C SER D 197 30.96 -33.67 32.64
N SER D 198 30.42 -34.67 33.35
CA SER D 198 30.95 -36.03 33.31
C SER D 198 30.71 -36.74 32.00
N SER D 199 29.84 -36.24 31.14
CA SER D 199 29.57 -36.94 29.89
C SER D 199 30.71 -36.82 28.88
N LEU D 200 31.67 -35.94 29.11
CA LEU D 200 32.71 -35.70 28.11
C LEU D 200 33.56 -36.95 27.90
N GLY D 201 33.63 -37.83 28.90
CA GLY D 201 34.31 -39.10 28.84
C GLY D 201 33.47 -40.32 28.51
N THR D 202 32.17 -40.14 28.21
CA THR D 202 31.27 -41.25 27.86
C THR D 202 30.50 -41.07 26.57
N GLN D 203 30.26 -39.85 26.10
CA GLN D 203 29.49 -39.59 24.90
C GLN D 203 30.38 -39.02 23.81
N THR D 204 30.00 -39.33 22.56
CA THR D 204 30.64 -38.72 21.40
C THR D 204 29.76 -37.60 20.86
N TYR D 205 30.33 -36.41 20.69
CA TYR D 205 29.58 -35.25 20.23
C TYR D 205 30.01 -34.93 18.81
N ILE D 206 29.05 -35.00 17.90
CA ILE D 206 29.26 -34.65 16.50
C ILE D 206 28.23 -33.61 16.13
N CYS D 207 28.69 -32.50 15.55
CA CYS D 207 27.76 -31.55 14.98
C CYS D 207 27.60 -31.86 13.50
N ASN D 208 26.36 -31.92 13.04
CA ASN D 208 26.02 -32.27 11.66
C ASN D 208 25.62 -30.97 10.98
N VAL D 209 26.47 -30.51 10.06
CA VAL D 209 26.35 -29.21 9.40
C VAL D 209 26.04 -29.41 7.93
N ASN D 210 25.02 -28.71 7.43
CA ASN D 210 24.60 -28.85 6.04
C ASN D 210 24.41 -27.46 5.44
N HIS D 211 25.18 -27.14 4.40
CA HIS D 211 25.02 -25.89 3.65
C HIS D 211 24.63 -26.30 2.23
N LYS D 212 23.31 -26.33 1.98
CA LYS D 212 22.84 -26.80 0.69
C LYS D 212 23.28 -25.93 -0.48
N PRO D 213 23.28 -24.58 -0.39
CA PRO D 213 23.73 -23.78 -1.56
C PRO D 213 25.08 -24.21 -2.11
N SER D 214 25.95 -24.79 -1.25
CA SER D 214 27.24 -25.28 -1.68
C SER D 214 27.37 -26.79 -1.62
N ASN D 215 26.28 -27.51 -1.39
CA ASN D 215 26.30 -28.98 -1.27
C ASN D 215 27.40 -29.41 -0.31
N THR D 216 27.34 -28.87 0.91
CA THR D 216 28.37 -29.11 1.90
C THR D 216 27.72 -29.76 3.11
N LYS D 217 27.96 -31.04 3.30
CA LYS D 217 27.57 -31.74 4.51
C LYS D 217 28.84 -32.14 5.22
N VAL D 218 29.00 -31.66 6.44
CA VAL D 218 30.18 -31.93 7.25
C VAL D 218 29.70 -32.45 8.61
N ASP D 219 30.31 -33.54 9.06
CA ASP D 219 30.18 -34.01 10.44
C ASP D 219 31.52 -33.80 11.13
N LYS D 220 31.51 -32.97 12.14
CA LYS D 220 32.72 -32.63 12.87
C LYS D 220 32.57 -33.20 14.26
N LYS D 221 33.52 -34.04 14.66
CA LYS D 221 33.59 -34.56 16.00
C LYS D 221 34.23 -33.50 16.89
N VAL D 222 33.64 -33.24 18.04
CA VAL D 222 34.13 -32.25 18.99
C VAL D 222 34.71 -32.96 20.19
N GLU D 223 36.02 -32.87 20.38
CA GLU D 223 36.61 -33.59 21.51
C GLU D 223 37.26 -32.62 22.47
N PRO D 224 37.35 -32.98 23.76
CA PRO D 224 38.19 -32.20 24.67
C PRO D 224 39.65 -32.31 24.29
N LYS D 225 40.39 -31.21 24.42
CA LYS D 225 41.83 -31.29 24.21
C LYS D 225 42.50 -31.51 25.56
N SER E 1 -6.66 3.10 -4.36
CA SER E 1 -6.24 2.92 -2.98
C SER E 1 -6.30 1.47 -2.54
N ASP E 2 -5.31 1.07 -1.74
CA ASP E 2 -5.16 -0.29 -1.22
C ASP E 2 -5.40 -0.27 0.28
N ILE E 3 -6.13 -1.27 0.78
CA ILE E 3 -6.46 -1.32 2.20
C ILE E 3 -5.20 -1.41 3.06
N GLN E 4 -5.08 -0.51 4.03
CA GLN E 4 -3.97 -0.49 4.97
C GLN E 4 -4.44 -0.99 6.33
N MET E 5 -3.72 -1.94 6.89
CA MET E 5 -3.96 -2.43 8.23
C MET E 5 -2.90 -1.82 9.14
N THR E 6 -3.34 -0.98 10.06
CA THR E 6 -2.45 -0.23 10.95
C THR E 6 -2.46 -0.90 12.31
N GLN E 7 -1.39 -1.59 12.63
CA GLN E 7 -1.34 -2.47 13.79
C GLN E 7 -0.55 -1.81 14.92
N SER E 8 -1.05 -1.96 16.15
CA SER E 8 -0.42 -1.48 17.37
C SER E 8 -0.53 -2.51 18.48
N PRO E 9 0.44 -2.52 19.42
CA PRO E 9 1.61 -1.63 19.35
C PRO E 9 2.73 -2.26 18.50
N SER E 10 3.84 -1.55 18.34
CA SER E 10 4.96 -2.14 17.62
C SER E 10 5.60 -3.26 18.44
N SER E 11 5.79 -3.06 19.73
CA SER E 11 6.34 -4.10 20.59
C SER E 11 5.81 -3.92 21.99
N LEU E 12 5.77 -5.01 22.76
CA LEU E 12 5.31 -4.95 24.13
C LEU E 12 5.95 -6.11 24.88
N SER E 13 6.12 -5.95 26.18
CA SER E 13 6.56 -7.08 27.01
C SER E 13 5.63 -7.25 28.20
N ALA E 14 5.28 -8.52 28.45
CA ALA E 14 4.31 -8.86 29.47
C ALA E 14 4.77 -10.11 30.19
N SER E 15 4.29 -10.26 31.41
CA SER E 15 4.62 -11.40 32.24
C SER E 15 3.75 -12.61 31.88
N VAL E 16 4.23 -13.79 32.26
CA VAL E 16 3.40 -14.97 32.13
C VAL E 16 2.12 -14.75 32.92
N GLY E 17 0.98 -15.06 32.29
CA GLY E 17 -0.32 -14.84 32.88
C GLY E 17 -0.94 -13.49 32.61
N ASP E 18 -0.21 -12.56 31.98
CA ASP E 18 -0.77 -11.27 31.63
C ASP E 18 -1.70 -11.40 30.42
N ARG E 19 -2.53 -10.40 30.24
CA ARG E 19 -3.43 -10.34 29.11
C ARG E 19 -2.80 -9.41 28.08
N VAL E 20 -2.42 -9.96 26.94
CA VAL E 20 -1.86 -9.21 25.84
C VAL E 20 -2.97 -8.88 24.85
N THR E 21 -3.02 -7.61 24.47
CA THR E 21 -4.02 -7.12 23.52
C THR E 21 -3.33 -6.35 22.40
N ILE E 22 -3.54 -6.81 21.19
CA ILE E 22 -2.95 -6.21 20.00
C ILE E 22 -4.06 -5.77 19.09
N THR E 23 -3.93 -4.60 18.48
CA THR E 23 -5.05 -4.06 17.74
C THR E 23 -4.64 -3.76 16.31
N CYS E 24 -5.65 -3.64 15.46
CA CYS E 24 -5.43 -3.44 14.04
C CYS E 24 -6.60 -2.66 13.46
N ARG E 25 -6.31 -1.55 12.79
CA ARG E 25 -7.31 -0.63 12.26
C ARG E 25 -7.24 -0.63 10.74
N ALA E 26 -8.29 -1.14 10.11
CA ALA E 26 -8.37 -1.17 8.66
C ALA E 26 -8.68 0.22 8.11
N SER E 27 -8.00 0.58 7.02
CA SER E 27 -8.20 1.87 6.39
C SER E 27 -9.58 2.01 5.77
N GLN E 28 -10.24 0.89 5.46
CA GLN E 28 -11.57 0.86 4.87
C GLN E 28 -12.36 -0.26 5.54
N SER E 29 -13.61 -0.39 5.18
CA SER E 29 -14.43 -1.54 5.57
C SER E 29 -13.92 -2.78 4.83
N VAL E 30 -13.12 -3.60 5.50
CA VAL E 30 -12.91 -4.99 5.10
C VAL E 30 -13.97 -5.92 5.67
N SER E 31 -14.67 -5.49 6.69
CA SER E 31 -15.81 -6.01 7.43
C SER E 31 -15.66 -7.27 8.28
N SER E 32 -15.07 -8.36 7.82
CA SER E 32 -14.71 -9.36 8.81
C SER E 32 -13.59 -10.23 8.27
N ALA E 33 -13.20 -9.94 7.03
CA ALA E 33 -12.14 -10.71 6.38
C ALA E 33 -10.80 -10.28 6.98
N VAL E 34 -10.70 -10.45 8.30
CA VAL E 34 -9.48 -10.19 9.04
C VAL E 34 -9.01 -11.46 9.73
N ALA E 35 -7.74 -11.81 9.53
CA ALA E 35 -7.09 -12.94 10.16
C ALA E 35 -5.90 -12.48 10.98
N TRP E 36 -5.59 -13.25 12.03
CA TRP E 36 -4.45 -13.03 12.91
C TRP E 36 -3.49 -14.20 12.83
N TYR E 37 -2.20 -13.92 12.67
CA TYR E 37 -1.18 -14.95 12.53
C TYR E 37 -0.12 -14.83 13.62
N GLN E 38 0.32 -15.96 14.11
CA GLN E 38 1.47 -16.08 14.99
C GLN E 38 2.66 -16.57 14.18
N GLN E 39 3.76 -15.84 14.26
CA GLN E 39 5.03 -16.24 13.66
C GLN E 39 6.09 -16.31 14.76
N LYS E 40 6.47 -17.51 15.13
CA LYS E 40 7.66 -17.73 15.92
C LYS E 40 8.88 -17.52 15.02
N PRO E 41 10.03 -17.11 15.57
CA PRO E 41 11.13 -16.63 14.71
C PRO E 41 11.63 -17.73 13.80
N GLY E 42 11.72 -17.38 12.51
CA GLY E 42 12.18 -18.27 11.47
C GLY E 42 11.22 -19.37 11.08
N LYS E 43 10.02 -19.41 11.64
CA LYS E 43 9.05 -20.42 11.24
C LYS E 43 7.98 -19.78 10.36
N ALA E 44 7.15 -20.62 9.78
CA ALA E 44 6.04 -20.15 8.97
C ALA E 44 4.96 -19.54 9.88
N PRO E 45 4.30 -18.47 9.44
CA PRO E 45 3.17 -17.96 10.21
C PRO E 45 2.08 -19.02 10.34
N LYS E 46 1.42 -19.02 11.49
CA LYS E 46 0.34 -19.95 11.77
C LYS E 46 -0.94 -19.17 12.03
N LEU E 47 -2.03 -19.61 11.40
CA LEU E 47 -3.31 -18.93 11.56
C LEU E 47 -3.88 -19.19 12.95
N LEU E 48 -4.27 -18.12 13.62
CA LEU E 48 -4.91 -18.14 14.93
C LEU E 48 -6.39 -17.83 14.87
N ILE E 49 -6.76 -16.76 14.17
CA ILE E 49 -8.13 -16.26 14.08
C ILE E 49 -8.46 -15.96 12.65
N TYR E 50 -9.62 -16.42 12.18
CA TYR E 50 -10.16 -15.97 10.91
C TYR E 50 -11.55 -15.40 11.20
N SER E 51 -12.13 -14.67 10.23
CA SER E 51 -13.41 -14.00 10.45
C SER E 51 -13.39 -13.14 11.70
N ALA E 52 -12.21 -12.62 12.04
CA ALA E 52 -12.02 -11.63 13.08
C ALA E 52 -12.26 -12.17 14.48
N SER E 53 -13.03 -13.25 14.61
CA SER E 53 -13.34 -13.78 15.93
C SER E 53 -13.41 -15.30 15.99
N SER E 54 -13.24 -16.01 14.87
CA SER E 54 -13.39 -17.46 14.84
C SER E 54 -12.05 -18.09 15.18
N LEU E 55 -12.04 -18.89 16.23
CA LEU E 55 -10.80 -19.51 16.68
C LEU E 55 -10.47 -20.70 15.80
N TYR E 56 -9.36 -20.61 15.06
CA TYR E 56 -8.99 -21.68 14.15
C TYR E 56 -8.81 -23.00 14.89
N SER E 57 -9.17 -24.09 14.22
CA SER E 57 -9.11 -25.40 14.84
C SER E 57 -7.68 -25.74 15.23
N GLY E 58 -7.47 -26.12 16.49
CA GLY E 58 -6.17 -26.45 17.02
C GLY E 58 -5.53 -25.39 17.88
N VAL E 59 -5.97 -24.14 17.80
CA VAL E 59 -5.37 -23.03 18.54
C VAL E 59 -5.86 -23.03 19.98
N PRO E 60 -4.98 -22.78 20.96
CA PRO E 60 -5.43 -22.72 22.36
C PRO E 60 -6.52 -21.68 22.56
N SER E 61 -7.36 -21.93 23.54
CA SER E 61 -8.51 -21.07 23.75
C SER E 61 -8.13 -19.70 24.27
N ARG E 62 -6.89 -19.51 24.75
CA ARG E 62 -6.51 -18.20 25.28
C ARG E 62 -6.34 -17.14 24.20
N PHE E 63 -6.48 -17.49 22.92
CA PHE E 63 -6.45 -16.55 21.82
C PHE E 63 -7.88 -16.23 21.39
N SER E 64 -8.15 -14.94 21.18
CA SER E 64 -9.47 -14.50 20.77
C SER E 64 -9.35 -13.24 19.93
N GLY E 65 -10.41 -12.97 19.16
CA GLY E 65 -10.46 -11.79 18.33
C GLY E 65 -11.82 -11.13 18.43
N SER E 66 -11.81 -9.81 18.25
CA SER E 66 -13.02 -8.98 18.27
C SER E 66 -12.96 -7.99 17.13
N ARG E 67 -14.14 -7.52 16.74
CA ARG E 67 -14.28 -6.48 15.72
C ARG E 67 -15.22 -5.42 16.27
N SER E 68 -14.83 -4.16 16.14
CA SER E 68 -15.68 -3.00 16.43
C SER E 68 -15.51 -2.04 15.24
N GLY E 69 -16.22 -2.34 14.15
CA GLY E 69 -16.16 -1.54 12.95
C GLY E 69 -14.96 -1.87 12.09
N THR E 70 -14.00 -0.95 12.00
CA THR E 70 -12.73 -1.17 11.33
C THR E 70 -11.60 -1.44 12.30
N ASP E 71 -11.92 -1.60 13.60
CA ASP E 71 -10.96 -1.82 14.67
C ASP E 71 -10.98 -3.27 15.14
N PHE E 72 -9.87 -3.97 14.93
CA PHE E 72 -9.74 -5.38 15.25
C PHE E 72 -8.78 -5.60 16.41
N THR E 73 -9.15 -6.52 17.31
CA THR E 73 -8.40 -6.79 18.53
C THR E 73 -8.14 -8.28 18.69
N LEU E 74 -6.85 -8.65 18.77
CA LEU E 74 -6.40 -9.98 19.17
C LEU E 74 -6.04 -9.93 20.65
N THR E 75 -6.46 -10.94 21.40
CA THR E 75 -6.24 -10.94 22.86
C THR E 75 -5.68 -12.29 23.27
N ILE E 76 -4.58 -12.29 23.99
CA ILE E 76 -4.07 -13.50 24.61
C ILE E 76 -4.39 -13.38 26.10
N SER E 77 -5.28 -14.24 26.60
CA SER E 77 -5.86 -13.99 27.91
C SER E 77 -4.88 -14.29 29.03
N SER E 78 -4.04 -15.31 28.86
CA SER E 78 -3.08 -15.69 29.89
C SER E 78 -1.80 -16.08 29.15
N LEU E 79 -0.90 -15.13 29.02
CA LEU E 79 0.27 -15.28 28.19
C LEU E 79 1.15 -16.42 28.70
N GLN E 80 1.60 -17.27 27.80
CA GLN E 80 2.46 -18.39 28.12
C GLN E 80 3.85 -18.16 27.53
N PRO E 81 4.89 -18.75 28.11
CA PRO E 81 6.24 -18.48 27.57
C PRO E 81 6.38 -18.81 26.09
N GLU E 82 5.70 -19.86 25.64
CA GLU E 82 5.76 -20.23 24.24
C GLU E 82 5.03 -19.24 23.35
N ASP E 83 4.27 -18.31 23.92
CA ASP E 83 3.61 -17.27 23.15
C ASP E 83 4.56 -16.15 22.73
N PHE E 84 5.85 -16.22 23.07
CA PHE E 84 6.84 -15.37 22.43
C PHE E 84 6.76 -15.56 20.92
N ALA E 85 6.48 -14.47 20.20
CA ALA E 85 6.34 -14.52 18.75
C ALA E 85 6.15 -13.10 18.22
N THR E 86 6.06 -12.99 16.89
CA THR E 86 5.52 -11.78 16.27
C THR E 86 4.12 -12.10 15.80
N TYR E 87 3.19 -11.18 16.05
CA TYR E 87 1.81 -11.40 15.63
C TYR E 87 1.45 -10.45 14.52
N TYR E 88 0.69 -10.96 13.54
CA TYR E 88 0.24 -10.18 12.39
C TYR E 88 -1.27 -10.20 12.23
N CYS E 89 -1.85 -9.06 11.90
CA CYS E 89 -3.18 -9.03 11.32
C CYS E 89 -3.08 -9.04 9.81
N GLN E 90 -4.15 -9.51 9.17
CA GLN E 90 -4.27 -9.41 7.73
C GLN E 90 -5.74 -9.25 7.36
N GLN E 91 -6.01 -8.46 6.33
CA GLN E 91 -7.33 -8.51 5.70
C GLN E 91 -7.26 -9.35 4.43
N TYR E 92 -8.26 -10.20 4.24
CA TYR E 92 -8.45 -10.92 2.98
C TYR E 92 -9.78 -10.53 2.34
N SER E 93 -10.22 -9.31 2.62
CA SER E 93 -11.38 -8.75 1.94
C SER E 93 -11.12 -8.61 0.45
N SER E 94 -9.95 -8.08 0.06
CA SER E 94 -9.68 -7.84 -1.36
C SER E 94 -8.19 -7.81 -1.61
N SER E 95 -7.78 -8.14 -2.87
CA SER E 95 -6.38 -8.03 -3.23
C SER E 95 -6.01 -6.57 -3.50
N PRO E 96 -4.79 -6.15 -3.12
CA PRO E 96 -3.78 -6.97 -2.44
C PRO E 96 -4.16 -7.29 -1.01
N TYR E 97 -3.96 -8.53 -0.61
CA TYR E 97 -4.15 -8.87 0.79
C TYR E 97 -3.01 -8.25 1.56
N THR E 98 -3.32 -7.43 2.54
CA THR E 98 -2.34 -6.60 3.19
C THR E 98 -2.26 -6.96 4.67
N PHE E 99 -1.04 -6.82 5.23
CA PHE E 99 -0.74 -7.17 6.62
C PHE E 99 -0.41 -5.91 7.43
N GLY E 100 -0.68 -5.98 8.73
CA GLY E 100 -0.08 -5.04 9.64
C GLY E 100 1.42 -5.26 9.75
N GLN E 101 2.12 -4.25 10.27
CA GLN E 101 3.56 -4.32 10.43
C GLN E 101 4.02 -5.35 11.47
N GLY E 102 3.11 -5.90 12.28
CA GLY E 102 3.51 -6.91 13.23
C GLY E 102 3.68 -6.33 14.64
N THR E 103 3.58 -7.21 15.62
CA THR E 103 3.78 -6.84 17.02
C THR E 103 4.67 -7.87 17.67
N LYS E 104 5.83 -7.45 18.17
CA LYS E 104 6.77 -8.38 18.81
C LYS E 104 6.40 -8.47 20.28
N VAL E 105 5.95 -9.66 20.68
CA VAL E 105 5.61 -9.96 22.06
C VAL E 105 6.82 -10.60 22.71
N GLU E 106 7.39 -9.93 23.71
CA GLU E 106 8.49 -10.40 24.52
C GLU E 106 7.97 -10.82 25.89
N ILE E 107 8.47 -11.94 26.42
CA ILE E 107 8.04 -12.38 27.74
C ILE E 107 8.95 -11.76 28.79
N LYS E 108 8.35 -11.21 29.83
CA LYS E 108 9.10 -10.59 30.90
C LYS E 108 9.19 -11.56 32.06
N ARG E 109 10.38 -11.71 32.61
CA ARG E 109 10.61 -12.70 33.64
C ARG E 109 11.61 -12.14 34.64
N THR E 110 11.96 -12.96 35.63
CA THR E 110 12.94 -12.56 36.63
C THR E 110 14.35 -12.53 36.03
N VAL E 111 15.26 -11.87 36.76
CA VAL E 111 16.65 -11.79 36.33
C VAL E 111 17.33 -13.14 36.50
N ALA E 112 18.07 -13.56 35.48
CA ALA E 112 18.91 -14.74 35.54
C ALA E 112 20.29 -14.37 35.00
N ALA E 113 21.31 -14.61 35.83
CA ALA E 113 22.69 -14.37 35.42
C ALA E 113 23.13 -15.34 34.32
N PRO E 114 23.98 -14.91 33.41
CA PRO E 114 24.47 -15.81 32.36
C PRO E 114 25.55 -16.73 32.88
N SER E 115 25.58 -17.94 32.34
CA SER E 115 26.71 -18.84 32.54
C SER E 115 27.70 -18.63 31.40
N VAL E 116 28.97 -18.43 31.75
CA VAL E 116 30.00 -17.99 30.83
C VAL E 116 30.97 -19.12 30.56
N PHE E 117 31.36 -19.28 29.29
CA PHE E 117 32.30 -20.29 28.85
C PHE E 117 33.20 -19.66 27.79
N ILE E 118 34.47 -20.07 27.74
CA ILE E 118 35.39 -19.57 26.73
C ILE E 118 36.01 -20.73 25.96
N PHE E 119 36.17 -20.53 24.65
CA PHE E 119 36.66 -21.55 23.75
C PHE E 119 37.87 -21.04 23.00
N PRO E 120 39.03 -21.66 23.12
CA PRO E 120 40.16 -21.30 22.28
C PRO E 120 39.92 -21.73 20.85
N PRO E 121 40.69 -21.19 19.90
CA PRO E 121 40.53 -21.63 18.51
C PRO E 121 41.13 -23.01 18.31
N SER E 122 40.44 -23.81 17.52
CA SER E 122 40.91 -25.15 17.21
C SER E 122 42.28 -25.12 16.54
N ASP E 123 43.06 -26.17 16.79
CA ASP E 123 44.29 -26.35 16.03
C ASP E 123 43.99 -26.40 14.54
N GLU E 124 42.86 -26.99 14.16
CA GLU E 124 42.52 -27.14 12.75
C GLU E 124 42.37 -25.79 12.05
N GLN E 125 41.72 -24.82 12.69
CA GLN E 125 41.55 -23.49 12.10
C GLN E 125 42.88 -22.76 12.02
N LEU E 126 43.73 -22.90 13.04
CA LEU E 126 45.00 -22.21 13.09
C LEU E 126 45.83 -22.48 11.84
N LYS E 127 45.85 -23.73 11.36
CA LYS E 127 46.60 -24.05 10.14
C LYS E 127 46.17 -23.17 8.98
N SER E 128 44.89 -22.82 8.91
CA SER E 128 44.37 -22.05 7.78
C SER E 128 44.83 -20.60 7.83
N GLY E 129 45.33 -20.14 8.97
CA GLY E 129 45.89 -18.81 9.09
C GLY E 129 45.11 -17.82 9.94
N THR E 130 43.97 -18.21 10.52
CA THR E 130 43.18 -17.31 11.34
C THR E 130 42.79 -18.02 12.63
N ALA E 131 42.46 -17.22 13.64
CA ALA E 131 42.10 -17.72 14.96
C ALA E 131 40.80 -17.08 15.38
N SER E 132 39.81 -17.90 15.75
CA SER E 132 38.55 -17.39 16.28
C SER E 132 38.41 -17.84 17.72
N VAL E 133 38.29 -16.86 18.62
CA VAL E 133 38.08 -17.10 20.04
C VAL E 133 36.61 -16.77 20.32
N VAL E 134 35.90 -17.70 20.95
CA VAL E 134 34.45 -17.59 21.13
C VAL E 134 34.16 -17.51 22.61
N CYS E 135 33.29 -16.59 22.98
CA CYS E 135 32.78 -16.50 24.33
C CYS E 135 31.28 -16.75 24.29
N LEU E 136 30.79 -17.56 25.24
CA LEU E 136 29.39 -17.95 25.30
C LEU E 136 28.78 -17.43 26.58
N LEU E 137 27.65 -16.74 26.46
CA LEU E 137 26.84 -16.30 27.59
C LEU E 137 25.51 -17.02 27.52
N ASN E 138 25.22 -17.84 28.53
CA ASN E 138 24.19 -18.87 28.40
C ASN E 138 23.03 -18.61 29.35
N ASN E 139 21.83 -18.50 28.78
CA ASN E 139 20.57 -18.55 29.52
C ASN E 139 20.48 -17.43 30.54
N PHE E 140 20.49 -16.19 30.05
CA PHE E 140 20.38 -15.02 30.91
C PHE E 140 19.16 -14.16 30.55
N TYR E 141 18.75 -13.34 31.53
CA TYR E 141 17.68 -12.38 31.33
C TYR E 141 17.98 -11.23 32.28
N PRO E 142 17.79 -9.98 31.86
CA PRO E 142 17.33 -9.56 30.54
C PRO E 142 18.43 -9.60 29.51
N ARG E 143 18.07 -9.19 28.30
CA ARG E 143 18.91 -9.35 27.12
C ARG E 143 20.15 -8.48 27.17
N GLU E 144 20.10 -7.35 27.89
CA GLU E 144 21.22 -6.42 27.92
C GLU E 144 22.42 -7.04 28.61
N ALA E 145 23.50 -7.24 27.86
CA ALA E 145 24.74 -7.75 28.44
C ALA E 145 25.92 -7.12 27.71
N LYS E 146 27.03 -6.98 28.44
CA LYS E 146 28.26 -6.41 27.93
C LYS E 146 29.35 -7.47 27.96
N VAL E 147 29.98 -7.73 26.80
CA VAL E 147 31.10 -8.68 26.69
C VAL E 147 32.36 -7.91 26.31
N GLN E 148 33.42 -8.08 27.11
CA GLN E 148 34.68 -7.39 26.89
C GLN E 148 35.81 -8.42 26.75
N TRP E 149 36.52 -8.35 25.61
CA TRP E 149 37.68 -9.21 25.34
C TRP E 149 38.97 -8.54 25.82
N LYS E 150 39.80 -9.31 26.53
CA LYS E 150 41.11 -8.90 26.99
C LYS E 150 42.14 -9.83 26.38
N VAL E 151 43.22 -9.28 25.85
CA VAL E 151 44.31 -10.09 25.31
C VAL E 151 45.57 -9.63 26.02
N ASP E 152 46.01 -10.40 27.01
CA ASP E 152 47.07 -10.02 27.94
C ASP E 152 46.73 -8.68 28.60
N ASN E 153 45.48 -8.57 29.06
CA ASN E 153 44.89 -7.42 29.74
C ASN E 153 44.70 -6.23 28.82
N ALA E 154 45.12 -6.31 27.56
CA ALA E 154 44.84 -5.23 26.63
C ALA E 154 43.40 -5.41 26.11
N LEU E 155 42.60 -4.36 26.23
CA LEU E 155 41.21 -4.43 25.81
C LEU E 155 41.07 -4.32 24.30
N GLN E 156 40.17 -5.11 23.75
CA GLN E 156 39.96 -5.21 22.31
C GLN E 156 38.83 -4.31 21.84
N SER E 157 39.01 -3.70 20.68
CA SER E 157 37.97 -2.97 19.97
C SER E 157 38.03 -3.30 18.49
N GLY E 158 36.86 -3.38 17.87
CA GLY E 158 36.75 -3.50 16.43
C GLY E 158 37.06 -4.86 15.84
N ASN E 159 37.26 -5.88 16.66
CA ASN E 159 37.66 -7.21 16.20
C ASN E 159 36.76 -8.30 16.74
N SER E 160 35.53 -7.97 17.11
CA SER E 160 34.64 -8.97 17.67
C SER E 160 33.20 -8.68 17.24
N GLN E 161 32.46 -9.75 16.97
CA GLN E 161 31.03 -9.69 16.69
C GLN E 161 30.27 -10.59 17.64
N GLU E 162 29.06 -10.17 18.00
CA GLU E 162 28.24 -11.00 18.86
C GLU E 162 26.93 -11.30 18.14
N SER E 163 26.28 -12.36 18.60
CA SER E 163 25.00 -12.80 18.08
C SER E 163 24.20 -13.26 19.25
N VAL E 164 22.91 -12.93 19.27
CA VAL E 164 22.06 -13.28 20.40
C VAL E 164 20.90 -14.15 19.93
N THR E 165 20.52 -15.12 20.74
CA THR E 165 19.41 -15.98 20.36
C THR E 165 18.08 -15.25 20.61
N GLU E 166 17.03 -15.79 20.00
CA GLU E 166 15.68 -15.36 20.32
C GLU E 166 15.23 -15.95 21.65
N GLN E 167 14.31 -15.26 22.29
CA GLN E 167 13.89 -15.63 23.64
C GLN E 167 13.45 -17.08 23.66
N ASP E 168 13.92 -17.82 24.67
CA ASP E 168 13.59 -19.24 24.75
C ASP E 168 12.10 -19.46 25.01
N SER E 169 11.55 -20.46 24.31
CA SER E 169 10.11 -20.74 24.41
C SER E 169 9.72 -21.43 25.72
N LYS E 170 10.66 -21.89 26.54
CA LYS E 170 10.31 -22.51 27.81
C LYS E 170 10.72 -21.67 29.00
N ASP E 171 11.96 -21.16 29.05
CA ASP E 171 12.40 -20.39 30.22
C ASP E 171 12.58 -18.91 29.94
N SER E 172 12.26 -18.43 28.73
CA SER E 172 12.26 -17.01 28.38
C SER E 172 13.64 -16.37 28.47
N THR E 173 14.73 -17.13 28.44
CA THR E 173 16.06 -16.52 28.54
C THR E 173 16.66 -16.28 27.17
N TYR E 174 17.79 -15.57 27.18
CA TYR E 174 18.63 -15.35 26.01
C TYR E 174 19.95 -16.08 26.20
N SER E 175 20.62 -16.31 25.08
CA SER E 175 22.01 -16.73 25.07
C SER E 175 22.76 -15.89 24.04
N LEU E 176 24.04 -15.63 24.31
CA LEU E 176 24.82 -14.74 23.48
C LEU E 176 26.19 -15.36 23.19
N SER E 177 26.68 -15.16 21.98
CA SER E 177 28.03 -15.59 21.61
C SER E 177 28.78 -14.36 21.12
N SER E 178 30.00 -14.19 21.62
CA SER E 178 30.91 -13.16 21.17
C SER E 178 32.11 -13.81 20.54
N THR E 179 32.51 -13.34 19.35
CA THR E 179 33.60 -13.99 18.61
C THR E 179 34.68 -12.97 18.30
N LEU E 180 35.85 -13.21 18.89
CA LEU E 180 37.06 -12.43 18.65
C LEU E 180 37.86 -13.10 17.53
N THR E 181 38.16 -12.33 16.47
CA THR E 181 38.90 -12.84 15.32
C THR E 181 40.27 -12.18 15.23
N LEU E 182 41.32 -13.00 15.28
CA LEU E 182 42.69 -12.57 15.11
C LEU E 182 43.35 -13.37 14.00
N SER E 183 44.42 -12.82 13.47
CA SER E 183 45.30 -13.60 12.62
C SER E 183 46.03 -14.62 13.50
N LYS E 184 46.41 -15.74 12.89
CA LYS E 184 47.26 -16.70 13.60
C LYS E 184 48.48 -16.00 14.18
N ALA E 185 49.13 -15.17 13.36
CA ALA E 185 50.30 -14.42 13.80
C ALA E 185 49.98 -13.65 15.08
N ASP E 186 48.98 -12.77 15.02
CA ASP E 186 48.64 -11.95 16.18
C ASP E 186 48.27 -12.83 17.36
N TYR E 187 47.53 -13.90 17.12
CA TYR E 187 47.10 -14.78 18.19
C TYR E 187 48.30 -15.39 18.92
N GLU E 188 49.35 -15.75 18.16
CA GLU E 188 50.51 -16.38 18.77
C GLU E 188 51.49 -15.40 19.39
N LYS E 189 51.18 -14.10 19.41
CA LYS E 189 52.04 -13.16 20.11
C LYS E 189 51.69 -13.03 21.58
N HIS E 190 50.48 -13.45 21.97
CA HIS E 190 49.96 -13.20 23.31
C HIS E 190 49.57 -14.52 23.97
N LYS E 191 49.48 -14.50 25.29
CA LYS E 191 49.31 -15.72 26.08
C LYS E 191 47.93 -15.85 26.70
N VAL E 192 47.47 -14.84 27.43
CA VAL E 192 46.23 -14.92 28.19
C VAL E 192 45.12 -14.28 27.37
N TYR E 193 44.06 -15.05 27.09
CA TYR E 193 42.87 -14.58 26.38
C TYR E 193 41.66 -14.64 27.32
N ALA E 194 41.03 -13.50 27.54
CA ALA E 194 40.01 -13.36 28.58
C ALA E 194 38.74 -12.72 28.05
N CYS E 195 37.62 -13.28 28.46
CA CYS E 195 36.28 -12.79 28.16
C CYS E 195 35.70 -12.22 29.45
N GLU E 196 35.31 -10.94 29.44
CA GLU E 196 34.80 -10.29 30.65
C GLU E 196 33.33 -9.88 30.48
N VAL E 197 32.46 -10.53 31.25
CA VAL E 197 31.01 -10.37 31.12
C VAL E 197 30.49 -9.60 32.32
N THR E 198 29.72 -8.55 32.06
CA THR E 198 28.92 -7.90 33.07
C THR E 198 27.46 -7.91 32.65
N HIS E 199 26.58 -8.12 33.63
CA HIS E 199 25.16 -8.27 33.39
C HIS E 199 24.45 -7.95 34.70
N GLN E 200 23.14 -7.69 34.60
CA GLN E 200 22.38 -7.22 35.75
C GLN E 200 22.38 -8.24 36.88
N GLY E 201 22.28 -9.54 36.56
CA GLY E 201 22.26 -10.57 37.57
C GLY E 201 23.59 -10.98 38.15
N LEU E 202 24.67 -10.29 37.76
CA LEU E 202 26.01 -10.53 38.28
C LEU E 202 26.39 -9.33 39.12
N SER E 203 26.68 -9.59 40.41
CA SER E 203 27.08 -8.53 41.35
C SER E 203 28.35 -7.83 40.89
N SER E 204 29.34 -8.59 40.45
CA SER E 204 30.56 -8.06 39.84
C SER E 204 30.81 -8.78 38.53
N PRO E 205 31.54 -8.17 37.60
CA PRO E 205 31.75 -8.78 36.29
C PRO E 205 32.47 -10.13 36.37
N VAL E 206 32.10 -11.04 35.48
CA VAL E 206 32.70 -12.36 35.44
C VAL E 206 33.68 -12.40 34.29
N THR E 207 34.85 -12.99 34.53
CA THR E 207 35.87 -13.17 33.52
C THR E 207 36.16 -14.67 33.41
N LYS E 208 36.14 -15.18 32.18
CA LYS E 208 36.64 -16.51 31.90
C LYS E 208 37.83 -16.36 30.96
N SER E 209 38.85 -17.16 31.17
CA SER E 209 40.12 -16.94 30.50
C SER E 209 40.82 -18.26 30.24
N PHE E 210 41.76 -18.21 29.29
CA PHE E 210 42.64 -19.34 29.05
C PHE E 210 44.01 -18.82 28.64
N ASN E 211 45.02 -19.64 28.88
CA ASN E 211 46.36 -19.41 28.36
C ASN E 211 46.54 -20.21 27.07
N ARG E 212 47.02 -19.55 26.02
CA ARG E 212 47.33 -20.23 24.77
C ARG E 212 48.31 -21.38 25.02
N GLY E 213 47.94 -22.59 24.58
CA GLY E 213 48.69 -23.76 24.96
C GLY E 213 48.12 -24.38 26.22
N GLU E 214 47.37 -25.48 26.08
CA GLU E 214 46.82 -26.21 27.21
C GLU E 214 47.39 -27.63 27.14
N CYS E 215 48.45 -27.82 27.92
CA CYS E 215 49.19 -29.08 28.05
C CYS E 215 48.29 -30.28 28.38
N GLU F 4 -11.33 -13.00 -56.24
CA GLU F 4 -10.51 -12.66 -55.09
C GLU F 4 -11.26 -12.98 -53.78
N VAL F 5 -11.24 -12.03 -52.84
CA VAL F 5 -11.78 -12.20 -51.50
C VAL F 5 -13.16 -11.58 -51.44
N GLN F 6 -14.00 -12.13 -50.56
CA GLN F 6 -15.36 -11.65 -50.36
C GLN F 6 -15.65 -11.61 -48.87
N LEU F 7 -16.47 -10.63 -48.49
CA LEU F 7 -17.05 -10.52 -47.16
C LEU F 7 -18.54 -10.22 -47.31
N VAL F 8 -19.38 -10.90 -46.54
CA VAL F 8 -20.81 -10.64 -46.56
C VAL F 8 -21.28 -10.57 -45.12
N GLU F 9 -21.70 -9.39 -44.70
CA GLU F 9 -22.34 -9.24 -43.41
C GLU F 9 -23.78 -9.75 -43.48
N SER F 10 -24.32 -10.07 -42.32
CA SER F 10 -25.71 -10.46 -42.22
C SER F 10 -26.10 -10.37 -40.75
N GLY F 11 -27.41 -10.38 -40.52
CA GLY F 11 -27.95 -10.43 -39.18
C GLY F 11 -28.53 -9.15 -38.67
N GLY F 12 -28.40 -8.07 -39.41
CA GLY F 12 -28.95 -6.81 -38.96
C GLY F 12 -30.46 -6.78 -39.09
N GLY F 13 -31.06 -5.87 -38.34
CA GLY F 13 -32.49 -5.67 -38.40
C GLY F 13 -32.97 -4.78 -37.28
N LEU F 14 -34.21 -4.97 -36.87
CA LEU F 14 -34.84 -4.11 -35.90
C LEU F 14 -34.76 -4.74 -34.53
N VAL F 15 -34.34 -3.95 -33.53
CA VAL F 15 -34.17 -4.38 -32.15
C VAL F 15 -34.78 -3.32 -31.24
N GLN F 16 -35.40 -3.76 -30.16
CA GLN F 16 -35.82 -2.76 -29.19
C GLN F 16 -34.63 -2.29 -28.36
N PRO F 17 -34.69 -1.06 -27.84
CA PRO F 17 -33.66 -0.60 -26.91
C PRO F 17 -33.46 -1.61 -25.80
N GLY F 18 -32.19 -1.85 -25.47
CA GLY F 18 -31.83 -2.85 -24.51
C GLY F 18 -31.72 -4.26 -25.05
N GLY F 19 -32.20 -4.51 -26.29
CA GLY F 19 -32.16 -5.84 -26.85
C GLY F 19 -30.76 -6.25 -27.31
N SER F 20 -30.64 -7.52 -27.68
CA SER F 20 -29.40 -8.09 -28.20
C SER F 20 -29.51 -8.33 -29.69
N LEU F 21 -28.36 -8.51 -30.34
CA LEU F 21 -28.29 -8.82 -31.76
C LEU F 21 -26.92 -9.39 -32.09
N ARG F 22 -26.90 -10.31 -33.05
CA ARG F 22 -25.66 -10.99 -33.48
C ARG F 22 -25.45 -10.80 -34.97
N LEU F 23 -24.39 -10.08 -35.33
CA LEU F 23 -23.99 -9.95 -36.71
C LEU F 23 -23.05 -11.08 -37.09
N SER F 24 -23.01 -11.39 -38.40
CA SER F 24 -22.12 -12.40 -38.96
C SER F 24 -21.37 -11.81 -40.13
N CYS F 25 -20.14 -12.25 -40.32
CA CYS F 25 -19.33 -11.81 -41.45
C CYS F 25 -18.71 -13.04 -42.09
N ALA F 26 -19.16 -13.40 -43.28
CA ALA F 26 -18.73 -14.63 -43.92
C ALA F 26 -17.65 -14.32 -44.95
N ALA F 27 -16.48 -14.91 -44.75
CA ALA F 27 -15.33 -14.63 -45.57
C ALA F 27 -15.10 -15.77 -46.54
N SER F 28 -14.80 -15.41 -47.79
CA SER F 28 -14.39 -16.36 -48.80
C SER F 28 -13.29 -15.75 -49.64
N GLY F 29 -12.44 -16.62 -50.19
CA GLY F 29 -11.27 -16.21 -50.92
C GLY F 29 -10.01 -16.11 -50.09
N PHE F 30 -10.11 -16.24 -48.77
CA PHE F 30 -8.96 -16.19 -47.87
C PHE F 30 -9.39 -16.79 -46.54
N TYR F 31 -8.40 -17.26 -45.78
CA TYR F 31 -8.63 -17.83 -44.46
C TYR F 31 -8.48 -16.72 -43.41
N ILE F 32 -9.53 -16.50 -42.61
CA ILE F 32 -9.49 -15.39 -41.65
C ILE F 32 -8.46 -15.65 -40.57
N SER F 33 -8.06 -16.91 -40.41
CA SER F 33 -7.07 -17.23 -39.39
C SER F 33 -5.75 -16.51 -39.61
N TYR F 34 -5.47 -16.07 -40.84
CA TYR F 34 -4.23 -15.37 -41.15
C TYR F 34 -4.44 -13.89 -41.42
N SER F 35 -5.53 -13.32 -40.93
CA SER F 35 -5.84 -11.90 -41.11
C SER F 35 -6.41 -11.35 -39.81
N SER F 36 -6.87 -10.11 -39.86
CA SER F 36 -7.64 -9.51 -38.78
C SER F 36 -8.96 -9.04 -39.37
N ILE F 37 -10.05 -9.25 -38.64
CA ILE F 37 -11.37 -8.85 -39.08
C ILE F 37 -11.85 -7.73 -38.16
N HIS F 38 -12.35 -6.66 -38.78
CA HIS F 38 -12.83 -5.50 -38.04
C HIS F 38 -14.32 -5.30 -38.31
N TRP F 39 -15.01 -4.73 -37.33
CA TRP F 39 -16.33 -4.17 -37.52
C TRP F 39 -16.22 -2.64 -37.52
N VAL F 40 -16.82 -2.01 -38.54
CA VAL F 40 -16.88 -0.56 -38.64
C VAL F 40 -18.32 -0.20 -38.96
N ARG F 41 -18.87 0.78 -38.26
CA ARG F 41 -20.26 1.16 -38.45
C ARG F 41 -20.37 2.58 -38.99
N GLN F 42 -21.44 2.83 -39.72
CA GLN F 42 -21.77 4.14 -40.27
C GLN F 42 -23.21 4.46 -39.87
N ALA F 43 -23.38 5.25 -38.82
CA ALA F 43 -24.69 5.75 -38.46
C ALA F 43 -25.22 6.56 -39.64
N PRO F 44 -26.55 6.58 -39.86
CA PRO F 44 -27.08 7.18 -41.08
C PRO F 44 -26.77 8.66 -41.18
N GLY F 45 -26.11 9.04 -42.29
CA GLY F 45 -25.66 10.39 -42.58
C GLY F 45 -24.33 10.79 -41.98
N LYS F 46 -23.68 9.92 -41.23
CA LYS F 46 -22.43 10.24 -40.57
C LYS F 46 -21.33 9.40 -41.20
N GLY F 47 -20.14 9.47 -40.61
CA GLY F 47 -18.99 8.81 -41.15
C GLY F 47 -18.77 7.41 -40.61
N LEU F 48 -17.52 6.98 -40.68
CA LEU F 48 -17.13 5.64 -40.26
C LEU F 48 -16.60 5.69 -38.83
N GLU F 49 -16.97 4.67 -38.05
CA GLU F 49 -16.48 4.48 -36.69
C GLU F 49 -16.09 3.02 -36.56
N TRP F 50 -14.81 2.79 -36.32
CA TRP F 50 -14.32 1.45 -36.00
C TRP F 50 -14.84 1.06 -34.62
N VAL F 51 -15.33 -0.17 -34.48
CA VAL F 51 -15.83 -0.59 -33.17
C VAL F 51 -15.10 -1.81 -32.60
N ALA F 52 -14.60 -2.70 -33.47
CA ALA F 52 -14.03 -3.92 -32.93
C ALA F 52 -13.13 -4.60 -33.95
N SER F 53 -12.13 -5.32 -33.44
CA SER F 53 -11.22 -6.07 -34.28
C SER F 53 -10.87 -7.39 -33.60
N ILE F 54 -10.53 -8.38 -34.42
CA ILE F 54 -10.09 -9.68 -33.95
C ILE F 54 -9.05 -10.23 -34.91
N SER F 55 -8.03 -10.88 -34.36
CA SER F 55 -7.00 -11.54 -35.17
C SER F 55 -7.04 -13.01 -34.83
N PRO F 56 -7.69 -13.84 -35.65
CA PRO F 56 -8.02 -15.21 -35.22
C PRO F 56 -6.82 -16.07 -34.83
N SER F 57 -5.67 -15.99 -35.49
CA SER F 57 -4.53 -16.82 -35.09
C SER F 57 -3.71 -16.20 -33.96
N SER F 58 -4.28 -15.21 -33.25
CA SER F 58 -3.75 -14.71 -31.99
C SER F 58 -4.81 -14.66 -30.90
N GLY F 59 -6.08 -14.82 -31.24
CA GLY F 59 -7.17 -14.58 -30.32
C GLY F 59 -7.43 -13.12 -29.98
N SER F 60 -6.54 -12.22 -30.36
CA SER F 60 -6.59 -10.84 -29.89
C SER F 60 -7.88 -10.13 -30.31
N THR F 61 -8.52 -9.44 -29.36
CA THR F 61 -9.70 -8.63 -29.65
C THR F 61 -9.48 -7.23 -29.08
N TYR F 62 -9.95 -6.23 -29.82
CA TYR F 62 -9.83 -4.82 -29.46
C TYR F 62 -11.17 -4.13 -29.73
N TYR F 63 -11.46 -3.10 -28.93
CA TYR F 63 -12.77 -2.48 -28.94
C TYR F 63 -12.65 -0.95 -28.85
N ALA F 64 -13.62 -0.27 -29.45
CA ALA F 64 -13.76 1.16 -29.25
C ALA F 64 -14.43 1.44 -27.91
N ASP F 65 -14.09 2.57 -27.29
CA ASP F 65 -14.66 2.89 -25.98
C ASP F 65 -16.19 2.93 -26.04
N SER F 66 -16.75 3.36 -27.16
CA SER F 66 -18.19 3.51 -27.24
C SER F 66 -18.95 2.18 -27.18
N VAL F 67 -18.29 1.05 -27.42
CA VAL F 67 -18.95 -0.25 -27.40
C VAL F 67 -18.39 -1.18 -26.34
N LYS F 68 -17.33 -0.79 -25.63
CA LYS F 68 -16.68 -1.62 -24.62
C LYS F 68 -17.68 -2.25 -23.65
N GLY F 69 -17.63 -3.58 -23.51
CA GLY F 69 -18.45 -4.29 -22.55
C GLY F 69 -19.80 -4.73 -23.09
N ARG F 70 -20.41 -3.93 -23.97
CA ARG F 70 -21.68 -4.33 -24.56
C ARG F 70 -21.48 -5.24 -25.75
N PHE F 71 -20.39 -5.07 -26.50
CA PHE F 71 -20.12 -5.84 -27.71
C PHE F 71 -18.96 -6.80 -27.47
N THR F 72 -19.09 -8.02 -27.98
CA THR F 72 -17.99 -8.98 -27.99
C THR F 72 -17.81 -9.49 -29.41
N ILE F 73 -16.57 -9.45 -29.91
CA ILE F 73 -16.23 -9.93 -31.23
C ILE F 73 -15.63 -11.33 -31.09
N SER F 74 -15.88 -12.18 -32.08
CA SER F 74 -15.47 -13.58 -32.05
C SER F 74 -15.29 -14.07 -33.48
N ALA F 75 -14.77 -15.30 -33.62
CA ALA F 75 -14.59 -15.87 -34.94
C ALA F 75 -14.66 -17.40 -34.86
N ASP F 76 -15.13 -18.01 -35.94
CA ASP F 76 -15.11 -19.47 -36.12
C ASP F 76 -14.21 -19.77 -37.31
N THR F 77 -12.98 -20.21 -37.04
CA THR F 77 -12.06 -20.47 -38.14
C THR F 77 -12.59 -21.57 -39.05
N SER F 78 -13.25 -22.59 -38.49
CA SER F 78 -13.77 -23.67 -39.34
C SER F 78 -14.86 -23.16 -40.28
N LYS F 79 -15.73 -22.28 -39.80
CA LYS F 79 -16.73 -21.63 -40.66
C LYS F 79 -16.19 -20.40 -41.37
N ASN F 80 -14.99 -19.94 -41.03
CA ASN F 80 -14.37 -18.79 -41.68
C ASN F 80 -15.26 -17.53 -41.61
N THR F 81 -15.91 -17.32 -40.47
CA THR F 81 -16.73 -16.14 -40.27
C THR F 81 -16.43 -15.52 -38.90
N ALA F 82 -16.69 -14.21 -38.82
CA ALA F 82 -16.51 -13.45 -37.60
C ALA F 82 -17.87 -12.96 -37.11
N TYR F 83 -17.92 -12.58 -35.84
CA TYR F 83 -19.20 -12.24 -35.25
C TYR F 83 -19.06 -11.02 -34.35
N LEU F 84 -20.13 -10.25 -34.31
CA LEU F 84 -20.31 -9.18 -33.34
C LEU F 84 -21.58 -9.46 -32.57
N GLN F 85 -21.44 -9.67 -31.26
CA GLN F 85 -22.56 -9.87 -30.37
C GLN F 85 -22.83 -8.55 -29.66
N MET F 86 -24.00 -7.98 -29.90
CA MET F 86 -24.36 -6.67 -29.35
C MET F 86 -25.41 -6.87 -28.28
N ASN F 87 -25.07 -6.51 -27.06
CA ASN F 87 -26.01 -6.51 -25.95
C ASN F 87 -26.32 -5.07 -25.56
N SER F 88 -27.42 -4.91 -24.85
CA SER F 88 -27.81 -3.61 -24.29
C SER F 88 -27.75 -2.51 -25.35
N LEU F 89 -28.30 -2.80 -26.51
CA LEU F 89 -28.23 -1.85 -27.63
C LEU F 89 -28.90 -0.54 -27.26
N ARG F 90 -28.45 0.52 -27.90
CA ARG F 90 -28.98 1.86 -27.67
C ARG F 90 -29.25 2.49 -29.03
N ALA F 91 -30.02 3.59 -29.01
CA ALA F 91 -30.41 4.20 -30.26
C ALA F 91 -29.20 4.63 -31.07
N GLU F 92 -28.13 5.07 -30.39
CA GLU F 92 -26.90 5.46 -31.08
C GLU F 92 -26.21 4.27 -31.75
N ASP F 93 -26.59 3.05 -31.41
CA ASP F 93 -26.00 1.91 -32.09
C ASP F 93 -26.62 1.68 -33.46
N THR F 94 -27.66 2.42 -33.82
CA THR F 94 -28.19 2.36 -35.18
C THR F 94 -27.15 2.84 -36.18
N ALA F 95 -26.88 2.01 -37.19
CA ALA F 95 -25.84 2.23 -38.20
C ALA F 95 -25.88 1.09 -39.20
N VAL F 96 -25.21 1.28 -40.32
CA VAL F 96 -24.81 0.15 -41.16
C VAL F 96 -23.49 -0.37 -40.64
N TYR F 97 -23.43 -1.66 -40.36
CA TYR F 97 -22.24 -2.29 -39.82
C TYR F 97 -21.48 -2.96 -40.94
N TYR F 98 -20.28 -2.47 -41.21
CA TYR F 98 -19.42 -3.07 -42.21
C TYR F 98 -18.45 -4.02 -41.54
N CYS F 99 -18.02 -5.01 -42.31
CA CYS F 99 -17.04 -5.99 -41.89
C CYS F 99 -15.84 -5.69 -42.78
N ALA F 100 -14.62 -5.72 -42.23
CA ALA F 100 -13.47 -5.37 -43.06
C ALA F 100 -12.24 -6.19 -42.68
N ARG F 101 -11.42 -6.46 -43.68
CA ARG F 101 -10.22 -7.27 -43.51
C ARG F 101 -8.99 -6.36 -43.45
N SER F 102 -8.06 -6.70 -42.57
CA SER F 102 -6.73 -6.09 -42.62
C SER F 102 -5.72 -7.18 -42.33
N ARG F 103 -4.51 -6.96 -42.80
CA ARG F 103 -3.36 -7.80 -42.45
C ARG F 103 -2.27 -6.92 -41.88
N TYR F 104 -1.43 -7.50 -41.05
CA TYR F 104 -0.39 -6.68 -40.45
C TYR F 104 1.00 -7.26 -40.61
N SER F 105 1.15 -8.59 -40.56
CA SER F 105 2.46 -9.22 -40.57
C SER F 105 2.99 -9.46 -41.97
N ARG F 106 2.17 -10.03 -42.86
CA ARG F 106 2.61 -10.36 -44.20
C ARG F 106 2.42 -9.20 -45.17
N TYR F 107 1.19 -8.70 -45.26
CA TYR F 107 0.88 -7.54 -46.08
C TYR F 107 0.46 -6.42 -45.13
N ARG F 108 0.38 -5.19 -45.65
CA ARG F 108 -0.12 -4.11 -44.80
C ARG F 108 -0.73 -3.03 -45.70
N ARG F 109 -2.03 -3.15 -45.98
CA ARG F 109 -2.72 -2.17 -46.81
C ARG F 109 -3.87 -1.51 -46.07
N GLY F 110 -3.84 -1.48 -44.75
CA GLY F 110 -4.98 -0.95 -44.01
C GLY F 110 -6.16 -1.91 -44.10
N PHE F 111 -7.36 -1.35 -44.22
CA PHE F 111 -8.57 -2.16 -44.40
C PHE F 111 -8.79 -2.34 -45.90
N ASP F 112 -8.19 -3.40 -46.47
CA ASP F 112 -8.15 -3.49 -47.93
C ASP F 112 -9.43 -4.05 -48.54
N TYR F 113 -10.31 -4.67 -47.77
CA TYR F 113 -11.59 -5.05 -48.33
C TYR F 113 -12.68 -4.94 -47.28
N TRP F 114 -13.83 -4.41 -47.72
CA TRP F 114 -15.01 -4.19 -46.89
C TRP F 114 -16.19 -4.96 -47.47
N GLY F 115 -17.06 -5.46 -46.60
CA GLY F 115 -18.34 -5.98 -47.04
C GLY F 115 -19.30 -4.86 -47.38
N GLN F 116 -20.50 -5.24 -47.84
CA GLN F 116 -21.47 -4.22 -48.21
C GLN F 116 -22.33 -3.77 -47.02
N GLY F 117 -22.15 -4.38 -45.87
CA GLY F 117 -22.76 -3.86 -44.66
C GLY F 117 -24.17 -4.36 -44.47
N THR F 118 -24.53 -4.53 -43.21
CA THR F 118 -25.87 -4.93 -42.82
C THR F 118 -26.46 -3.85 -41.91
N LEU F 119 -27.74 -3.53 -42.08
CA LEU F 119 -28.34 -2.40 -41.39
C LEU F 119 -28.95 -2.80 -40.06
N VAL F 120 -28.55 -2.11 -38.99
CA VAL F 120 -29.04 -2.35 -37.64
C VAL F 120 -29.80 -1.14 -37.17
N THR F 121 -31.08 -1.33 -36.86
CA THR F 121 -31.98 -0.27 -36.43
C THR F 121 -32.36 -0.53 -34.99
N VAL F 122 -32.10 0.42 -34.12
CA VAL F 122 -32.54 0.31 -32.74
C VAL F 122 -33.67 1.32 -32.56
N SER F 123 -34.87 0.83 -32.30
CA SER F 123 -36.08 1.63 -32.24
C SER F 123 -37.15 0.82 -31.53
N SER F 124 -38.03 1.51 -30.81
CA SER F 124 -39.15 0.78 -30.21
C SER F 124 -40.38 0.75 -31.13
N ALA F 125 -40.31 1.37 -32.30
CA ALA F 125 -41.37 1.24 -33.30
C ALA F 125 -41.47 -0.19 -33.83
N SER F 126 -42.63 -0.52 -34.39
CA SER F 126 -42.93 -1.87 -34.83
C SER F 126 -42.68 -2.04 -36.32
N THR F 127 -42.36 -3.26 -36.71
CA THR F 127 -42.16 -3.59 -38.11
C THR F 127 -43.49 -3.54 -38.86
N LYS F 128 -43.48 -2.96 -40.06
CA LYS F 128 -44.71 -2.90 -40.85
C LYS F 128 -44.40 -2.97 -42.34
N GLY F 129 -45.19 -3.75 -43.07
CA GLY F 129 -44.94 -3.95 -44.47
C GLY F 129 -45.57 -2.85 -45.29
N PRO F 130 -44.96 -2.54 -46.44
CA PRO F 130 -45.44 -1.42 -47.26
C PRO F 130 -46.70 -1.76 -48.06
N SER F 131 -47.38 -0.70 -48.49
CA SER F 131 -48.37 -0.78 -49.55
C SER F 131 -47.77 -0.17 -50.81
N VAL F 132 -47.95 -0.83 -51.95
CA VAL F 132 -47.39 -0.39 -53.22
C VAL F 132 -48.51 0.07 -54.12
N PHE F 133 -48.53 1.35 -54.46
CA PHE F 133 -49.52 1.95 -55.35
C PHE F 133 -48.89 2.38 -56.69
N PRO F 134 -49.63 2.30 -57.79
CA PRO F 134 -49.04 2.69 -59.08
C PRO F 134 -49.03 4.19 -59.27
N LEU F 135 -48.02 4.65 -60.00
CA LEU F 135 -47.89 6.02 -60.46
C LEU F 135 -48.02 5.91 -61.98
N ALA F 136 -49.27 5.98 -62.49
CA ALA F 136 -49.47 5.64 -63.89
C ALA F 136 -49.05 6.80 -64.81
N PRO F 137 -48.42 6.51 -65.95
CA PRO F 137 -48.03 7.56 -66.89
C PRO F 137 -49.25 8.31 -67.45
N SER F 138 -49.22 9.63 -67.33
CA SER F 138 -50.28 10.43 -67.91
C SER F 138 -50.39 10.12 -69.40
N SER F 139 -51.64 9.96 -69.87
CA SER F 139 -51.86 9.67 -71.28
C SER F 139 -51.54 10.88 -72.14
N LYS F 140 -51.53 12.06 -71.54
CA LYS F 140 -51.01 13.27 -72.17
C LYS F 140 -49.50 13.10 -72.23
N SER F 141 -48.96 12.94 -73.43
CA SER F 141 -47.54 12.62 -73.50
C SER F 141 -46.78 13.85 -73.01
N THR F 142 -46.43 13.83 -71.73
CA THR F 142 -45.76 14.95 -71.08
C THR F 142 -44.52 15.47 -71.81
N SER F 143 -43.55 14.58 -72.00
CA SER F 143 -42.29 14.94 -72.65
C SER F 143 -42.27 14.55 -74.13
N GLY F 144 -43.45 14.55 -74.77
CA GLY F 144 -43.58 14.43 -76.21
C GLY F 144 -43.23 13.05 -76.75
N GLY F 145 -42.13 12.45 -76.24
CA GLY F 145 -41.66 11.18 -76.74
C GLY F 145 -41.18 10.21 -75.69
N THR F 146 -41.12 10.64 -74.44
CA THR F 146 -40.83 9.77 -73.31
C THR F 146 -42.00 9.79 -72.33
N ALA F 147 -42.30 8.63 -71.75
CA ALA F 147 -43.28 8.55 -70.69
C ALA F 147 -42.55 8.29 -69.38
N ALA F 148 -43.20 8.65 -68.28
CA ALA F 148 -42.66 8.40 -66.95
C ALA F 148 -43.73 7.71 -66.12
N LEU F 149 -43.32 6.70 -65.37
CA LEU F 149 -44.22 5.93 -64.54
C LEU F 149 -43.42 5.48 -63.33
N GLY F 150 -44.12 4.93 -62.33
CA GLY F 150 -43.41 4.54 -61.14
C GLY F 150 -44.26 3.79 -60.17
N CYS F 151 -43.74 3.63 -58.95
CA CYS F 151 -44.42 2.91 -57.90
C CYS F 151 -44.13 3.53 -56.53
N LEU F 152 -45.19 3.87 -55.83
CA LEU F 152 -45.10 4.49 -54.51
C LEU F 152 -45.18 3.38 -53.46
N VAL F 153 -44.11 3.24 -52.70
CA VAL F 153 -43.97 2.23 -51.65
C VAL F 153 -44.15 2.95 -50.32
N LYS F 154 -45.32 2.81 -49.71
CA LYS F 154 -45.76 3.69 -48.64
C LYS F 154 -45.95 2.95 -47.33
N ASP F 155 -45.56 3.60 -46.23
CA ASP F 155 -45.89 3.21 -44.87
C ASP F 155 -45.28 1.87 -44.51
N TYR F 156 -43.94 1.81 -44.57
CA TYR F 156 -43.19 0.62 -44.17
C TYR F 156 -42.16 0.98 -43.10
N PHE F 157 -41.75 -0.04 -42.33
CA PHE F 157 -40.72 0.13 -41.31
C PHE F 157 -40.16 -1.23 -40.91
N PRO F 158 -38.85 -1.36 -40.68
CA PRO F 158 -37.88 -0.30 -40.90
C PRO F 158 -37.36 -0.38 -42.31
N GLU F 159 -36.35 0.42 -42.62
CA GLU F 159 -35.60 0.28 -43.83
C GLU F 159 -34.93 -1.09 -43.86
N PRO F 160 -34.52 -1.56 -45.05
CA PRO F 160 -34.69 -0.97 -46.37
C PRO F 160 -35.73 -1.72 -47.19
N VAL F 161 -36.09 -1.16 -48.33
CA VAL F 161 -36.82 -1.91 -49.35
C VAL F 161 -35.99 -1.84 -50.61
N THR F 162 -36.13 -2.87 -51.44
CA THR F 162 -35.51 -2.91 -52.74
C THR F 162 -36.65 -2.80 -53.74
N VAL F 163 -36.41 -2.11 -54.85
CA VAL F 163 -37.37 -2.04 -55.94
C VAL F 163 -36.63 -2.36 -57.23
N SER F 164 -36.98 -3.47 -57.86
CA SER F 164 -36.52 -3.71 -59.22
C SER F 164 -37.72 -3.54 -60.13
N TRP F 165 -37.44 -3.45 -61.43
CA TRP F 165 -38.48 -3.28 -62.44
C TRP F 165 -38.43 -4.44 -63.42
N ASN F 166 -39.59 -5.02 -63.71
CA ASN F 166 -39.71 -6.09 -64.69
C ASN F 166 -38.75 -7.23 -64.38
N SER F 167 -38.74 -7.64 -63.11
CA SER F 167 -37.94 -8.75 -62.62
C SER F 167 -36.48 -8.67 -63.10
N GLY F 168 -35.90 -7.47 -62.94
CA GLY F 168 -34.49 -7.23 -63.23
C GLY F 168 -34.17 -6.86 -64.67
N ALA F 169 -35.12 -6.97 -65.57
CA ALA F 169 -34.88 -6.72 -66.97
C ALA F 169 -34.77 -5.24 -67.29
N LEU F 170 -35.22 -4.37 -66.38
CA LEU F 170 -35.33 -2.95 -66.67
C LEU F 170 -34.51 -2.17 -65.68
N THR F 171 -33.40 -1.59 -66.15
CA THR F 171 -32.55 -0.80 -65.28
C THR F 171 -32.32 0.59 -65.83
N SER F 172 -32.31 0.74 -67.14
CA SER F 172 -31.98 2.03 -67.75
C SER F 172 -33.10 3.03 -67.50
N GLY F 173 -32.77 4.15 -66.84
CA GLY F 173 -33.74 5.20 -66.57
C GLY F 173 -34.46 5.13 -65.23
N VAL F 174 -34.06 4.23 -64.34
CA VAL F 174 -34.72 4.09 -63.05
C VAL F 174 -34.07 4.99 -62.01
N HIS F 175 -34.92 5.68 -61.25
CA HIS F 175 -34.55 6.37 -60.00
C HIS F 175 -35.43 5.80 -58.91
N THR F 176 -34.83 5.16 -57.92
CA THR F 176 -35.55 4.80 -56.71
C THR F 176 -35.12 5.82 -55.65
N PHE F 177 -36.05 6.63 -55.20
CA PHE F 177 -35.64 7.71 -54.32
C PHE F 177 -35.28 7.16 -52.95
N PRO F 178 -34.38 7.82 -52.24
CA PRO F 178 -34.14 7.47 -50.84
C PRO F 178 -35.40 7.71 -50.02
N ALA F 179 -35.64 6.84 -49.05
CA ALA F 179 -36.84 6.94 -48.24
C ALA F 179 -36.88 8.28 -47.50
N VAL F 180 -38.09 8.68 -47.12
CA VAL F 180 -38.31 9.81 -46.23
C VAL F 180 -39.12 9.28 -45.07
N LEU F 181 -38.80 9.75 -43.87
CA LEU F 181 -39.56 9.40 -42.69
C LEU F 181 -40.76 10.33 -42.57
N GLN F 182 -41.95 9.76 -42.65
CA GLN F 182 -43.14 10.57 -42.48
C GLN F 182 -43.32 10.96 -41.00
N SER F 183 -44.22 11.90 -40.75
CA SER F 183 -44.51 12.24 -39.36
C SER F 183 -45.12 11.05 -38.63
N SER F 184 -45.73 10.13 -39.35
CA SER F 184 -46.27 8.93 -38.73
C SER F 184 -45.18 8.03 -38.14
N GLY F 185 -43.91 8.23 -38.49
CA GLY F 185 -42.88 7.30 -38.09
C GLY F 185 -42.67 6.14 -39.05
N LEU F 186 -43.30 6.17 -40.22
CA LEU F 186 -43.11 5.17 -41.25
C LEU F 186 -42.43 5.77 -42.48
N TYR F 187 -41.68 4.94 -43.17
CA TYR F 187 -41.00 5.36 -44.38
C TYR F 187 -41.94 5.26 -45.57
N SER F 188 -41.63 6.04 -46.60
CA SER F 188 -42.21 5.85 -47.93
C SER F 188 -41.16 6.26 -48.94
N LEU F 189 -41.25 5.68 -50.13
CA LEU F 189 -40.40 6.08 -51.25
C LEU F 189 -41.15 5.85 -52.55
N SER F 190 -40.57 6.34 -53.64
CA SER F 190 -41.06 6.04 -54.98
C SER F 190 -39.90 5.63 -55.87
N SER F 191 -40.16 4.64 -56.72
CA SER F 191 -39.26 4.30 -57.79
C SER F 191 -39.94 4.72 -59.09
N VAL F 192 -39.25 5.50 -59.90
CA VAL F 192 -39.79 5.97 -61.16
C VAL F 192 -38.85 5.57 -62.28
N VAL F 193 -39.41 5.46 -63.48
CA VAL F 193 -38.64 5.13 -64.67
C VAL F 193 -39.27 5.82 -65.86
N THR F 194 -38.42 6.36 -66.72
CA THR F 194 -38.84 6.93 -67.98
C THR F 194 -38.60 5.92 -69.10
N VAL F 195 -39.56 5.82 -70.02
CA VAL F 195 -39.54 4.81 -71.08
C VAL F 195 -40.03 5.49 -72.36
N PRO F 196 -39.72 4.89 -73.52
CA PRO F 196 -40.33 5.39 -74.77
C PRO F 196 -41.85 5.29 -74.72
N SER F 197 -42.51 6.32 -75.23
CA SER F 197 -43.96 6.33 -75.16
C SER F 197 -44.58 5.25 -76.06
N SER F 198 -43.87 4.86 -77.11
CA SER F 198 -44.35 3.79 -77.99
C SER F 198 -44.31 2.42 -77.31
N SER F 199 -43.58 2.27 -76.21
CA SER F 199 -43.56 1.00 -75.49
C SER F 199 -44.79 0.77 -74.63
N LEU F 200 -45.61 1.80 -74.40
CA LEU F 200 -46.71 1.65 -73.45
C LEU F 200 -47.77 0.67 -73.94
N GLY F 201 -47.92 0.50 -75.25
CA GLY F 201 -48.85 -0.46 -75.77
C GLY F 201 -48.30 -1.82 -76.14
N THR F 202 -47.00 -2.04 -75.95
CA THR F 202 -46.38 -3.32 -76.23
C THR F 202 -45.59 -3.87 -75.04
N GLN F 203 -45.14 -3.03 -74.12
CA GLN F 203 -44.41 -3.48 -72.95
C GLN F 203 -45.25 -3.27 -71.69
N THR F 204 -45.20 -4.27 -70.80
CA THR F 204 -45.84 -4.22 -69.49
C THR F 204 -44.79 -3.92 -68.44
N TYR F 205 -45.10 -2.98 -67.55
CA TYR F 205 -44.17 -2.53 -66.52
C TYR F 205 -44.65 -2.98 -65.15
N ILE F 206 -43.86 -3.82 -64.49
CA ILE F 206 -44.15 -4.28 -63.14
C ILE F 206 -42.99 -3.87 -62.27
N CYS F 207 -43.28 -3.21 -61.15
CA CYS F 207 -42.26 -2.93 -60.15
C CYS F 207 -42.29 -4.03 -59.11
N ASN F 208 -41.12 -4.49 -58.72
CA ASN F 208 -40.93 -5.61 -57.81
C ASN F 208 -40.39 -5.04 -56.51
N VAL F 209 -41.20 -5.11 -55.45
CA VAL F 209 -40.90 -4.50 -54.15
C VAL F 209 -40.64 -5.61 -53.13
N ASN F 210 -39.54 -5.52 -52.41
CA ASN F 210 -39.16 -6.53 -51.44
C ASN F 210 -38.76 -5.82 -50.14
N HIS F 211 -39.52 -6.08 -49.09
CA HIS F 211 -39.24 -5.52 -47.78
C HIS F 211 -38.93 -6.72 -46.90
N LYS F 212 -37.65 -7.06 -46.80
CA LYS F 212 -37.27 -8.25 -46.05
C LYS F 212 -37.65 -8.17 -44.57
N PRO F 213 -37.50 -7.05 -43.86
CA PRO F 213 -37.86 -7.04 -42.43
C PRO F 213 -39.28 -7.54 -42.15
N SER F 214 -40.22 -7.41 -43.10
CA SER F 214 -41.57 -7.90 -42.92
C SER F 214 -41.91 -9.06 -43.82
N ASN F 215 -40.93 -9.66 -44.50
CA ASN F 215 -41.16 -10.78 -45.42
C ASN F 215 -42.29 -10.46 -46.40
N THR F 216 -42.14 -9.35 -47.12
CA THR F 216 -43.18 -8.79 -47.98
C THR F 216 -42.65 -8.60 -49.40
N LYS F 217 -43.14 -9.42 -50.32
CA LYS F 217 -42.85 -9.27 -51.74
C LYS F 217 -44.16 -8.93 -52.42
N VAL F 218 -44.17 -7.80 -53.11
CA VAL F 218 -45.33 -7.27 -53.82
C VAL F 218 -44.86 -6.98 -55.24
N ASP F 219 -45.59 -7.48 -56.23
CA ASP F 219 -45.37 -7.11 -57.62
C ASP F 219 -46.56 -6.27 -58.10
N LYS F 220 -46.28 -5.05 -58.53
CA LYS F 220 -47.32 -4.12 -58.97
C LYS F 220 -47.18 -3.85 -60.46
N LYS F 221 -48.23 -4.11 -61.22
CA LYS F 221 -48.29 -3.71 -62.61
C LYS F 221 -48.67 -2.23 -62.71
N VAL F 222 -47.92 -1.48 -63.49
CA VAL F 222 -48.19 -0.08 -63.73
C VAL F 222 -48.68 0.04 -65.17
N GLU F 223 -49.97 0.33 -65.35
CA GLU F 223 -50.55 0.50 -66.67
C GLU F 223 -51.19 1.88 -66.78
N PRO F 224 -51.35 2.40 -68.00
CA PRO F 224 -52.00 3.71 -68.17
C PRO F 224 -53.42 3.74 -67.64
N LYS F 225 -53.82 4.91 -67.15
CA LYS F 225 -55.16 5.07 -66.58
C LYS F 225 -56.18 5.47 -67.65
N SER G 1 -3.81 10.25 -26.47
CA SER G 1 -4.71 9.10 -26.50
C SER G 1 -5.86 9.40 -27.45
N ASP G 2 -6.30 8.37 -28.19
CA ASP G 2 -7.35 8.55 -29.19
C ASP G 2 -6.94 9.57 -30.26
N ILE G 3 -6.06 9.12 -31.15
CA ILE G 3 -5.56 9.97 -32.23
C ILE G 3 -6.73 10.49 -33.05
N GLN G 4 -6.76 11.80 -33.28
CA GLN G 4 -7.81 12.42 -34.06
C GLN G 4 -7.29 12.79 -35.45
N MET G 5 -8.02 12.37 -36.47
CA MET G 5 -7.73 12.74 -37.85
C MET G 5 -8.69 13.85 -38.24
N THR G 6 -8.16 15.02 -38.54
CA THR G 6 -8.97 16.20 -38.84
C THR G 6 -8.94 16.43 -40.34
N GLN G 7 -10.07 16.19 -41.00
CA GLN G 7 -10.15 16.17 -42.45
C GLN G 7 -10.78 17.47 -42.97
N SER G 8 -10.26 17.97 -44.09
CA SER G 8 -10.75 19.18 -44.74
C SER G 8 -10.79 18.98 -46.24
N PRO G 9 -11.76 19.62 -46.93
CA PRO G 9 -12.90 20.27 -46.28
C PRO G 9 -14.03 19.29 -46.06
N SER G 10 -15.09 19.73 -45.38
CA SER G 10 -16.22 18.84 -45.14
C SER G 10 -16.92 18.50 -46.44
N SER G 11 -16.97 19.44 -47.38
CA SER G 11 -17.56 19.19 -48.68
C SER G 11 -16.93 20.15 -49.69
N LEU G 12 -16.95 19.74 -50.95
CA LEU G 12 -16.50 20.63 -52.02
C LEU G 12 -17.22 20.26 -53.30
N SER G 13 -17.33 21.23 -54.19
CA SER G 13 -17.87 21.02 -55.52
C SER G 13 -16.83 21.46 -56.53
N ALA G 14 -16.62 20.65 -57.56
CA ALA G 14 -15.56 20.90 -58.52
C ALA G 14 -16.02 20.45 -59.90
N SER G 15 -15.43 21.06 -60.91
CA SER G 15 -15.77 20.73 -62.29
C SER G 15 -14.98 19.51 -62.74
N VAL G 16 -15.49 18.84 -63.78
CA VAL G 16 -14.76 17.73 -64.37
C VAL G 16 -13.44 18.25 -64.92
N GLY G 17 -12.36 17.52 -64.64
CA GLY G 17 -11.02 17.93 -65.04
C GLY G 17 -10.29 18.80 -64.05
N ASP G 18 -10.95 19.23 -62.97
CA ASP G 18 -10.33 20.06 -61.94
C ASP G 18 -9.44 19.21 -61.04
N ARG G 19 -8.60 19.91 -60.27
CA ARG G 19 -7.71 19.29 -59.30
C ARG G 19 -8.34 19.40 -57.92
N VAL G 20 -8.75 18.28 -57.37
CA VAL G 20 -9.34 18.23 -56.03
C VAL G 20 -8.25 17.83 -55.06
N THR G 21 -8.15 18.58 -53.96
CA THR G 21 -7.17 18.33 -52.92
C THR G 21 -7.86 18.27 -51.56
N ILE G 22 -7.70 17.13 -50.89
CA ILE G 22 -8.31 16.89 -49.58
C ILE G 22 -7.21 16.61 -48.58
N THR G 23 -7.30 17.21 -47.40
CA THR G 23 -6.23 17.09 -46.42
C THR G 23 -6.76 16.51 -45.11
N CYS G 24 -5.82 15.95 -44.34
CA CYS G 24 -6.13 15.23 -43.11
C CYS G 24 -4.95 15.42 -42.16
N ARG G 25 -5.24 15.93 -40.96
CA ARG G 25 -4.21 16.34 -40.02
C ARG G 25 -4.29 15.43 -38.80
N ALA G 26 -3.26 14.60 -38.65
CA ALA G 26 -3.18 13.68 -37.52
C ALA G 26 -2.83 14.42 -36.24
N SER G 27 -3.52 14.08 -35.16
CA SER G 27 -3.27 14.74 -33.88
C SER G 27 -1.92 14.35 -33.29
N GLN G 28 -1.38 13.19 -33.67
CA GLN G 28 -0.08 12.72 -33.17
C GLN G 28 0.70 12.16 -34.37
N SER G 29 1.77 11.44 -34.08
CA SER G 29 2.56 10.74 -35.09
C SER G 29 1.91 9.41 -35.44
N VAL G 30 1.12 9.39 -36.49
CA VAL G 30 0.78 8.13 -37.15
C VAL G 30 1.86 7.72 -38.17
N SER G 31 2.50 8.71 -38.78
CA SER G 31 3.67 8.64 -39.65
C SER G 31 3.55 8.00 -41.04
N SER G 32 2.89 6.87 -41.18
CA SER G 32 2.61 6.48 -42.54
C SER G 32 1.37 5.61 -42.56
N ALA G 33 0.87 5.29 -41.37
CA ALA G 33 -0.29 4.43 -41.24
C ALA G 33 -1.56 5.23 -41.55
N VAL G 34 -1.59 5.80 -42.74
CA VAL G 34 -2.73 6.57 -43.23
C VAL G 34 -3.21 5.94 -44.52
N ALA G 35 -4.52 5.66 -44.59
CA ALA G 35 -5.17 5.16 -45.79
C ALA G 35 -6.30 6.09 -46.21
N TRP G 36 -6.58 6.12 -47.51
CA TRP G 36 -7.67 6.92 -48.06
C TRP G 36 -8.70 5.98 -48.69
N TYR G 37 -9.96 6.20 -48.35
CA TYR G 37 -11.04 5.35 -48.83
C TYR G 37 -12.03 6.20 -49.60
N GLN G 38 -12.55 5.64 -50.67
CA GLN G 38 -13.66 6.20 -51.43
C GLN G 38 -14.91 5.43 -51.06
N GLN G 39 -15.94 6.12 -50.61
CA GLN G 39 -17.23 5.50 -50.34
C GLN G 39 -18.32 6.18 -51.16
N LYS G 40 -18.83 5.49 -52.17
CA LYS G 40 -20.06 5.91 -52.83
C LYS G 40 -21.27 5.63 -51.93
N PRO G 41 -22.35 6.39 -52.07
CA PRO G 41 -23.39 6.37 -51.02
C PRO G 41 -24.03 5.01 -50.87
N GLY G 42 -24.09 4.55 -49.62
CA GLY G 42 -24.69 3.29 -49.25
C GLY G 42 -23.97 2.05 -49.72
N LYS G 43 -22.86 2.20 -50.42
CA LYS G 43 -22.04 1.10 -50.88
C LYS G 43 -20.80 0.97 -49.99
N ALA G 44 -20.06 -0.11 -50.22
CA ALA G 44 -18.88 -0.41 -49.41
C ALA G 44 -17.71 0.52 -49.73
N PRO G 45 -16.99 1.01 -48.72
CA PRO G 45 -15.77 1.79 -48.97
C PRO G 45 -14.73 1.00 -49.74
N LYS G 46 -14.00 1.70 -50.60
CA LYS G 46 -12.94 1.12 -51.41
C LYS G 46 -11.64 1.80 -51.07
N LEU G 47 -10.61 1.00 -50.87
CA LEU G 47 -9.28 1.52 -50.53
C LEU G 47 -8.66 2.16 -51.76
N LEU G 48 -8.12 3.37 -51.60
CA LEU G 48 -7.42 4.09 -52.65
C LEU G 48 -5.92 4.16 -52.45
N ILE G 49 -5.49 4.59 -51.27
CA ILE G 49 -4.08 4.82 -50.96
C ILE G 49 -3.79 4.17 -49.62
N TYR G 50 -2.68 3.44 -49.54
CA TYR G 50 -2.19 2.95 -48.25
C TYR G 50 -0.76 3.43 -48.05
N SER G 51 -0.29 3.29 -46.80
CA SER G 51 1.04 3.77 -46.38
C SER G 51 1.26 5.23 -46.76
N ALA G 52 0.16 5.97 -46.82
CA ALA G 52 0.05 7.41 -47.06
C ALA G 52 0.35 7.82 -48.50
N SER G 53 1.03 6.97 -49.28
CA SER G 53 1.37 7.34 -50.65
C SER G 53 1.27 6.19 -51.65
N SER G 54 0.99 4.97 -51.21
CA SER G 54 1.01 3.79 -52.08
C SER G 54 -0.37 3.58 -52.69
N LEU G 55 -0.43 3.58 -54.03
CA LEU G 55 -1.68 3.45 -54.75
C LEU G 55 -2.10 1.99 -54.76
N TYR G 56 -3.20 1.67 -54.08
CA TYR G 56 -3.65 0.29 -54.02
C TYR G 56 -3.91 -0.27 -55.41
N SER G 57 -3.69 -1.58 -55.55
CA SER G 57 -3.82 -2.25 -56.84
C SER G 57 -5.24 -2.12 -57.37
N GLY G 58 -5.35 -1.65 -58.61
CA GLY G 58 -6.63 -1.48 -59.26
C GLY G 58 -7.14 -0.04 -59.33
N VAL G 59 -6.61 0.85 -58.51
CA VAL G 59 -7.08 2.24 -58.43
C VAL G 59 -6.49 3.06 -59.58
N PRO G 60 -7.28 3.95 -60.20
CA PRO G 60 -6.74 4.80 -61.29
C PRO G 60 -5.60 5.70 -60.83
N SER G 61 -4.74 6.06 -61.78
CA SER G 61 -3.56 6.86 -61.49
C SER G 61 -3.88 8.30 -61.14
N ARG G 62 -5.11 8.76 -61.42
CA ARG G 62 -5.42 10.13 -61.06
C ARG G 62 -5.54 10.34 -59.56
N PHE G 63 -5.39 9.28 -58.76
CA PHE G 63 -5.38 9.36 -57.30
C PHE G 63 -3.95 9.25 -56.79
N SER G 64 -3.60 10.13 -55.83
CA SER G 64 -2.26 10.12 -55.26
C SER G 64 -2.34 10.62 -53.81
N GLY G 65 -1.27 10.34 -53.06
CA GLY G 65 -1.17 10.80 -51.69
C GLY G 65 0.23 11.29 -51.36
N SER G 66 0.30 12.28 -50.47
CA SER G 66 1.57 12.82 -49.97
C SER G 66 1.49 13.03 -48.46
N ARG G 67 2.67 13.11 -47.83
CA ARG G 67 2.76 13.33 -46.39
C ARG G 67 3.77 14.44 -46.08
N SER G 68 3.39 15.32 -45.14
CA SER G 68 4.26 16.35 -44.59
C SER G 68 4.21 16.30 -43.07
N GLY G 69 4.66 15.17 -42.51
CA GLY G 69 4.65 15.05 -41.06
C GLY G 69 3.31 14.56 -40.56
N THR G 70 2.48 15.46 -40.02
CA THR G 70 1.14 15.10 -39.61
C THR G 70 0.09 15.53 -40.64
N ASP G 71 0.51 16.00 -41.82
CA ASP G 71 -0.37 16.50 -42.87
C ASP G 71 -0.43 15.52 -44.02
N PHE G 72 -1.61 14.96 -44.26
CA PHE G 72 -1.82 14.00 -45.35
C PHE G 72 -2.74 14.61 -46.40
N THR G 73 -2.39 14.40 -47.66
CA THR G 73 -3.08 15.03 -48.79
C THR G 73 -3.47 13.98 -49.80
N LEU G 74 -4.77 13.85 -50.06
CA LEU G 74 -5.29 13.08 -51.17
C LEU G 74 -5.54 14.01 -52.35
N THR G 75 -5.10 13.60 -53.53
CA THR G 75 -5.20 14.44 -54.72
C THR G 75 -5.85 13.67 -55.85
N ILE G 76 -6.87 14.28 -56.44
CA ILE G 76 -7.48 13.84 -57.68
C ILE G 76 -7.05 14.84 -58.74
N SER G 77 -6.23 14.41 -59.71
CA SER G 77 -5.58 15.37 -60.60
C SER G 77 -6.54 15.93 -61.66
N SER G 78 -7.39 15.06 -62.18
CA SER G 78 -8.38 15.42 -63.19
C SER G 78 -9.64 14.73 -62.68
N LEU G 79 -10.59 15.52 -62.19
CA LEU G 79 -11.78 14.93 -61.60
C LEU G 79 -12.74 14.39 -62.64
N GLN G 80 -13.29 13.19 -62.38
CA GLN G 80 -14.21 12.50 -63.27
C GLN G 80 -15.61 12.42 -62.63
N PRO G 81 -16.66 12.31 -63.45
CA PRO G 81 -18.02 12.26 -62.88
C PRO G 81 -18.21 11.13 -61.89
N GLU G 82 -17.58 9.97 -62.15
CA GLU G 82 -17.69 8.83 -61.26
C GLU G 82 -16.94 9.04 -59.96
N ASP G 83 -16.15 10.10 -59.84
CA ASP G 83 -15.48 10.40 -58.59
C ASP G 83 -16.40 11.07 -57.57
N PHE G 84 -17.67 11.28 -57.91
CA PHE G 84 -18.63 11.60 -56.88
C PHE G 84 -18.61 10.52 -55.80
N ALA G 85 -18.31 10.93 -54.57
CA ALA G 85 -18.25 10.05 -53.42
C ALA G 85 -17.95 10.85 -52.16
N THR G 86 -17.91 10.18 -51.02
CA THR G 86 -17.30 10.75 -49.83
C THR G 86 -15.94 10.07 -49.66
N TYR G 87 -14.91 10.86 -49.39
CA TYR G 87 -13.56 10.32 -49.21
C TYR G 87 -13.18 10.45 -47.75
N TYR G 88 -12.55 9.42 -47.22
CA TYR G 88 -12.14 9.36 -45.83
C TYR G 88 -10.65 9.07 -45.72
N CYS G 89 -9.98 9.76 -44.82
CA CYS G 89 -8.69 9.28 -44.34
C CYS G 89 -8.91 8.41 -43.11
N GLN G 90 -7.95 7.53 -42.85
CA GLN G 90 -7.94 6.74 -41.63
C GLN G 90 -6.49 6.59 -41.21
N GLN G 91 -6.26 6.56 -39.89
CA GLN G 91 -4.98 6.11 -39.37
C GLN G 91 -5.14 4.69 -38.88
N TYR G 92 -4.19 3.83 -39.23
CA TYR G 92 -4.13 2.48 -38.68
C TYR G 92 -2.81 2.25 -37.94
N SER G 93 -2.27 3.32 -37.34
CA SER G 93 -1.11 3.18 -36.46
C SER G 93 -1.43 2.36 -35.22
N SER G 94 -2.55 2.65 -34.57
CA SER G 94 -2.90 1.99 -33.32
C SER G 94 -4.40 2.09 -33.09
N SER G 95 -4.92 1.15 -32.29
CA SER G 95 -6.33 1.20 -31.93
C SER G 95 -6.57 2.30 -30.89
N PRO G 96 -7.72 3.02 -30.97
CA PRO G 96 -8.74 2.90 -32.02
C PRO G 96 -8.31 3.46 -33.36
N TYR G 97 -8.54 2.71 -34.43
CA TYR G 97 -8.27 3.22 -35.77
C TYR G 97 -9.33 4.27 -36.10
N THR G 98 -8.89 5.48 -36.38
CA THR G 98 -9.79 6.61 -36.43
C THR G 98 -9.86 7.17 -37.84
N PHE G 99 -11.02 7.73 -38.19
CA PHE G 99 -11.30 8.22 -39.53
C PHE G 99 -11.49 9.74 -39.52
N GLY G 100 -11.22 10.36 -40.66
CA GLY G 100 -11.66 11.71 -40.89
C GLY G 100 -13.18 11.79 -41.03
N GLN G 101 -13.69 13.00 -40.87
CA GLN G 101 -15.12 13.22 -40.94
C GLN G 101 -15.66 13.00 -42.36
N GLY G 102 -14.77 12.97 -43.34
CA GLY G 102 -15.12 12.74 -44.74
C GLY G 102 -15.16 14.03 -45.55
N THR G 103 -14.99 13.87 -46.86
CA THR G 103 -15.15 14.97 -47.80
C THR G 103 -16.03 14.47 -48.94
N LYS G 104 -17.20 15.10 -49.08
CA LYS G 104 -18.17 14.70 -50.07
C LYS G 104 -17.89 15.53 -51.32
N VAL G 105 -17.43 14.87 -52.38
CA VAL G 105 -17.07 15.55 -53.62
C VAL G 105 -18.28 15.54 -54.53
N GLU G 106 -18.82 16.72 -54.80
CA GLU G 106 -19.92 16.91 -55.75
C GLU G 106 -19.33 17.45 -57.04
N ILE G 107 -19.85 16.99 -58.17
CA ILE G 107 -19.39 17.43 -59.48
C ILE G 107 -20.23 18.63 -59.95
N LYS G 108 -19.55 19.65 -60.45
CA LYS G 108 -20.17 20.83 -61.03
C LYS G 108 -20.25 20.68 -62.53
N ARG G 109 -21.40 21.03 -63.11
CA ARG G 109 -21.60 20.92 -64.55
C ARG G 109 -22.50 22.05 -65.04
N THR G 110 -22.79 22.05 -66.35
CA THR G 110 -23.69 23.04 -66.90
C THR G 110 -25.13 22.83 -66.41
N VAL G 111 -25.94 23.89 -66.54
CA VAL G 111 -27.33 23.80 -66.08
C VAL G 111 -28.12 22.88 -67.01
N ALA G 112 -28.95 22.05 -66.40
CA ALA G 112 -29.88 21.20 -67.12
C ALA G 112 -31.25 21.42 -66.49
N ALA G 113 -32.23 21.82 -67.29
CA ALA G 113 -33.57 21.98 -66.78
C ALA G 113 -34.18 20.63 -66.41
N PRO G 114 -35.02 20.60 -65.38
CA PRO G 114 -35.70 19.35 -65.01
C PRO G 114 -36.90 19.06 -65.91
N SER G 115 -37.13 17.78 -66.15
CA SER G 115 -38.39 17.36 -66.76
C SER G 115 -39.38 17.07 -65.66
N VAL G 116 -40.54 17.70 -65.72
CA VAL G 116 -41.49 17.69 -64.62
C VAL G 116 -42.66 16.82 -65.03
N PHE G 117 -43.09 15.99 -64.09
CA PHE G 117 -44.20 15.06 -64.24
C PHE G 117 -45.02 15.11 -62.96
N ILE G 118 -46.32 14.93 -63.10
CA ILE G 118 -47.21 14.89 -61.95
C ILE G 118 -48.01 13.60 -61.98
N PHE G 119 -48.19 12.99 -60.82
CA PHE G 119 -48.91 11.74 -60.73
C PHE G 119 -50.05 11.91 -59.74
N PRO G 120 -51.29 11.78 -60.17
CA PRO G 120 -52.40 11.83 -59.24
C PRO G 120 -52.40 10.62 -58.33
N PRO G 121 -53.19 10.64 -57.27
CA PRO G 121 -53.27 9.46 -56.39
C PRO G 121 -54.08 8.35 -57.04
N SER G 122 -53.56 7.12 -56.91
CA SER G 122 -54.23 5.97 -57.48
C SER G 122 -55.60 5.76 -56.82
N ASP G 123 -56.57 5.30 -57.61
CA ASP G 123 -57.87 4.96 -57.03
C ASP G 123 -57.71 3.92 -55.94
N GLU G 124 -56.77 3.00 -56.12
CA GLU G 124 -56.52 1.95 -55.13
C GLU G 124 -56.15 2.55 -53.77
N GLN G 125 -55.31 3.59 -53.76
CA GLN G 125 -54.90 4.20 -52.51
C GLN G 125 -56.05 4.96 -51.85
N LEU G 126 -56.85 5.66 -52.66
CA LEU G 126 -57.94 6.47 -52.14
C LEU G 126 -58.88 5.67 -51.27
N LYS G 127 -59.16 4.41 -51.63
CA LYS G 127 -60.01 3.59 -50.79
C LYS G 127 -59.50 3.52 -49.37
N SER G 128 -58.16 3.52 -49.21
CA SER G 128 -57.56 3.35 -47.90
C SER G 128 -57.72 4.58 -47.01
N GLY G 129 -58.08 5.73 -47.59
CA GLY G 129 -58.35 6.92 -46.81
C GLY G 129 -57.36 8.05 -46.96
N THR G 130 -56.34 7.89 -47.80
CA THR G 130 -55.29 8.89 -47.96
C THR G 130 -55.01 9.12 -49.44
N ALA G 131 -54.47 10.29 -49.75
CA ALA G 131 -54.14 10.66 -51.12
C ALA G 131 -52.71 11.16 -51.16
N SER G 132 -51.92 10.55 -52.03
CA SER G 132 -50.54 10.95 -52.25
C SER G 132 -50.45 11.49 -53.66
N VAL G 133 -50.02 12.74 -53.79
CA VAL G 133 -49.77 13.37 -55.09
C VAL G 133 -48.26 13.49 -55.24
N VAL G 134 -47.73 13.01 -56.36
CA VAL G 134 -46.28 12.97 -56.55
C VAL G 134 -45.92 13.87 -57.72
N CYS G 135 -44.92 14.69 -57.52
CA CYS G 135 -44.32 15.49 -58.58
C CYS G 135 -42.88 15.03 -58.78
N LEU G 136 -42.49 14.90 -60.04
CA LEU G 136 -41.16 14.40 -60.38
C LEU G 136 -40.40 15.47 -61.14
N LEU G 137 -39.18 15.75 -60.69
CA LEU G 137 -38.21 16.57 -61.39
C LEU G 137 -37.08 15.64 -61.78
N ASN G 138 -36.81 15.53 -63.08
CA ASN G 138 -35.96 14.49 -63.62
C ASN G 138 -34.74 15.11 -64.30
N ASN G 139 -33.55 14.74 -63.80
CA ASN G 139 -32.26 14.94 -64.47
C ASN G 139 -31.96 16.41 -64.73
N PHE G 140 -31.80 17.12 -63.62
CA PHE G 140 -31.50 18.54 -63.62
C PHE G 140 -30.24 18.83 -62.82
N TYR G 141 -29.67 20.01 -63.07
CA TYR G 141 -28.56 20.54 -62.33
C TYR G 141 -28.68 22.04 -62.39
N PRO G 142 -28.37 22.77 -61.29
CA PRO G 142 -27.98 22.30 -59.96
C PRO G 142 -29.11 21.78 -59.10
N ARG G 143 -28.78 21.31 -57.88
CA ARG G 143 -29.80 20.66 -57.06
C ARG G 143 -30.82 21.65 -56.55
N GLU G 144 -30.45 22.91 -56.40
CA GLU G 144 -31.38 23.90 -55.86
C GLU G 144 -32.55 24.06 -56.81
N ALA G 145 -33.74 23.69 -56.35
CA ALA G 145 -34.98 23.92 -57.07
C ALA G 145 -36.08 24.15 -56.06
N LYS G 146 -37.09 24.91 -56.46
CA LYS G 146 -38.23 25.24 -55.60
C LYS G 146 -39.46 24.51 -56.13
N VAL G 147 -40.00 23.61 -55.32
CA VAL G 147 -41.17 22.82 -55.74
C VAL G 147 -42.32 23.17 -54.82
N GLN G 148 -43.36 23.75 -55.40
CA GLN G 148 -44.50 24.28 -54.67
C GLN G 148 -45.78 23.62 -55.17
N TRP G 149 -46.59 23.15 -54.21
CA TRP G 149 -47.91 22.59 -54.50
C TRP G 149 -48.99 23.68 -54.43
N LYS G 150 -49.88 23.68 -55.41
CA LYS G 150 -51.03 24.57 -55.43
C LYS G 150 -52.28 23.71 -55.48
N VAL G 151 -53.23 24.01 -54.63
CA VAL G 151 -54.51 23.31 -54.60
C VAL G 151 -55.59 24.37 -54.76
N ASP G 152 -56.14 24.46 -55.97
CA ASP G 152 -57.06 25.52 -56.31
C ASP G 152 -56.45 26.88 -56.01
N ASN G 153 -55.19 27.04 -56.47
CA ASN G 153 -54.41 28.26 -56.38
C ASN G 153 -53.92 28.56 -54.97
N ALA G 154 -54.32 27.77 -53.98
CA ALA G 154 -53.86 27.99 -52.61
C ALA G 154 -52.51 27.31 -52.38
N LEU G 155 -51.55 28.06 -51.90
CA LEU G 155 -50.25 27.47 -51.64
C LEU G 155 -50.32 26.60 -50.39
N GLN G 156 -49.71 25.41 -50.48
CA GLN G 156 -49.71 24.43 -49.41
C GLN G 156 -48.49 24.60 -48.52
N SER G 157 -48.67 24.40 -47.23
CA SER G 157 -47.52 24.33 -46.36
C SER G 157 -47.66 23.12 -45.43
N GLY G 158 -46.52 22.51 -45.12
CA GLY G 158 -46.46 21.48 -44.09
C GLY G 158 -47.00 20.12 -44.46
N ASN G 159 -47.39 19.90 -45.72
CA ASN G 159 -48.01 18.63 -46.09
C ASN G 159 -47.33 18.00 -47.29
N SER G 160 -46.08 18.34 -47.53
CA SER G 160 -45.31 17.71 -48.60
C SER G 160 -43.87 17.53 -48.11
N GLN G 161 -43.29 16.41 -48.48
CA GLN G 161 -41.89 16.11 -48.24
C GLN G 161 -41.26 15.82 -49.58
N GLU G 162 -39.98 16.12 -49.69
CA GLU G 162 -39.30 15.81 -50.92
C GLU G 162 -38.10 14.92 -50.63
N SER G 163 -37.65 14.28 -51.71
CA SER G 163 -36.51 13.40 -51.69
C SER G 163 -35.70 13.68 -52.95
N VAL G 164 -34.38 13.74 -52.79
CA VAL G 164 -33.51 13.98 -53.92
C VAL G 164 -32.54 12.81 -53.99
N THR G 165 -32.23 12.39 -55.22
CA THR G 165 -31.33 11.28 -55.49
C THR G 165 -29.89 11.71 -55.25
N GLU G 166 -29.00 10.73 -55.16
CA GLU G 166 -27.59 11.07 -55.14
C GLU G 166 -27.14 11.41 -56.55
N GLN G 167 -26.11 12.24 -56.63
CA GLN G 167 -25.62 12.73 -57.92
C GLN G 167 -25.27 11.58 -58.86
N ASP G 168 -25.74 11.70 -60.10
CA ASP G 168 -25.50 10.65 -61.09
C ASP G 168 -24.01 10.53 -61.40
N SER G 169 -23.58 9.28 -61.56
CA SER G 169 -22.18 8.97 -61.81
C SER G 169 -21.75 9.19 -63.25
N LYS G 170 -22.68 9.43 -64.17
CA LYS G 170 -22.33 9.63 -65.58
C LYS G 170 -22.64 11.03 -66.08
N ASP G 171 -23.82 11.57 -65.82
CA ASP G 171 -24.16 12.91 -66.28
C ASP G 171 -24.25 13.93 -65.15
N SER G 172 -23.92 13.53 -63.92
CA SER G 172 -23.81 14.45 -62.78
C SER G 172 -25.11 15.17 -62.47
N THR G 173 -26.24 14.65 -62.95
CA THR G 173 -27.51 15.31 -62.68
C THR G 173 -28.16 14.72 -61.44
N TYR G 174 -29.19 15.42 -60.99
CA TYR G 174 -30.04 15.01 -59.88
C TYR G 174 -31.46 14.77 -60.36
N SER G 175 -32.21 14.03 -59.55
CA SER G 175 -33.66 13.90 -59.67
C SER G 175 -34.29 14.10 -58.30
N LEU G 176 -35.48 14.67 -58.31
CA LEU G 176 -36.16 15.07 -57.09
C LEU G 176 -37.63 14.68 -57.15
N SER G 177 -38.17 14.31 -56.01
CA SER G 177 -39.58 13.95 -55.91
C SER G 177 -40.21 14.76 -54.78
N SER G 178 -41.35 15.38 -55.06
CA SER G 178 -42.14 16.04 -54.03
C SER G 178 -43.48 15.31 -53.91
N THR G 179 -43.85 14.98 -52.66
CA THR G 179 -45.06 14.19 -52.39
C THR G 179 -45.99 14.94 -51.45
N LEU G 180 -47.18 15.26 -51.95
CA LEU G 180 -48.24 15.87 -51.17
C LEU G 180 -49.19 14.79 -50.64
N THR G 181 -49.36 14.73 -49.33
CA THR G 181 -50.23 13.75 -48.69
C THR G 181 -51.40 14.48 -48.06
N LEU G 182 -52.61 14.17 -48.52
CA LEU G 182 -53.83 14.70 -47.96
C LEU G 182 -54.70 13.55 -47.51
N SER G 183 -55.63 13.85 -46.61
CA SER G 183 -56.66 12.88 -46.29
C SER G 183 -57.58 12.70 -47.49
N LYS G 184 -58.19 11.51 -47.59
CA LYS G 184 -59.19 11.29 -48.62
C LYS G 184 -60.22 12.40 -48.60
N ALA G 185 -60.69 12.75 -47.40
CA ALA G 185 -61.65 13.84 -47.25
C ALA G 185 -61.13 15.12 -47.87
N ASP G 186 -59.98 15.61 -47.37
CA ASP G 186 -59.47 16.89 -47.83
C ASP G 186 -59.24 16.87 -49.32
N TYR G 187 -58.72 15.76 -49.83
CA TYR G 187 -58.42 15.66 -51.26
C TYR G 187 -59.67 15.88 -52.12
N GLU G 188 -60.81 15.36 -51.68
CA GLU G 188 -62.03 15.49 -52.47
C GLU G 188 -62.74 16.82 -52.27
N LYS G 189 -62.14 17.75 -51.52
CA LYS G 189 -62.70 19.08 -51.34
C LYS G 189 -62.26 20.06 -52.42
N HIS G 190 -61.21 19.76 -53.16
CA HIS G 190 -60.61 20.68 -54.12
C HIS G 190 -60.47 20.02 -55.48
N LYS G 191 -60.27 20.83 -56.52
CA LYS G 191 -60.29 20.28 -57.88
C LYS G 191 -58.92 20.24 -58.55
N VAL G 192 -58.22 21.38 -58.60
CA VAL G 192 -56.99 21.51 -59.38
C VAL G 192 -55.80 21.31 -58.47
N TYR G 193 -54.95 20.34 -58.80
CA TYR G 193 -53.73 20.05 -58.06
C TYR G 193 -52.54 20.33 -58.95
N ALA G 194 -51.63 21.20 -58.50
CA ALA G 194 -50.55 21.68 -59.35
C ALA G 194 -49.20 21.60 -58.66
N CYS G 195 -48.20 21.22 -59.45
CA CYS G 195 -46.82 21.18 -59.04
C CYS G 195 -46.16 22.35 -59.75
N GLU G 196 -45.61 23.29 -58.97
CA GLU G 196 -45.03 24.51 -59.55
C GLU G 196 -43.54 24.55 -59.26
N VAL G 197 -42.74 24.41 -60.32
CA VAL G 197 -41.30 24.24 -60.24
C VAL G 197 -40.60 25.51 -60.75
N THR G 198 -39.71 26.07 -59.93
CA THR G 198 -38.80 27.10 -60.43
C THR G 198 -37.38 26.56 -60.28
N HIS G 199 -36.59 26.76 -61.31
CA HIS G 199 -35.25 26.21 -61.35
C HIS G 199 -34.46 27.06 -62.33
N GLN G 200 -33.14 27.05 -62.16
CA GLN G 200 -32.28 27.98 -62.89
C GLN G 200 -32.38 27.79 -64.40
N GLY G 201 -32.52 26.55 -64.85
CA GLY G 201 -32.60 26.20 -66.26
C GLY G 201 -33.95 26.36 -66.91
N LEU G 202 -34.91 26.98 -66.25
CA LEU G 202 -36.24 27.23 -66.81
C LEU G 202 -36.41 28.73 -67.00
N SER G 203 -36.68 29.17 -68.24
CA SER G 203 -36.86 30.60 -68.49
C SER G 203 -38.00 31.15 -67.65
N SER G 204 -39.12 30.45 -67.65
CA SER G 204 -40.26 30.77 -66.81
C SER G 204 -40.65 29.51 -66.06
N PRO G 205 -41.30 29.66 -64.89
CA PRO G 205 -41.63 28.49 -64.07
C PRO G 205 -42.58 27.51 -64.76
N VAL G 206 -42.36 26.24 -64.45
CA VAL G 206 -43.09 25.13 -65.07
C VAL G 206 -44.18 24.66 -64.12
N THR G 207 -45.38 24.48 -64.65
CA THR G 207 -46.51 23.99 -63.87
C THR G 207 -47.01 22.71 -64.51
N LYS G 208 -47.13 21.68 -63.71
CA LYS G 208 -47.83 20.48 -64.13
C LYS G 208 -48.99 20.29 -63.17
N SER G 209 -50.16 19.97 -63.71
CA SER G 209 -51.37 20.00 -62.92
C SER G 209 -52.35 18.97 -63.44
N PHE G 210 -53.33 18.63 -62.60
CA PHE G 210 -54.45 17.81 -63.03
C PHE G 210 -55.72 18.25 -62.32
N ASN G 211 -56.86 17.99 -62.93
CA ASN G 211 -58.16 18.10 -62.28
C ASN G 211 -58.57 16.74 -61.79
N ARG G 212 -58.93 16.66 -60.51
CA ARG G 212 -59.32 15.39 -59.92
C ARG G 212 -60.44 14.72 -60.73
N GLY G 213 -60.20 13.47 -61.13
CA GLY G 213 -61.07 12.75 -62.05
C GLY G 213 -60.83 13.02 -63.53
N GLU G 214 -59.74 12.49 -64.10
CA GLU G 214 -59.46 12.58 -65.53
C GLU G 214 -59.12 11.19 -66.09
N CYS G 215 -60.11 10.52 -66.72
CA CYS G 215 -59.87 9.21 -67.36
C CYS G 215 -58.71 9.27 -68.36
N GLU H 4 -7.19 27.52 41.71
CA GLU H 4 -8.00 26.35 42.06
C GLU H 4 -7.34 25.57 43.21
N VAL H 5 -7.23 24.26 43.08
CA VAL H 5 -6.83 23.41 44.20
C VAL H 5 -5.34 23.11 44.10
N GLN H 6 -4.65 23.11 45.26
CA GLN H 6 -3.22 22.85 45.37
C GLN H 6 -2.92 22.01 46.60
N LEU H 7 -1.91 21.15 46.48
CA LEU H 7 -1.35 20.40 47.60
C LEU H 7 0.16 20.52 47.59
N VAL H 8 0.75 20.77 48.75
CA VAL H 8 2.19 20.96 48.87
C VAL H 8 2.71 20.15 50.04
N GLU H 9 3.48 19.11 49.72
CA GLU H 9 4.17 18.30 50.71
C GLU H 9 5.42 19.02 51.21
N SER H 10 5.83 18.65 52.42
CA SER H 10 7.08 19.16 52.97
C SER H 10 7.47 18.28 54.15
N GLY H 11 8.74 18.41 54.55
CA GLY H 11 9.25 17.70 55.72
C GLY H 11 10.06 16.47 55.40
N GLY H 12 10.16 16.09 54.11
CA GLY H 12 10.94 14.94 53.76
C GLY H 12 12.44 15.21 53.80
N GLY H 13 13.21 14.13 53.86
CA GLY H 13 14.64 14.28 53.76
C GLY H 13 15.37 13.02 54.14
N LEU H 14 16.58 13.23 54.65
CA LEU H 14 17.46 12.13 54.99
C LEU H 14 17.25 11.80 56.46
N VAL H 15 17.07 10.53 56.74
CA VAL H 15 16.85 10.05 58.10
C VAL H 15 17.68 8.79 58.25
N GLN H 16 18.29 8.61 59.41
CA GLN H 16 18.96 7.35 59.68
C GLN H 16 17.94 6.25 59.92
N PRO H 17 18.32 4.99 59.67
CA PRO H 17 17.44 3.86 60.02
C PRO H 17 16.96 3.94 61.45
N GLY H 18 15.68 3.61 61.64
CA GLY H 18 15.08 3.71 62.94
C GLY H 18 14.63 5.10 63.31
N GLY H 19 15.00 6.10 62.52
CA GLY H 19 14.68 7.48 62.82
C GLY H 19 13.22 7.82 62.55
N SER H 20 12.84 9.01 62.99
CA SER H 20 11.51 9.55 62.84
C SER H 20 11.51 10.66 61.81
N LEU H 21 10.32 10.97 61.30
CA LEU H 21 10.15 12.02 60.32
C LEU H 21 8.69 12.41 60.31
N ARG H 22 8.40 13.69 60.14
CA ARG H 22 7.01 14.15 60.12
C ARG H 22 6.77 14.94 58.86
N LEU H 23 5.96 14.37 57.96
CA LEU H 23 5.59 15.01 56.72
C LEU H 23 4.40 15.93 56.94
N SER H 24 4.31 16.94 56.09
CA SER H 24 3.22 17.89 56.11
C SER H 24 2.68 18.00 54.71
N CYS H 25 1.38 18.22 54.62
CA CYS H 25 0.71 18.45 53.36
C CYS H 25 -0.16 19.69 53.52
N ALA H 26 0.19 20.75 52.81
CA ALA H 26 -0.55 22.01 52.91
C ALA H 26 -1.50 22.11 51.72
N ALA H 27 -2.79 22.23 52.03
CA ALA H 27 -3.84 22.24 51.02
C ALA H 27 -4.38 23.66 50.84
N SER H 28 -4.63 24.06 49.59
CA SER H 28 -5.30 25.30 49.34
C SER H 28 -6.21 25.17 48.12
N GLY H 29 -7.26 26.00 48.09
CA GLY H 29 -8.31 25.92 47.11
C GLY H 29 -9.50 25.12 47.55
N PHE H 30 -9.40 24.43 48.68
CA PHE H 30 -10.48 23.61 49.19
C PHE H 30 -10.26 23.39 50.69
N TYR H 31 -11.35 23.07 51.38
CA TYR H 31 -11.29 22.76 52.80
C TYR H 31 -11.15 21.26 52.95
N ILE H 32 -10.09 20.81 53.65
CA ILE H 32 -9.87 19.37 53.80
C ILE H 32 -10.95 18.74 54.67
N SER H 33 -11.65 19.52 55.50
CA SER H 33 -12.71 18.92 56.32
C SER H 33 -13.82 18.33 55.47
N TYR H 34 -13.93 18.72 54.20
CA TYR H 34 -14.94 18.18 53.30
C TYR H 34 -14.34 17.25 52.25
N SER H 35 -13.15 16.69 52.53
CA SER H 35 -12.50 15.76 51.62
C SER H 35 -11.77 14.71 52.45
N SER H 36 -11.00 13.87 51.76
CA SER H 36 -10.11 12.92 52.38
C SER H 36 -8.72 13.12 51.80
N ILE H 37 -7.71 13.00 52.65
CA ILE H 37 -6.31 13.18 52.24
C ILE H 37 -5.58 11.87 52.40
N HIS H 38 -4.82 11.49 51.39
CA HIS H 38 -4.07 10.24 51.36
C HIS H 38 -2.58 10.53 51.23
N TRP H 39 -1.78 9.63 51.78
CA TRP H 39 -0.35 9.56 51.48
C TRP H 39 -0.11 8.36 50.58
N VAL H 40 0.59 8.60 49.47
CA VAL H 40 0.96 7.56 48.53
C VAL H 40 2.45 7.71 48.30
N ARG H 41 3.18 6.60 48.37
CA ARG H 41 4.63 6.66 48.22
C ARG H 41 5.06 5.87 47.00
N GLN H 42 6.18 6.29 46.41
CA GLN H 42 6.76 5.63 45.24
C GLN H 42 8.24 5.37 45.53
N ALA H 43 8.59 4.13 45.87
CA ALA H 43 10.01 3.79 46.02
C ALA H 43 10.71 4.06 44.70
N PRO H 44 11.97 4.47 44.76
CA PRO H 44 12.63 4.94 43.53
C PRO H 44 12.70 3.83 42.49
N GLY H 45 12.14 4.12 41.31
CA GLY H 45 12.08 3.15 40.24
C GLY H 45 10.93 2.16 40.29
N LYS H 46 10.06 2.24 41.25
CA LYS H 46 8.99 1.27 41.39
C LYS H 46 7.65 1.99 41.25
N GLY H 47 6.57 1.29 41.60
CA GLY H 47 5.23 1.80 41.41
C GLY H 47 4.67 2.55 42.60
N LEU H 48 3.34 2.67 42.61
CA LEU H 48 2.61 3.45 43.60
C LEU H 48 2.08 2.55 44.71
N GLU H 49 2.23 2.99 45.95
CA GLU H 49 1.74 2.26 47.11
C GLU H 49 1.05 3.25 48.04
N TRP H 50 -0.27 3.08 48.21
CA TRP H 50 -1.02 3.84 49.19
C TRP H 50 -0.59 3.41 50.58
N VAL H 51 -0.42 4.38 51.49
CA VAL H 51 -0.03 4.00 52.85
C VAL H 51 -1.07 4.43 53.88
N ALA H 52 -1.78 5.52 53.64
CA ALA H 52 -2.66 6.01 54.69
C ALA H 52 -3.63 7.04 54.13
N SER H 53 -4.79 7.12 54.75
CA SER H 53 -5.78 8.12 54.37
C SER H 53 -6.44 8.64 55.63
N ILE H 54 -6.96 9.87 55.55
CA ILE H 54 -7.67 10.45 56.67
C ILE H 54 -8.84 11.26 56.14
N SER H 55 -9.97 11.21 56.84
CA SER H 55 -11.17 11.95 56.47
C SER H 55 -11.53 12.89 57.62
N PRO H 56 -11.18 14.18 57.52
CA PRO H 56 -11.30 15.07 58.69
C PRO H 56 -12.70 15.22 59.26
N SER H 57 -13.77 15.32 58.45
CA SER H 57 -15.08 15.45 59.09
C SER H 57 -15.69 14.10 59.47
N SER H 58 -14.85 13.06 59.59
CA SER H 58 -15.21 11.79 60.21
C SER H 58 -14.21 11.38 61.26
N GLY H 59 -13.04 11.99 61.28
CA GLY H 59 -11.94 11.54 62.11
C GLY H 59 -11.31 10.23 61.69
N SER H 60 -11.95 9.46 60.81
CA SER H 60 -11.49 8.11 60.48
C SER H 60 -10.10 8.16 59.83
N THR H 61 -9.27 7.19 60.19
CA THR H 61 -7.96 7.00 59.60
C THR H 61 -7.83 5.56 59.14
N TYR H 62 -7.14 5.36 58.03
CA TYR H 62 -6.91 4.01 57.49
C TYR H 62 -5.47 3.89 57.04
N TYR H 63 -4.90 2.70 57.21
CA TYR H 63 -3.48 2.49 57.00
C TYR H 63 -3.23 1.20 56.24
N ALA H 64 -2.18 1.22 55.42
CA ALA H 64 -1.72 0.01 54.76
C ALA H 64 -0.94 -0.83 55.75
N ASP H 65 -1.04 -2.16 55.60
CA ASP H 65 -0.39 -3.07 56.56
C ASP H 65 1.10 -2.82 56.65
N SER H 66 1.73 -2.37 55.56
CA SER H 66 3.16 -2.14 55.59
C SER H 66 3.56 -0.99 56.51
N VAL H 67 2.62 -0.13 56.91
CA VAL H 67 2.94 0.99 57.80
C VAL H 67 2.20 0.92 59.12
N LYS H 68 1.32 -0.06 59.32
CA LYS H 68 0.53 -0.17 60.54
C LYS H 68 1.43 -0.06 61.76
N GLY H 69 1.12 0.91 62.62
CA GLY H 69 1.82 1.06 63.88
C GLY H 69 3.03 1.95 63.86
N ARG H 70 3.77 2.00 62.75
CA ARG H 70 4.87 2.93 62.62
C ARG H 70 4.45 4.31 62.12
N PHE H 71 3.43 4.38 61.28
CA PHE H 71 2.97 5.65 60.72
C PHE H 71 1.63 6.02 61.34
N THR H 72 1.45 7.30 61.65
CA THR H 72 0.14 7.80 62.00
C THR H 72 -0.15 9.02 61.16
N ILE H 73 -1.34 9.04 60.56
CA ILE H 73 -1.83 10.16 59.75
C ILE H 73 -2.75 11.01 60.62
N SER H 74 -2.70 12.33 60.41
CA SER H 74 -3.42 13.29 61.24
C SER H 74 -3.73 14.52 60.41
N ALA H 75 -4.57 15.40 60.95
CA ALA H 75 -4.89 16.61 60.21
C ALA H 75 -5.20 17.74 61.19
N ASP H 76 -4.90 18.95 60.76
CA ASP H 76 -5.28 20.17 61.47
C ASP H 76 -6.19 20.94 60.53
N THR H 77 -7.49 20.90 60.82
CA THR H 77 -8.48 21.56 59.96
C THR H 77 -8.27 23.06 59.92
N SER H 78 -7.89 23.67 61.05
CA SER H 78 -7.73 25.13 61.08
C SER H 78 -6.59 25.57 60.19
N LYS H 79 -5.49 24.82 60.19
CA LYS H 79 -4.37 25.06 59.30
C LYS H 79 -4.57 24.45 57.93
N ASN H 80 -5.62 23.65 57.73
CA ASN H 80 -5.93 23.08 56.43
C ASN H 80 -4.74 22.27 55.91
N THR H 81 -4.09 21.55 56.82
CA THR H 81 -2.96 20.70 56.44
C THR H 81 -3.10 19.32 57.08
N ALA H 82 -2.48 18.33 56.43
CA ALA H 82 -2.43 16.96 56.90
C ALA H 82 -0.98 16.56 57.15
N TYR H 83 -0.81 15.50 57.93
CA TYR H 83 0.52 15.10 58.43
C TYR H 83 0.69 13.60 58.33
N LEU H 84 1.93 13.17 58.11
CA LEU H 84 2.32 11.77 58.23
C LEU H 84 3.49 11.67 59.21
N GLN H 85 3.26 10.96 60.32
CA GLN H 85 4.26 10.75 61.37
C GLN H 85 4.87 9.36 61.19
N MET H 86 6.15 9.33 60.88
CA MET H 86 6.85 8.09 60.57
C MET H 86 7.84 7.77 61.68
N ASN H 87 7.63 6.64 62.35
CA ASN H 87 8.58 6.14 63.34
C ASN H 87 9.24 4.87 62.82
N SER H 88 10.37 4.52 63.43
CA SER H 88 11.07 3.27 63.15
C SER H 88 11.31 3.08 61.64
N LEU H 89 11.73 4.14 60.98
CA LEU H 89 11.87 4.11 59.53
C LEU H 89 12.90 3.08 59.11
N ARG H 90 12.73 2.55 57.89
CA ARG H 90 13.58 1.51 57.35
C ARG H 90 13.91 1.85 55.91
N ALA H 91 14.87 1.13 55.35
CA ALA H 91 15.29 1.43 53.99
C ALA H 91 14.15 1.22 52.99
N GLU H 92 13.27 0.24 53.23
CA GLU H 92 12.13 0.09 52.32
C GLU H 92 11.19 1.28 52.37
N ASP H 93 11.29 2.13 53.41
CA ASP H 93 10.46 3.32 53.45
C ASP H 93 11.00 4.45 52.58
N THR H 94 12.20 4.30 52.04
CA THR H 94 12.73 5.29 51.10
C THR H 94 11.83 5.34 49.87
N ALA H 95 11.37 6.54 49.54
CA ALA H 95 10.39 6.76 48.48
C ALA H 95 10.14 8.25 48.37
N VAL H 96 9.49 8.63 47.28
CA VAL H 96 8.80 9.92 47.25
C VAL H 96 7.43 9.72 47.89
N TYR H 97 7.08 10.59 48.81
CA TYR H 97 5.77 10.52 49.46
C TYR H 97 4.87 11.58 48.82
N TYR H 98 3.81 11.12 48.15
CA TYR H 98 2.84 12.02 47.55
C TYR H 98 1.67 12.22 48.48
N CYS H 99 1.08 13.40 48.36
CA CYS H 99 -0.11 13.76 49.07
C CYS H 99 -1.23 13.77 48.05
N ALA H 100 -2.39 13.21 48.42
CA ALA H 100 -3.45 13.16 47.43
C ALA H 100 -4.81 13.32 48.09
N ARG H 101 -5.70 13.95 47.35
CA ARG H 101 -7.03 14.29 47.76
C ARG H 101 -8.02 13.34 47.12
N SER H 102 -9.04 12.93 47.87
CA SER H 102 -10.20 12.24 47.31
C SER H 102 -11.45 12.71 48.05
N ARG H 103 -12.58 12.58 47.36
CA ARG H 103 -13.91 12.76 47.93
C ARG H 103 -14.70 11.48 47.66
N TYR H 104 -15.71 11.23 48.49
CA TYR H 104 -16.50 10.01 48.31
C TYR H 104 -17.99 10.33 48.29
N SER H 105 -18.42 11.37 49.01
CA SER H 105 -19.84 11.67 49.12
C SER H 105 -20.33 12.53 47.96
N ARG H 106 -19.59 13.58 47.59
CA ARG H 106 -20.06 14.48 46.54
C ARG H 106 -19.75 13.88 45.18
N TYR H 107 -18.48 13.59 44.91
CA TYR H 107 -18.12 12.74 43.80
C TYR H 107 -17.27 11.57 44.30
N ARG H 108 -16.99 10.62 43.41
CA ARG H 108 -16.09 9.48 43.65
C ARG H 108 -15.15 9.44 42.45
N ARG H 109 -14.05 10.20 42.50
CA ARG H 109 -13.17 10.29 41.34
C ARG H 109 -11.77 9.75 41.61
N GLY H 110 -11.62 8.87 42.60
CA GLY H 110 -10.29 8.45 42.99
C GLY H 110 -9.50 9.57 43.67
N PHE H 111 -8.21 9.56 43.42
CA PHE H 111 -7.27 10.57 43.92
C PHE H 111 -7.17 11.64 42.83
N ASP H 112 -8.09 12.61 42.85
CA ASP H 112 -8.20 13.50 41.71
C ASP H 112 -7.16 14.62 41.72
N TYR H 113 -6.46 14.83 42.83
CA TYR H 113 -5.36 15.78 42.76
C TYR H 113 -4.20 15.31 43.62
N TRP H 114 -3.00 15.44 43.06
CA TRP H 114 -1.79 15.01 43.72
C TRP H 114 -0.82 16.17 43.87
N GLY H 115 -0.11 16.20 45.01
CA GLY H 115 1.02 17.07 45.16
C GLY H 115 2.21 16.57 44.36
N GLN H 116 3.29 17.34 44.41
CA GLN H 116 4.47 16.96 43.65
C GLN H 116 5.45 16.09 44.43
N GLY H 117 5.16 15.77 45.67
CA GLY H 117 5.94 14.77 46.38
C GLY H 117 7.16 15.34 47.06
N THR H 118 7.50 14.72 48.18
CA THR H 118 8.72 15.01 48.94
C THR H 118 9.50 13.71 49.11
N LEU H 119 10.82 13.78 48.96
CA LEU H 119 11.66 12.59 48.96
C LEU H 119 12.13 12.27 50.37
N VAL H 120 11.92 11.02 50.77
CA VAL H 120 12.37 10.54 52.06
C VAL H 120 13.46 9.49 51.80
N THR H 121 14.68 9.77 52.28
CA THR H 121 15.83 8.89 52.09
C THR H 121 16.25 8.34 53.44
N VAL H 122 16.24 7.03 53.56
CA VAL H 122 16.61 6.35 54.79
C VAL H 122 17.97 5.72 54.57
N SER H 123 18.96 6.23 55.30
CA SER H 123 20.34 5.87 55.06
C SER H 123 21.13 6.28 56.28
N SER H 124 22.25 5.61 56.50
CA SER H 124 23.17 6.07 57.52
C SER H 124 24.25 6.98 56.93
N ALA H 125 24.27 7.17 55.61
CA ALA H 125 25.12 8.18 55.03
C ALA H 125 24.64 9.58 55.40
N SER H 126 25.54 10.53 55.32
CA SER H 126 25.28 11.90 55.74
C SER H 126 25.03 12.86 54.59
N THR H 127 24.52 14.03 54.96
CA THR H 127 24.31 15.11 54.00
C THR H 127 25.65 15.63 53.53
N LYS H 128 25.77 15.85 52.23
CA LYS H 128 27.01 16.39 51.66
C LYS H 128 26.66 17.26 50.45
N GLY H 129 27.26 18.43 50.37
CA GLY H 129 26.99 19.36 49.30
C GLY H 129 27.85 19.09 48.07
N PRO H 130 27.34 19.43 46.90
CA PRO H 130 28.05 19.11 45.66
C PRO H 130 29.22 20.04 45.39
N SER H 131 30.06 19.60 44.46
CA SER H 131 31.02 20.45 43.78
C SER H 131 30.40 20.75 42.42
N VAL H 132 30.45 22.01 42.00
CA VAL H 132 29.88 22.43 40.72
C VAL H 132 31.03 22.85 39.81
N PHE H 133 31.31 22.07 38.82
CA PHE H 133 32.36 22.37 37.87
C PHE H 133 31.78 22.66 36.50
N PRO H 134 32.38 23.57 35.74
CA PRO H 134 31.86 23.90 34.40
C PRO H 134 32.27 22.89 33.35
N LEU H 135 31.41 22.74 32.36
CA LEU H 135 31.70 21.94 31.17
C LEU H 135 31.80 22.93 30.01
N ALA H 136 33.00 23.40 29.76
CA ALA H 136 33.22 24.51 28.86
C ALA H 136 33.06 24.06 27.42
N PRO H 137 32.47 24.90 26.58
CA PRO H 137 32.31 24.54 25.16
C PRO H 137 33.66 24.21 24.55
N SER H 138 33.75 23.05 23.92
CA SER H 138 34.97 22.61 23.28
C SER H 138 35.56 23.79 22.51
N SER H 139 36.87 23.99 22.65
CA SER H 139 37.54 25.10 21.98
C SER H 139 37.80 24.83 20.49
N LYS H 140 37.77 23.57 20.05
CA LYS H 140 37.88 23.31 18.61
C LYS H 140 36.59 23.61 17.86
N SER H 141 35.53 22.84 18.11
CA SER H 141 34.33 22.96 17.28
C SER H 141 33.19 22.20 17.95
N THR H 142 32.00 22.30 17.35
CA THR H 142 30.74 21.72 17.84
C THR H 142 29.87 21.39 16.63
N SER H 143 28.56 21.24 16.85
CA SER H 143 27.61 20.71 15.87
C SER H 143 26.80 21.80 15.15
N GLY H 144 27.27 22.21 13.97
CA GLY H 144 26.47 22.96 13.02
C GLY H 144 25.96 24.34 13.41
N GLY H 145 26.84 25.24 13.84
CA GLY H 145 26.40 26.53 14.34
C GLY H 145 25.81 26.52 15.73
N THR H 146 25.75 25.35 16.36
CA THR H 146 25.24 25.22 17.73
C THR H 146 26.31 24.63 18.66
N ALA H 147 26.53 25.29 19.79
CA ALA H 147 27.51 24.85 20.77
C ALA H 147 26.81 24.19 21.94
N ALA H 148 27.57 23.40 22.69
CA ALA H 148 27.06 22.75 23.89
C ALA H 148 28.01 23.04 25.05
N LEU H 149 27.42 23.31 26.20
CA LEU H 149 28.12 23.62 27.42
C LEU H 149 27.27 23.09 28.55
N GLY H 150 27.85 23.04 29.74
CA GLY H 150 27.07 22.50 30.82
C GLY H 150 27.73 22.69 32.17
N CYS H 151 27.20 21.96 33.15
CA CYS H 151 27.67 22.01 34.51
C CYS H 151 27.68 20.60 35.07
N LEU H 152 28.78 20.22 35.69
CA LEU H 152 28.91 18.95 36.37
C LEU H 152 28.67 19.17 37.87
N VAL H 153 27.63 18.53 38.41
CA VAL H 153 27.26 18.65 39.81
C VAL H 153 27.67 17.35 40.49
N LYS H 154 28.79 17.34 41.22
CA LYS H 154 29.46 16.10 41.62
C LYS H 154 29.51 15.94 43.14
N ASP H 155 29.34 14.69 43.59
CA ASP H 155 29.59 14.25 44.98
C ASP H 155 28.65 14.91 45.98
N TYR H 156 27.37 14.69 45.80
CA TYR H 156 26.38 15.21 46.74
C TYR H 156 25.50 14.07 47.29
N PHE H 157 24.89 14.34 48.44
CA PHE H 157 23.98 13.36 48.99
C PHE H 157 23.14 14.10 50.01
N PRO H 158 21.85 13.80 50.12
CA PRO H 158 21.17 12.85 49.25
C PRO H 158 20.59 13.58 48.05
N GLU H 159 19.81 12.89 47.20
CA GLU H 159 18.98 13.57 46.22
C GLU H 159 17.92 14.43 46.93
N PRO H 160 17.38 15.43 46.23
CA PRO H 160 17.67 15.92 44.89
C PRO H 160 18.46 17.22 44.90
N VAL H 161 18.92 17.60 43.72
CA VAL H 161 19.42 18.94 43.47
C VAL H 161 18.61 19.53 42.34
N THR H 162 18.59 20.85 42.31
CA THR H 162 17.96 21.66 41.30
C THR H 162 19.02 22.30 40.41
N VAL H 163 18.80 22.29 39.10
CA VAL H 163 19.68 23.01 38.18
C VAL H 163 18.82 23.80 37.20
N SER H 164 18.90 25.11 37.29
CA SER H 164 18.36 26.04 36.29
C SER H 164 19.50 26.74 35.57
N TRP H 165 19.16 27.39 34.47
CA TRP H 165 20.15 28.12 33.70
C TRP H 165 19.76 29.59 33.57
N ASN H 166 20.73 30.47 33.85
CA ASN H 166 20.54 31.91 33.71
C ASN H 166 19.38 32.43 34.57
N SER H 167 19.37 32.00 35.83
CA SER H 167 18.34 32.41 36.79
C SER H 167 16.96 32.30 36.17
N GLY H 168 16.73 31.14 35.54
CA GLY H 168 15.44 30.82 34.98
C GLY H 168 15.19 31.30 33.57
N ALA H 169 16.08 32.10 33.00
CA ALA H 169 15.85 32.64 31.66
C ALA H 169 16.11 31.64 30.54
N LEU H 170 16.80 30.53 30.80
CA LEU H 170 17.26 29.61 29.77
C LEU H 170 16.67 28.24 30.05
N THR H 171 15.72 27.79 29.22
CA THR H 171 15.16 26.47 29.47
C THR H 171 15.25 25.65 28.19
N SER H 172 15.17 26.30 27.05
CA SER H 172 15.19 25.61 25.77
C SER H 172 16.54 24.97 25.51
N GLY H 173 16.54 23.67 25.26
CA GLY H 173 17.77 22.97 24.96
C GLY H 173 18.46 22.37 26.15
N VAL H 174 17.88 22.45 27.31
CA VAL H 174 18.53 21.96 28.50
C VAL H 174 18.23 20.48 28.63
N HIS H 175 19.27 19.72 28.99
CA HIS H 175 19.12 18.38 29.54
C HIS H 175 19.81 18.33 30.87
N THR H 176 19.04 18.12 31.92
CA THR H 176 19.62 17.82 33.22
C THR H 176 19.50 16.31 33.42
N PHE H 177 20.62 15.64 33.40
CA PHE H 177 20.56 14.19 33.41
C PHE H 177 20.14 13.69 34.79
N PRO H 178 19.51 12.53 34.84
CA PRO H 178 19.24 11.90 36.14
C PRO H 178 20.53 11.55 36.86
N ALA H 179 20.51 11.70 38.18
CA ALA H 179 21.69 11.41 38.98
C ALA H 179 22.06 9.93 38.85
N VAL H 180 23.33 9.65 39.08
CA VAL H 180 23.79 8.29 39.19
C VAL H 180 24.54 8.19 40.50
N LEU H 181 24.36 7.07 41.16
CA LEU H 181 25.10 6.82 42.38
C LEU H 181 26.48 6.33 41.94
N GLN H 182 27.51 7.11 42.28
CA GLN H 182 28.87 6.71 41.97
C GLN H 182 29.29 5.56 42.87
N SER H 183 30.44 4.96 42.58
CA SER H 183 30.90 3.85 43.42
C SER H 183 31.19 4.30 44.84
N SER H 184 31.51 5.59 45.01
CA SER H 184 31.75 6.16 46.33
C SER H 184 30.50 6.23 47.19
N GLY H 185 29.33 6.10 46.60
CA GLY H 185 28.08 6.32 47.32
C GLY H 185 27.57 7.73 47.28
N LEU H 186 28.17 8.59 46.47
CA LEU H 186 27.68 9.95 46.28
C LEU H 186 27.12 10.13 44.87
N TYR H 187 26.12 10.99 44.75
CA TYR H 187 25.53 11.23 43.45
C TYR H 187 26.36 12.22 42.63
N SER H 188 26.11 12.22 41.32
CA SER H 188 26.79 13.13 40.39
C SER H 188 26.03 13.24 39.06
N LEU H 189 25.60 14.45 38.69
CA LEU H 189 24.89 14.62 37.44
C LEU H 189 25.52 15.76 36.69
N SER H 190 25.09 15.90 35.44
CA SER H 190 25.45 17.03 34.61
C SER H 190 24.18 17.62 34.05
N SER H 191 24.19 18.93 33.92
CA SER H 191 23.18 19.63 33.16
C SER H 191 23.89 20.23 31.96
N VAL H 192 23.34 20.01 30.76
CA VAL H 192 23.91 20.54 29.54
C VAL H 192 22.88 21.37 28.81
N VAL H 193 23.35 22.25 27.95
CA VAL H 193 22.47 23.05 27.10
C VAL H 193 23.17 23.27 25.77
N THR H 194 22.41 23.21 24.68
CA THR H 194 22.90 23.64 23.38
C THR H 194 22.38 25.05 23.14
N VAL H 195 23.24 25.89 22.57
CA VAL H 195 22.98 27.30 22.32
C VAL H 195 23.62 27.66 20.99
N PRO H 196 23.18 28.74 20.36
CA PRO H 196 23.88 29.19 19.14
C PRO H 196 25.32 29.52 19.49
N SER H 197 26.23 29.14 18.60
CA SER H 197 27.66 29.37 18.81
C SER H 197 27.98 30.85 18.84
N SER H 198 27.18 31.64 18.13
CA SER H 198 27.37 33.07 18.08
C SER H 198 27.01 33.74 19.40
N SER H 199 26.31 33.04 20.28
CA SER H 199 25.96 33.58 21.58
C SER H 199 27.10 33.48 22.60
N LEU H 200 28.15 32.72 22.31
CA LEU H 200 29.15 32.51 23.35
C LEU H 200 29.90 33.79 23.67
N GLY H 201 29.98 34.71 22.72
CA GLY H 201 30.59 36.00 22.96
C GLY H 201 29.62 37.10 23.31
N THR H 202 28.32 36.79 23.43
CA THR H 202 27.32 37.80 23.72
C THR H 202 26.44 37.43 24.91
N GLN H 203 26.22 36.15 25.14
CA GLN H 203 25.37 35.74 26.23
C GLN H 203 26.21 35.07 27.30
N THR H 204 25.94 35.39 28.55
CA THR H 204 26.61 34.74 29.65
C THR H 204 25.74 33.58 30.13
N TYR H 205 26.35 32.41 30.27
CA TYR H 205 25.64 31.23 30.71
C TYR H 205 26.11 30.93 32.12
N ILE H 206 25.16 30.92 33.06
CA ILE H 206 25.40 30.56 34.46
C ILE H 206 24.42 29.45 34.80
N CYS H 207 24.91 28.37 35.40
CA CYS H 207 24.04 27.33 35.93
C CYS H 207 23.83 27.58 37.42
N ASN H 208 22.58 27.48 37.86
CA ASN H 208 22.21 27.75 39.24
C ASN H 208 21.89 26.42 39.92
N VAL H 209 22.75 26.03 40.85
CA VAL H 209 22.67 24.74 41.50
C VAL H 209 22.24 24.97 42.94
N ASN H 210 21.20 24.25 43.37
CA ASN H 210 20.67 24.36 44.72
C ASN H 210 20.49 22.95 45.28
N HIS H 211 21.23 22.66 46.33
CA HIS H 211 21.12 21.41 47.06
C HIS H 211 20.60 21.77 48.45
N LYS H 212 19.28 21.71 48.60
CA LYS H 212 18.67 22.14 49.84
C LYS H 212 19.13 21.33 51.05
N PRO H 213 19.31 20.00 50.96
CA PRO H 213 19.71 19.25 52.17
C PRO H 213 20.94 19.78 52.86
N SER H 214 21.89 20.37 52.13
CA SER H 214 23.13 20.91 52.69
C SER H 214 23.26 22.42 52.58
N ASN H 215 22.21 23.12 52.14
CA ASN H 215 22.25 24.57 51.89
C ASN H 215 23.45 24.95 51.04
N THR H 216 23.49 24.38 49.85
CA THR H 216 24.60 24.61 48.92
C THR H 216 23.98 25.27 47.71
N LYS H 217 24.25 26.56 47.53
CA LYS H 217 23.83 27.25 46.33
C LYS H 217 25.07 27.74 45.60
N VAL H 218 25.24 27.30 44.35
CA VAL H 218 26.35 27.72 43.50
C VAL H 218 25.75 28.28 42.23
N ASP H 219 26.17 29.49 41.87
CA ASP H 219 25.88 30.03 40.56
C ASP H 219 27.21 30.00 39.84
N LYS H 220 27.32 29.17 38.81
CA LYS H 220 28.58 28.92 38.14
C LYS H 220 28.55 29.53 36.75
N LYS H 221 29.51 30.39 36.49
CA LYS H 221 29.68 30.91 35.14
C LYS H 221 30.40 29.85 34.32
N VAL H 222 29.85 29.55 33.14
CA VAL H 222 30.43 28.59 32.20
C VAL H 222 30.92 29.38 30.99
N GLU H 223 32.23 29.50 30.85
CA GLU H 223 32.87 30.27 29.79
C GLU H 223 33.70 29.37 28.90
N PRO H 224 33.94 29.78 27.66
CA PRO H 224 34.90 29.07 26.82
C PRO H 224 36.30 29.09 27.42
N LYS H 225 37.04 28.00 27.21
CA LYS H 225 38.39 27.95 27.77
C LYS H 225 39.40 28.57 26.79
N SER I 1 -10.01 -10.04 51.15
CA SER I 1 -8.59 -9.99 50.86
C SER I 1 -8.22 -8.80 49.99
N ASP I 2 -7.10 -8.15 50.30
CA ASP I 2 -6.59 -7.01 49.55
C ASP I 2 -6.75 -7.22 48.05
N ILE I 3 -7.57 -6.37 47.42
CA ILE I 3 -7.78 -6.48 45.97
C ILE I 3 -6.49 -6.22 45.23
N GLN I 4 -6.18 -7.11 44.28
CA GLN I 4 -4.98 -7.00 43.47
C GLN I 4 -5.30 -6.66 42.01
N MET I 5 -4.77 -5.54 41.54
CA MET I 5 -4.98 -5.07 40.18
C MET I 5 -3.80 -5.52 39.33
N THR I 6 -4.06 -6.39 38.36
CA THR I 6 -3.01 -6.99 37.54
C THR I 6 -3.03 -6.30 36.19
N GLN I 7 -2.01 -5.49 35.94
CA GLN I 7 -1.96 -4.63 34.77
C GLN I 7 -0.99 -5.20 33.74
N SER I 8 -1.39 -5.15 32.48
CA SER I 8 -0.55 -5.56 31.37
C SER I 8 -0.78 -4.56 30.25
N PRO I 9 0.20 -4.38 29.36
CA PRO I 9 1.51 -5.01 29.42
C PRO I 9 2.45 -4.23 30.34
N SER I 10 3.66 -4.74 30.57
CA SER I 10 4.60 -4.00 31.41
C SER I 10 5.11 -2.75 30.70
N SER I 11 5.39 -2.87 29.41
CA SER I 11 5.85 -1.77 28.60
C SER I 11 5.52 -2.07 27.14
N LEU I 12 5.37 -0.99 26.36
CA LEU I 12 5.06 -1.15 24.95
C LEU I 12 5.63 0.04 24.22
N SER I 13 5.87 -0.14 22.94
CA SER I 13 6.32 0.95 22.08
C SER I 13 5.38 1.09 20.89
N ALA I 14 4.98 2.33 20.61
CA ALA I 14 4.01 2.58 19.56
C ALA I 14 4.35 3.90 18.88
N SER I 15 3.90 4.04 17.64
CA SER I 15 4.12 5.24 16.84
C SER I 15 3.04 6.28 17.08
N VAL I 16 3.38 7.53 16.75
CA VAL I 16 2.42 8.63 16.80
C VAL I 16 1.25 8.33 15.89
N GLY I 17 0.04 8.56 16.38
CA GLY I 17 -1.18 8.29 15.65
C GLY I 17 -1.73 6.89 15.83
N ASP I 18 -0.99 6.01 16.50
CA ASP I 18 -1.38 4.65 16.79
C ASP I 18 -2.34 4.58 17.97
N ARG I 19 -2.99 3.43 18.09
CA ARG I 19 -3.91 3.14 19.18
C ARG I 19 -3.15 2.32 20.22
N VAL I 20 -2.98 2.87 21.42
CA VAL I 20 -2.37 2.17 22.55
C VAL I 20 -3.47 1.63 23.44
N THR I 21 -3.35 0.37 23.85
CA THR I 21 -4.36 -0.28 24.69
C THR I 21 -3.70 -0.88 25.93
N ILE I 22 -4.16 -0.48 27.09
CA ILE I 22 -3.64 -0.95 28.37
C ILE I 22 -4.79 -1.55 29.15
N THR I 23 -4.54 -2.69 29.76
CA THR I 23 -5.60 -3.42 30.45
C THR I 23 -5.21 -3.65 31.89
N CYS I 24 -6.22 -3.89 32.71
CA CYS I 24 -6.04 -4.06 34.14
C CYS I 24 -7.11 -5.03 34.60
N ARG I 25 -6.73 -6.06 35.35
CA ARG I 25 -7.68 -7.09 35.76
C ARG I 25 -7.83 -7.09 37.27
N ALA I 26 -8.99 -6.66 37.74
CA ALA I 26 -9.23 -6.63 39.17
C ALA I 26 -9.41 -8.05 39.65
N SER I 27 -8.77 -8.41 40.77
CA SER I 27 -8.86 -9.79 41.19
C SER I 27 -10.22 -10.12 41.77
N GLN I 28 -10.90 -9.17 42.39
CA GLN I 28 -12.20 -9.48 43.00
C GLN I 28 -13.32 -8.44 42.99
N SER I 29 -13.77 -8.03 41.80
CA SER I 29 -14.91 -7.13 41.69
C SER I 29 -14.81 -5.80 42.43
N VAL I 30 -14.07 -4.89 41.88
CA VAL I 30 -14.33 -3.49 42.12
C VAL I 30 -15.46 -3.16 41.16
N SER I 31 -16.44 -2.35 41.55
CA SER I 31 -17.54 -2.35 40.60
C SER I 31 -17.22 -1.47 39.41
N SER I 32 -16.97 -0.23 39.64
CA SER I 32 -16.49 0.64 38.59
C SER I 32 -15.47 1.60 39.16
N ALA I 33 -15.16 1.46 40.46
CA ALA I 33 -14.23 2.33 41.17
C ALA I 33 -12.82 2.00 40.74
N VAL I 34 -12.56 2.17 39.45
CA VAL I 34 -11.24 2.03 38.88
C VAL I 34 -10.90 3.37 38.27
N ALA I 35 -9.71 3.88 38.60
CA ALA I 35 -9.19 5.12 38.03
C ALA I 35 -7.91 4.84 37.27
N TRP I 36 -7.64 5.67 36.26
CA TRP I 36 -6.42 5.60 35.45
C TRP I 36 -5.62 6.88 35.59
N TYR I 37 -4.33 6.73 35.79
CA TYR I 37 -3.44 7.87 36.00
C TYR I 37 -2.31 7.87 34.98
N GLN I 38 -1.93 9.06 34.54
CA GLN I 38 -0.71 9.24 33.76
C GLN I 38 0.36 9.85 34.65
N GLN I 39 1.52 9.21 34.74
CA GLN I 39 2.67 9.77 35.47
C GLN I 39 3.85 9.94 34.52
N LYS I 40 4.10 11.20 34.15
CA LYS I 40 5.32 11.58 33.48
C LYS I 40 6.49 11.54 34.46
N PRO I 41 7.70 11.27 33.96
CA PRO I 41 8.80 10.91 34.88
C PRO I 41 9.15 12.07 35.80
N GLY I 42 9.23 11.76 37.10
CA GLY I 42 9.57 12.81 38.04
C GLY I 42 8.50 13.85 38.29
N LYS I 43 7.31 13.69 37.73
CA LYS I 43 6.17 14.53 38.04
C LYS I 43 5.14 13.74 38.84
N ALA I 44 4.12 14.45 39.33
CA ALA I 44 3.00 13.84 40.06
C ALA I 44 2.06 13.14 39.10
N PRO I 45 1.52 11.98 39.48
CA PRO I 45 0.51 11.32 38.64
C PRO I 45 -0.70 12.23 38.45
N LYS I 46 -1.30 12.14 37.28
CA LYS I 46 -2.48 12.92 36.94
C LYS I 46 -3.63 11.98 36.66
N LEU I 47 -4.80 12.30 37.20
CA LEU I 47 -5.99 11.50 36.96
C LEU I 47 -6.50 11.73 35.54
N LEU I 48 -6.73 10.62 34.81
CA LEU I 48 -7.29 10.66 33.45
C LEU I 48 -8.73 10.17 33.39
N ILE I 49 -9.00 9.00 33.96
CA ILE I 49 -10.29 8.34 33.89
C ILE I 49 -10.64 7.92 35.30
N TYR I 50 -11.86 8.21 35.72
CA TYR I 50 -12.37 7.69 36.96
C TYR I 50 -13.66 6.95 36.67
N SER I 51 -14.12 6.19 37.67
CA SER I 51 -15.32 5.36 37.56
C SER I 51 -15.28 4.49 36.31
N ALA I 52 -14.08 4.13 35.90
CA ALA I 52 -13.72 3.19 34.83
C ALA I 52 -13.97 3.73 33.42
N SER I 53 -14.82 4.73 33.28
CA SER I 53 -15.06 5.21 31.93
C SER I 53 -15.27 6.71 31.80
N SER I 54 -15.29 7.46 32.91
CA SER I 54 -15.56 8.90 32.89
C SER I 54 -14.27 9.66 32.64
N LEU I 55 -14.25 10.48 31.59
CA LEU I 55 -13.07 11.24 31.22
C LEU I 55 -12.98 12.46 32.14
N TYR I 56 -11.93 12.49 32.97
CA TYR I 56 -11.73 13.59 33.91
C TYR I 56 -11.63 14.92 33.18
N SER I 57 -12.09 15.97 33.84
CA SER I 57 -12.12 17.29 33.21
C SER I 57 -10.72 17.74 32.84
N GLY I 58 -10.57 18.20 31.60
CA GLY I 58 -9.30 18.71 31.13
C GLY I 58 -8.49 17.71 30.32
N VAL I 59 -8.79 16.42 30.43
CA VAL I 59 -8.02 15.40 29.74
C VAL I 59 -8.48 15.36 28.28
N PRO I 60 -7.55 15.25 27.32
CA PRO I 60 -7.95 15.16 25.91
C PRO I 60 -8.83 13.95 25.65
N SER I 61 -9.65 14.08 24.61
CA SER I 61 -10.65 13.06 24.26
C SER I 61 -10.02 11.80 23.69
N ARG I 62 -8.75 11.82 23.29
CA ARG I 62 -8.18 10.56 22.83
C ARG I 62 -7.95 9.56 23.96
N PHE I 63 -8.21 9.93 25.22
CA PHE I 63 -8.15 9.00 26.35
C PHE I 63 -9.54 8.52 26.71
N SER I 64 -9.70 7.22 26.92
CA SER I 64 -11.00 6.64 27.25
C SER I 64 -10.83 5.38 28.07
N GLY I 65 -11.91 4.97 28.75
CA GLY I 65 -11.88 3.77 29.57
C GLY I 65 -13.12 2.93 29.38
N SER I 66 -12.95 1.62 29.54
CA SER I 66 -14.05 0.66 29.47
C SER I 66 -13.92 -0.36 30.59
N ARG I 67 -15.05 -0.98 30.92
CA ARG I 67 -15.13 -2.07 31.89
C ARG I 67 -15.94 -3.23 31.32
N SER I 68 -15.44 -4.48 31.48
CA SER I 68 -16.15 -5.71 31.16
C SER I 68 -16.02 -6.64 32.36
N GLY I 69 -16.83 -6.40 33.38
CA GLY I 69 -16.75 -7.21 34.58
C GLY I 69 -15.62 -6.76 35.45
N THR I 70 -14.57 -7.59 35.55
CA THR I 70 -13.35 -7.24 36.27
C THR I 70 -12.21 -6.85 35.35
N ASP I 71 -12.47 -6.70 34.03
CA ASP I 71 -11.44 -6.38 33.05
C ASP I 71 -11.61 -4.92 32.59
N PHE I 72 -10.64 -4.07 32.94
CA PHE I 72 -10.66 -2.63 32.66
C PHE I 72 -9.60 -2.27 31.63
N THR I 73 -9.96 -1.39 30.69
CA THR I 73 -9.13 -1.06 29.55
C THR I 73 -9.00 0.45 29.39
N LEU I 74 -7.78 0.93 29.40
CA LEU I 74 -7.47 2.30 28.99
C LEU I 74 -7.01 2.29 27.54
N THR I 75 -7.50 3.24 26.75
CA THR I 75 -7.22 3.32 25.33
C THR I 75 -6.79 4.74 25.01
N ILE I 76 -5.65 4.89 24.33
CA ILE I 76 -5.26 6.15 23.72
C ILE I 76 -5.49 5.98 22.23
N SER I 77 -6.46 6.71 21.69
CA SER I 77 -6.91 6.45 20.33
C SER I 77 -5.90 6.96 19.30
N SER I 78 -5.21 8.04 19.60
CA SER I 78 -4.24 8.56 18.64
C SER I 78 -3.04 9.07 19.43
N LEU I 79 -2.04 8.20 19.58
CA LEU I 79 -0.92 8.46 20.46
C LEU I 79 -0.14 9.67 19.97
N GLN I 80 0.17 10.57 20.90
CA GLN I 80 0.92 11.78 20.65
C GLN I 80 2.24 11.73 21.41
N PRO I 81 3.27 12.47 20.94
CA PRO I 81 4.58 12.41 21.60
C PRO I 81 4.53 12.73 23.09
N GLU I 82 3.70 13.68 23.48
CA GLU I 82 3.57 14.05 24.88
C GLU I 82 2.89 12.98 25.71
N ASP I 83 2.34 11.93 25.11
CA ASP I 83 1.76 10.84 25.87
C ASP I 83 2.80 9.86 26.37
N PHE I 84 4.08 10.06 26.05
CA PHE I 84 5.14 9.32 26.75
C PHE I 84 4.96 9.47 28.23
N ALA I 85 4.77 8.34 28.92
CA ALA I 85 4.57 8.31 30.38
C ALA I 85 4.41 6.88 30.89
N THR I 86 4.24 6.74 32.20
CA THR I 86 3.78 5.50 32.81
C THR I 86 2.33 5.69 33.23
N TYR I 87 1.49 4.73 32.88
CA TYR I 87 0.06 4.75 33.17
C TYR I 87 -0.27 3.70 34.22
N TYR I 88 -1.14 4.06 35.16
CA TYR I 88 -1.54 3.16 36.24
C TYR I 88 -3.06 3.03 36.33
N CYS I 89 -3.51 1.80 36.53
CA CYS I 89 -4.86 1.63 37.03
C CYS I 89 -4.83 1.64 38.55
N GLN I 90 -5.96 2.00 39.13
CA GLN I 90 -6.14 1.89 40.57
C GLN I 90 -7.59 1.54 40.80
N GLN I 91 -7.85 0.71 41.82
CA GLN I 91 -9.19 0.53 42.32
C GLN I 91 -9.35 1.36 43.58
N TYR I 92 -10.47 2.07 43.69
CA TYR I 92 -10.81 2.74 44.94
C TYR I 92 -12.14 2.23 45.49
N SER I 93 -12.46 0.98 45.15
CA SER I 93 -13.63 0.34 45.75
C SER I 93 -13.48 0.23 47.26
N SER I 94 -12.32 -0.20 47.74
CA SER I 94 -12.15 -0.33 49.17
C SER I 94 -10.66 -0.28 49.51
N SER I 95 -10.37 0.16 50.72
CA SER I 95 -9.01 0.19 51.21
C SER I 95 -8.56 -1.24 51.54
N PRO I 96 -7.27 -1.53 51.35
CA PRO I 96 -6.25 -0.63 50.82
C PRO I 96 -6.48 -0.35 49.34
N TYR I 97 -6.36 0.91 48.94
CA TYR I 97 -6.45 1.23 47.53
C TYR I 97 -5.20 0.73 46.83
N THR I 98 -5.40 -0.10 45.82
CA THR I 98 -4.29 -0.81 45.20
C THR I 98 -4.14 -0.39 43.75
N PHE I 99 -2.90 -0.35 43.29
CA PHE I 99 -2.57 0.11 41.95
C PHE I 99 -2.06 -1.05 41.11
N GLY I 100 -2.21 -0.91 39.81
CA GLY I 100 -1.48 -1.76 38.91
C GLY I 100 0.01 -1.51 39.03
N GLN I 101 0.80 -2.47 38.51
CA GLN I 101 2.25 -2.34 38.54
C GLN I 101 2.76 -1.30 37.56
N GLY I 102 1.92 -0.75 36.67
CA GLY I 102 2.32 0.29 35.74
C GLY I 102 2.59 -0.22 34.33
N THR I 103 2.47 0.69 33.36
CA THR I 103 2.78 0.39 31.96
C THR I 103 3.60 1.55 31.41
N LYS I 104 4.83 1.28 30.98
CA LYS I 104 5.68 2.35 30.45
C LYS I 104 5.45 2.40 28.94
N VAL I 105 4.85 3.48 28.47
CA VAL I 105 4.58 3.69 27.07
C VAL I 105 5.71 4.51 26.46
N GLU I 106 6.43 3.92 25.51
CA GLU I 106 7.48 4.61 24.77
C GLU I 106 7.02 4.95 23.36
N ILE I 107 7.40 6.12 22.88
CA ILE I 107 7.02 6.51 21.52
C ILE I 107 8.10 6.04 20.55
N LYS I 108 7.67 5.35 19.50
CA LYS I 108 8.57 4.87 18.45
C LYS I 108 8.54 5.89 17.31
N ARG I 109 9.71 6.27 16.83
CA ARG I 109 9.83 7.30 15.83
C ARG I 109 10.96 6.89 14.90
N THR I 110 11.29 7.77 13.96
CA THR I 110 12.34 7.48 13.01
C THR I 110 13.70 7.48 13.69
N VAL I 111 14.69 6.89 13.04
CA VAL I 111 16.02 6.89 13.60
C VAL I 111 16.55 8.31 13.60
N ALA I 112 17.18 8.70 14.69
CA ALA I 112 17.86 9.98 14.78
C ALA I 112 19.27 9.69 15.27
N ALA I 113 20.27 10.03 14.44
CA ALA I 113 21.65 9.89 14.85
C ALA I 113 21.98 10.92 15.92
N PRO I 114 22.86 10.58 16.87
CA PRO I 114 23.22 11.54 17.92
C PRO I 114 24.23 12.57 17.46
N SER I 115 24.12 13.76 18.05
CA SER I 115 25.17 14.76 18.01
C SER I 115 26.09 14.59 19.22
N VAL I 116 27.39 14.49 18.98
CA VAL I 116 28.37 14.10 20.00
C VAL I 116 29.26 15.29 20.37
N PHE I 117 29.53 15.43 21.67
CA PHE I 117 30.37 16.49 22.21
C PHE I 117 31.22 15.90 23.31
N ILE I 118 32.44 16.43 23.47
CA ILE I 118 33.36 15.98 24.51
C ILE I 118 33.80 17.20 25.30
N PHE I 119 33.88 17.03 26.62
CA PHE I 119 34.17 18.13 27.55
C PHE I 119 35.38 17.70 28.38
N PRO I 120 36.49 18.41 28.33
CA PRO I 120 37.61 18.10 29.22
C PRO I 120 37.29 18.51 30.64
N PRO I 121 38.05 18.04 31.63
CA PRO I 121 37.80 18.47 33.01
C PRO I 121 38.26 19.88 33.23
N SER I 122 37.48 20.62 34.02
CA SER I 122 37.82 22.00 34.35
C SER I 122 39.13 22.07 35.13
N ASP I 123 39.87 23.16 34.93
CA ASP I 123 41.00 23.43 35.83
C ASP I 123 40.53 23.50 37.28
N GLU I 124 39.31 24.01 37.52
CA GLU I 124 38.83 24.07 38.88
C GLU I 124 38.74 22.67 39.50
N GLN I 125 38.24 21.68 38.74
CA GLN I 125 38.14 20.33 39.29
C GLN I 125 39.52 19.71 39.48
N LEU I 126 40.43 19.95 38.54
CA LEU I 126 41.75 19.35 38.62
C LEU I 126 42.38 19.62 39.97
N LYS I 127 42.26 20.87 40.44
CA LYS I 127 42.79 21.24 41.76
C LYS I 127 42.26 20.35 42.87
N SER I 128 41.03 19.88 42.75
CA SER I 128 40.47 19.06 43.82
C SER I 128 41.11 17.69 43.88
N GLY I 129 41.75 17.26 42.78
CA GLY I 129 42.46 16.00 42.74
C GLY I 129 41.88 14.94 41.84
N THR I 130 40.79 15.21 41.13
CA THR I 130 40.16 14.23 40.27
C THR I 130 39.84 14.87 38.92
N ALA I 131 39.67 14.03 37.91
CA ALA I 131 39.39 14.47 36.56
C ALA I 131 38.15 13.74 36.05
N SER I 132 37.17 14.50 35.61
CA SER I 132 35.95 13.95 35.02
C SER I 132 35.92 14.37 33.55
N VAL I 133 35.86 13.39 32.66
CA VAL I 133 35.71 13.63 31.23
C VAL I 133 34.31 13.22 30.82
N VAL I 134 33.59 14.13 30.17
CA VAL I 134 32.17 13.93 29.89
C VAL I 134 31.97 13.91 28.38
N CYS I 135 31.27 12.89 27.91
CA CYS I 135 30.82 12.80 26.54
C CYS I 135 29.30 12.89 26.49
N LEU I 136 28.78 13.67 25.55
CA LEU I 136 27.36 13.93 25.46
C LEU I 136 26.87 13.43 24.11
N LEU I 137 25.81 12.62 24.15
CA LEU I 137 25.09 12.17 22.97
C LEU I 137 23.74 12.83 22.99
N ASN I 138 23.46 13.66 22.00
CA ASN I 138 22.36 14.61 22.08
C ASN I 138 21.31 14.29 21.03
N ASN I 139 20.08 14.04 21.49
CA ASN I 139 18.87 14.01 20.66
C ASN I 139 18.93 12.95 19.57
N PHE I 140 18.99 11.69 20.00
CA PHE I 140 19.06 10.55 19.10
C PHE I 140 17.92 9.59 19.38
N TYR I 141 17.63 8.73 18.39
CA TYR I 141 16.65 7.66 18.52
C TYR I 141 17.08 6.49 17.64
N PRO I 142 16.95 5.24 18.12
CA PRO I 142 16.51 4.72 19.42
C PRO I 142 17.52 4.84 20.53
N ARG I 143 17.14 4.38 21.73
CA ARG I 143 17.94 4.57 22.94
C ARG I 143 19.22 3.75 22.94
N GLU I 144 19.24 2.61 22.26
CA GLU I 144 20.41 1.75 22.28
C GLU I 144 21.57 2.48 21.63
N ALA I 145 22.61 2.78 22.41
CA ALA I 145 23.84 3.38 21.93
C ALA I 145 24.98 2.87 22.77
N LYS I 146 26.14 2.73 22.14
CA LYS I 146 27.36 2.23 22.76
C LYS I 146 28.41 3.31 22.74
N VAL I 147 28.92 3.68 23.92
CA VAL I 147 29.95 4.71 24.06
C VAL I 147 31.20 4.05 24.64
N GLN I 148 32.33 4.22 23.97
CA GLN I 148 33.59 3.70 24.49
C GLN I 148 34.63 4.81 24.53
N TRP I 149 35.29 4.94 25.68
CA TRP I 149 36.38 5.88 25.91
C TRP I 149 37.73 5.27 25.55
N LYS I 150 38.56 6.04 24.85
CA LYS I 150 39.94 5.67 24.55
C LYS I 150 40.86 6.76 25.08
N VAL I 151 41.95 6.35 25.74
CA VAL I 151 42.95 7.27 26.32
C VAL I 151 44.30 6.90 25.72
N ASP I 152 44.75 7.68 24.73
CA ASP I 152 45.91 7.33 23.88
C ASP I 152 45.77 5.95 23.24
N ASN I 153 44.61 5.72 22.63
CA ASN I 153 44.23 4.49 21.92
C ASN I 153 43.98 3.32 22.85
N ALA I 154 44.17 3.48 24.16
CA ALA I 154 43.85 2.44 25.11
C ALA I 154 42.38 2.54 25.50
N LEU I 155 41.64 1.44 25.36
CA LEU I 155 40.25 1.45 25.78
C LEU I 155 40.13 1.33 27.29
N GLN I 156 39.18 2.09 27.83
CA GLN I 156 38.92 2.15 29.24
C GLN I 156 37.82 1.17 29.59
N SER I 157 37.94 0.56 30.76
CA SER I 157 36.86 -0.24 31.32
C SER I 157 36.73 0.05 32.79
N GLY I 158 35.49 0.06 33.28
CA GLY I 158 35.22 0.11 34.70
C GLY I 158 35.40 1.45 35.36
N ASN I 159 35.61 2.51 34.58
CA ASN I 159 35.89 3.84 35.07
C ASN I 159 34.95 4.86 34.45
N SER I 160 33.77 4.40 34.02
CA SER I 160 32.79 5.27 33.39
C SER I 160 31.37 4.82 33.77
N GLN I 161 30.47 5.79 33.88
CA GLN I 161 29.05 5.55 34.07
C GLN I 161 28.26 6.32 33.02
N GLU I 162 27.09 5.80 32.67
CA GLU I 162 26.21 6.49 31.74
C GLU I 162 24.94 6.93 32.47
N SER I 163 24.32 7.97 31.95
CA SER I 163 23.01 8.43 32.41
C SER I 163 22.25 8.84 31.16
N VAL I 164 21.00 8.44 31.06
CA VAL I 164 20.21 8.71 29.86
C VAL I 164 18.98 9.52 30.25
N THR I 165 18.60 10.46 29.39
CA THR I 165 17.42 11.24 29.70
C THR I 165 16.18 10.39 29.44
N GLU I 166 15.05 10.87 29.94
CA GLU I 166 13.76 10.32 29.56
C GLU I 166 13.39 10.85 28.18
N GLN I 167 12.58 10.07 27.46
CA GLN I 167 12.20 10.42 26.11
C GLN I 167 11.61 11.81 26.05
N ASP I 168 12.06 12.61 25.08
CA ASP I 168 11.57 13.98 24.96
C ASP I 168 10.08 13.99 24.67
N SER I 169 9.37 14.93 25.29
CA SER I 169 7.93 15.05 25.11
C SER I 169 7.53 15.68 23.78
N LYS I 170 8.47 16.22 23.02
CA LYS I 170 8.16 16.85 21.74
C LYS I 170 8.73 16.10 20.55
N ASP I 171 10.00 15.69 20.58
CA ASP I 171 10.59 15.00 19.45
C ASP I 171 10.94 13.54 19.74
N SER I 172 10.56 13.03 20.92
CA SER I 172 10.68 11.62 21.24
C SER I 172 12.12 11.09 21.21
N THR I 173 13.12 11.96 21.30
CA THR I 173 14.50 11.51 21.31
C THR I 173 14.99 11.37 22.75
N TYR I 174 16.17 10.76 22.87
CA TYR I 174 16.92 10.58 24.11
C TYR I 174 18.21 11.37 24.03
N SER I 175 18.80 11.59 25.18
CA SER I 175 20.13 12.16 25.28
C SER I 175 20.90 11.38 26.32
N LEU I 176 22.19 11.26 26.08
CA LEU I 176 23.01 10.39 26.92
C LEU I 176 24.31 11.08 27.28
N SER I 177 24.73 10.87 28.51
CA SER I 177 25.98 11.41 29.01
C SER I 177 26.85 10.26 29.51
N SER I 178 28.11 10.25 29.08
CA SER I 178 29.08 9.31 29.58
C SER I 178 30.16 10.09 30.34
N THR I 179 30.48 9.65 31.55
CA THR I 179 31.46 10.35 32.40
C THR I 179 32.61 9.41 32.75
N LEU I 180 33.80 9.75 32.25
CA LEU I 180 35.04 9.04 32.55
C LEU I 180 35.71 9.71 33.76
N THR I 181 36.05 8.90 34.77
CA THR I 181 36.70 9.41 35.98
C THR I 181 38.13 8.86 36.12
N LEU I 182 39.11 9.76 36.14
CA LEU I 182 40.51 9.41 36.35
C LEU I 182 41.04 10.18 37.56
N SER I 183 42.16 9.72 38.10
CA SER I 183 42.89 10.54 39.05
C SER I 183 43.58 11.69 38.31
N LYS I 184 43.77 12.81 39.00
CA LYS I 184 44.58 13.87 38.41
C LYS I 184 45.88 13.28 37.91
N ALA I 185 46.49 12.43 38.72
CA ALA I 185 47.73 11.76 38.32
C ALA I 185 47.56 11.06 36.98
N ASP I 186 46.58 10.16 36.89
CA ASP I 186 46.37 9.43 35.63
C ASP I 186 46.00 10.38 34.50
N TYR I 187 45.16 11.37 34.77
CA TYR I 187 44.72 12.27 33.70
C TYR I 187 45.91 12.98 33.06
N GLU I 188 46.91 13.33 33.86
CA GLU I 188 48.09 14.03 33.39
C GLU I 188 49.15 13.11 32.79
N LYS I 189 48.91 11.80 32.72
CA LYS I 189 49.84 10.88 32.08
C LYS I 189 49.61 10.72 30.59
N HIS I 190 48.44 11.11 30.07
CA HIS I 190 48.10 10.83 28.69
C HIS I 190 47.64 12.09 27.99
N LYS I 191 47.64 12.06 26.64
CA LYS I 191 47.37 13.25 25.84
C LYS I 191 46.01 13.21 25.15
N VAL I 192 45.69 12.13 24.47
CA VAL I 192 44.49 12.04 23.64
C VAL I 192 43.37 11.38 24.43
N TYR I 193 42.27 12.10 24.55
CA TYR I 193 41.05 11.60 25.17
C TYR I 193 39.98 11.55 24.08
N ALA I 194 39.40 10.38 23.87
CA ALA I 194 38.48 10.18 22.76
C ALA I 194 37.22 9.47 23.23
N CYS I 195 36.09 9.93 22.71
CA CYS I 195 34.77 9.35 22.91
C CYS I 195 34.34 8.77 21.56
N GLU I 196 34.05 7.47 21.52
CA GLU I 196 33.69 6.81 20.26
C GLU I 196 32.25 6.30 20.39
N VAL I 197 31.35 6.88 19.59
CA VAL I 197 29.91 6.63 19.69
C VAL I 197 29.49 5.73 18.54
N THR I 198 28.80 4.65 18.88
CA THR I 198 28.15 3.82 17.88
C THR I 198 26.66 3.81 18.12
N HIS I 199 25.91 3.99 17.04
CA HIS I 199 24.46 4.09 17.12
C HIS I 199 23.89 3.79 15.74
N GLN I 200 22.60 3.42 15.72
CA GLN I 200 21.99 2.94 14.48
C GLN I 200 21.98 4.00 13.38
N GLY I 201 21.73 5.26 13.73
CA GLY I 201 21.69 6.30 12.71
C GLY I 201 23.03 6.82 12.27
N LEU I 202 24.10 6.19 12.73
CA LEU I 202 25.46 6.52 12.32
C LEU I 202 25.94 5.37 11.44
N SER I 203 26.29 5.70 10.21
CA SER I 203 26.79 4.69 9.29
C SER I 203 28.05 4.03 9.84
N SER I 204 28.99 4.84 10.31
CA SER I 204 30.20 4.39 10.97
C SER I 204 30.35 5.11 12.31
N PRO I 205 31.06 4.51 13.26
CA PRO I 205 31.16 5.13 14.58
C PRO I 205 31.82 6.50 14.52
N VAL I 206 31.33 7.42 15.34
CA VAL I 206 31.83 8.78 15.41
C VAL I 206 32.74 8.92 16.62
N THR I 207 33.86 9.62 16.44
CA THR I 207 34.81 9.88 17.51
C THR I 207 34.89 11.38 17.71
N LYS I 208 34.76 11.81 18.97
CA LYS I 208 35.08 13.16 19.39
C LYS I 208 36.22 13.08 20.40
N SER I 209 37.16 14.01 20.30
CA SER I 209 38.38 13.91 21.09
C SER I 209 38.94 15.29 21.37
N PHE I 210 39.83 15.33 22.36
CA PHE I 210 40.62 16.51 22.64
C PHE I 210 42.02 16.08 23.08
N ASN I 211 42.97 16.97 22.89
CA ASN I 211 44.31 16.82 23.45
C ASN I 211 44.38 17.60 24.77
N ARG I 212 44.81 16.94 25.83
CA ARG I 212 44.90 17.59 27.11
C ARG I 212 45.72 18.86 26.98
N GLY I 213 45.15 19.98 27.45
CA GLY I 213 45.68 21.33 27.29
C GLY I 213 45.34 21.98 25.96
N GLU I 214 44.09 22.40 25.76
CA GLU I 214 43.69 23.18 24.60
C GLU I 214 42.92 24.41 25.07
N CYS I 215 43.63 25.54 25.18
CA CYS I 215 43.01 26.82 25.56
C CYS I 215 41.84 27.18 24.65
#